data_5VAR
# 
_entry.id   5VAR 
# 
_audit_conform.dict_name       mmcif_pdbx.dic 
_audit_conform.dict_version    5.379 
_audit_conform.dict_location   http://mmcif.pdb.org/dictionaries/ascii/mmcif_pdbx.dic 
# 
loop_
_database_2.database_id 
_database_2.database_code 
_database_2.pdbx_database_accession 
_database_2.pdbx_DOI 
PDB   5VAR         pdb_00005var 10.2210/pdb5var/pdb 
WWPDB D_1000227137 ?            ?                   
# 
_pdbx_database_status.status_code                     REL 
_pdbx_database_status.status_code_sf                  REL 
_pdbx_database_status.status_code_mr                  ? 
_pdbx_database_status.entry_id                        5VAR 
_pdbx_database_status.recvd_initial_deposition_date   2017-03-27 
_pdbx_database_status.SG_entry                        N 
_pdbx_database_status.deposit_site                    RCSB 
_pdbx_database_status.process_site                    RCSB 
_pdbx_database_status.status_code_cs                  ? 
_pdbx_database_status.methods_development_category    ? 
_pdbx_database_status.pdb_format_compatible           Y 
_pdbx_database_status.status_code_nmr_data            ? 
# 
loop_
_audit_author.name 
_audit_author.pdbx_ordinal 
_audit_author.identifier_ORCID 
'Judge, R.A.'    1 ? 
'Upadhyay, A.K.' 2 ? 
# 
_citation.abstract                  ? 
_citation.abstract_id_CAS           ? 
_citation.book_id_ISBN              ? 
_citation.book_publisher            ? 
_citation.book_publisher_city       ? 
_citation.book_title                ? 
_citation.coordinate_linkage        ? 
_citation.country                   UK 
_citation.database_id_Medline       ? 
_citation.details                   ? 
_citation.id                        primary 
_citation.journal_abbrev            'Bioorg. Med. Chem. Lett.' 
_citation.journal_id_ASTM           BMCLE8 
_citation.journal_id_CSD            1127 
_citation.journal_id_ISSN           1464-3405 
_citation.journal_full              ? 
_citation.journal_issue             ? 
_citation.journal_volume            28 
_citation.language                  ? 
_citation.page_first                1708 
_citation.page_last                 1713 
_citation.title                     
'Targeting lysine specific demethylase 4A (KDM4A) tandem TUDOR domain - A fragment based approach.' 
_citation.year                      2018 
_citation.database_id_CSD           ? 
_citation.pdbx_database_id_DOI      10.1016/j.bmcl.2018.04.050 
_citation.pdbx_database_id_PubMed   29691138 
_citation.unpublished_flag          ? 
# 
loop_
_citation_author.citation_id 
_citation_author.name 
_citation_author.ordinal 
_citation_author.identifier_ORCID 
primary 'Upadhyay, A.K.' 1  ? 
primary 'Judge, R.A.'    2  ? 
primary 'Li, L.'         3  ? 
primary 'Pithawalla, R.' 4  ? 
primary 'Simanis, J.'    5  ? 
primary 'Bodelle, P.M.'  6  ? 
primary 'Marin, V.L.'    7  ? 
primary 'Henry, R.F.'    8  ? 
primary 'Petros, A.M.'   9  ? 
primary 'Sun, C.'        10 ? 
# 
_cell.angle_alpha                  90.000 
_cell.angle_alpha_esd              ? 
_cell.angle_beta                   101.610 
_cell.angle_beta_esd               ? 
_cell.angle_gamma                  90.000 
_cell.angle_gamma_esd              ? 
_cell.entry_id                     5VAR 
_cell.details                      ? 
_cell.formula_units_Z              ? 
_cell.length_a                     33.270 
_cell.length_a_esd                 ? 
_cell.length_b                     39.840 
_cell.length_b_esd                 ? 
_cell.length_c                     44.300 
_cell.length_c_esd                 ? 
_cell.volume                       ? 
_cell.volume_esd                   ? 
_cell.Z_PDB                        2 
_cell.reciprocal_angle_alpha       ? 
_cell.reciprocal_angle_beta        ? 
_cell.reciprocal_angle_gamma       ? 
_cell.reciprocal_angle_alpha_esd   ? 
_cell.reciprocal_angle_beta_esd    ? 
_cell.reciprocal_angle_gamma_esd   ? 
_cell.reciprocal_length_a          ? 
_cell.reciprocal_length_b          ? 
_cell.reciprocal_length_c          ? 
_cell.reciprocal_length_a_esd      ? 
_cell.reciprocal_length_b_esd      ? 
_cell.reciprocal_length_c_esd      ? 
_cell.pdbx_unique_axis             ? 
# 
_symmetry.entry_id                         5VAR 
_symmetry.cell_setting                     ? 
_symmetry.Int_Tables_number                4 
_symmetry.space_group_name_Hall            ? 
_symmetry.space_group_name_H-M             'P 1 21 1' 
_symmetry.pdbx_full_space_group_name_H-M   ? 
# 
loop_
_entity.id 
_entity.type 
_entity.src_method 
_entity.pdbx_description 
_entity.formula_weight 
_entity.pdbx_number_of_molecules 
_entity.pdbx_ec 
_entity.pdbx_mutation 
_entity.pdbx_fragment 
_entity.details 
1 polymer     man 'Lysine-specific demethylase 4A'                                            13542.895 1  1.14.11.- ? ? ? 
2 non-polymer syn '(1R,2S,3R,4S)-3-[(dimethylamino)methyl]-1-phenylbicyclo[2.2.1]heptan-2-ol' 245.360   1  ?         ? ? ? 
3 water       nat water                                                                       18.015    74 ?         ? ? ? 
# 
_entity_name_com.entity_id   1 
_entity_name_com.name        'JmjC domain-containing histone demethylation protein 3A,Jumonji domain-containing protein 2A' 
# 
_entity_poly.entity_id                      1 
_entity_poly.type                           'polypeptide(L)' 
_entity_poly.nstd_linkage                   no 
_entity_poly.nstd_monomer                   no 
_entity_poly.pdbx_seq_one_letter_code       
;GSHMQSITAGQKVISKHKNGRFYQCEVVRLTTETFYEVNFDDGSFSDNLYPEDIVSQDCLQFGPPAEGEVVQVRWTDGQV
YGAKFVASHPIQMYQVEFEDGSQLVVKRDDVYTLDEELP
;
_entity_poly.pdbx_seq_one_letter_code_can   
;GSHMQSITAGQKVISKHKNGRFYQCEVVRLTTETFYEVNFDDGSFSDNLYPEDIVSQDCLQFGPPAEGEVVQVRWTDGQV
YGAKFVASHPIQMYQVEFEDGSQLVVKRDDVYTLDEELP
;
_entity_poly.pdbx_strand_id                 A 
_entity_poly.pdbx_target_identifier         ? 
# 
loop_
_entity_poly_seq.entity_id 
_entity_poly_seq.num 
_entity_poly_seq.mon_id 
_entity_poly_seq.hetero 
1 1   GLY n 
1 2   SER n 
1 3   HIS n 
1 4   MET n 
1 5   GLN n 
1 6   SER n 
1 7   ILE n 
1 8   THR n 
1 9   ALA n 
1 10  GLY n 
1 11  GLN n 
1 12  LYS n 
1 13  VAL n 
1 14  ILE n 
1 15  SER n 
1 16  LYS n 
1 17  HIS n 
1 18  LYS n 
1 19  ASN n 
1 20  GLY n 
1 21  ARG n 
1 22  PHE n 
1 23  TYR n 
1 24  GLN n 
1 25  CYS n 
1 26  GLU n 
1 27  VAL n 
1 28  VAL n 
1 29  ARG n 
1 30  LEU n 
1 31  THR n 
1 32  THR n 
1 33  GLU n 
1 34  THR n 
1 35  PHE n 
1 36  TYR n 
1 37  GLU n 
1 38  VAL n 
1 39  ASN n 
1 40  PHE n 
1 41  ASP n 
1 42  ASP n 
1 43  GLY n 
1 44  SER n 
1 45  PHE n 
1 46  SER n 
1 47  ASP n 
1 48  ASN n 
1 49  LEU n 
1 50  TYR n 
1 51  PRO n 
1 52  GLU n 
1 53  ASP n 
1 54  ILE n 
1 55  VAL n 
1 56  SER n 
1 57  GLN n 
1 58  ASP n 
1 59  CYS n 
1 60  LEU n 
1 61  GLN n 
1 62  PHE n 
1 63  GLY n 
1 64  PRO n 
1 65  PRO n 
1 66  ALA n 
1 67  GLU n 
1 68  GLY n 
1 69  GLU n 
1 70  VAL n 
1 71  VAL n 
1 72  GLN n 
1 73  VAL n 
1 74  ARG n 
1 75  TRP n 
1 76  THR n 
1 77  ASP n 
1 78  GLY n 
1 79  GLN n 
1 80  VAL n 
1 81  TYR n 
1 82  GLY n 
1 83  ALA n 
1 84  LYS n 
1 85  PHE n 
1 86  VAL n 
1 87  ALA n 
1 88  SER n 
1 89  HIS n 
1 90  PRO n 
1 91  ILE n 
1 92  GLN n 
1 93  MET n 
1 94  TYR n 
1 95  GLN n 
1 96  VAL n 
1 97  GLU n 
1 98  PHE n 
1 99  GLU n 
1 100 ASP n 
1 101 GLY n 
1 102 SER n 
1 103 GLN n 
1 104 LEU n 
1 105 VAL n 
1 106 VAL n 
1 107 LYS n 
1 108 ARG n 
1 109 ASP n 
1 110 ASP n 
1 111 VAL n 
1 112 TYR n 
1 113 THR n 
1 114 LEU n 
1 115 ASP n 
1 116 GLU n 
1 117 GLU n 
1 118 LEU n 
1 119 PRO n 
# 
_entity_src_gen.entity_id                          1 
_entity_src_gen.pdbx_src_id                        1 
_entity_src_gen.pdbx_alt_source_flag               sample 
_entity_src_gen.pdbx_seq_type                      'Biological sequence' 
_entity_src_gen.pdbx_beg_seq_num                   1 
_entity_src_gen.pdbx_end_seq_num                   119 
_entity_src_gen.gene_src_common_name               Human 
_entity_src_gen.gene_src_genus                     ? 
_entity_src_gen.pdbx_gene_src_gene                 'KDM4A, JHDM3A, JMJD2, JMJD2A, KIAA0677' 
_entity_src_gen.gene_src_species                   ? 
_entity_src_gen.gene_src_strain                    ? 
_entity_src_gen.gene_src_tissue                    ? 
_entity_src_gen.gene_src_tissue_fraction           ? 
_entity_src_gen.gene_src_details                   ? 
_entity_src_gen.pdbx_gene_src_fragment             ? 
_entity_src_gen.pdbx_gene_src_scientific_name      'Homo sapiens' 
_entity_src_gen.pdbx_gene_src_ncbi_taxonomy_id     9606 
_entity_src_gen.pdbx_gene_src_variant              ? 
_entity_src_gen.pdbx_gene_src_cell_line            ? 
_entity_src_gen.pdbx_gene_src_atcc                 ? 
_entity_src_gen.pdbx_gene_src_organ                ? 
_entity_src_gen.pdbx_gene_src_organelle            ? 
_entity_src_gen.pdbx_gene_src_cell                 ? 
_entity_src_gen.pdbx_gene_src_cellular_location    ? 
_entity_src_gen.host_org_common_name               ? 
_entity_src_gen.pdbx_host_org_scientific_name      'Escherichia coli' 
_entity_src_gen.pdbx_host_org_ncbi_taxonomy_id     562 
_entity_src_gen.host_org_genus                     ? 
_entity_src_gen.pdbx_host_org_gene                 ? 
_entity_src_gen.pdbx_host_org_organ                ? 
_entity_src_gen.host_org_species                   ? 
_entity_src_gen.pdbx_host_org_tissue               ? 
_entity_src_gen.pdbx_host_org_tissue_fraction      ? 
_entity_src_gen.pdbx_host_org_strain               ? 
_entity_src_gen.pdbx_host_org_variant              ? 
_entity_src_gen.pdbx_host_org_cell_line            ? 
_entity_src_gen.pdbx_host_org_atcc                 ? 
_entity_src_gen.pdbx_host_org_culture_collection   ? 
_entity_src_gen.pdbx_host_org_cell                 ? 
_entity_src_gen.pdbx_host_org_organelle            ? 
_entity_src_gen.pdbx_host_org_cellular_location    ? 
_entity_src_gen.pdbx_host_org_vector_type          ? 
_entity_src_gen.pdbx_host_org_vector               ? 
_entity_src_gen.host_org_details                   ? 
_entity_src_gen.expression_system_id               ? 
_entity_src_gen.plasmid_name                       ? 
_entity_src_gen.plasmid_details                    ? 
_entity_src_gen.pdbx_description                   ? 
# 
_struct_ref.id                         1 
_struct_ref.db_name                    UNP 
_struct_ref.db_code                    KDM4A_HUMAN 
_struct_ref.pdbx_db_accession          O75164 
_struct_ref.pdbx_db_isoform            ? 
_struct_ref.entity_id                  1 
_struct_ref.pdbx_seq_one_letter_code   
;QSITAGQKVISKHKNGRFYQCEVVRLTTETFYEVNFDDGSFSDNLYPEDIVSQDCLQFGPPAEGEVVQVRWTDGQVYGAK
FVASHPIQMYQVEFEDGSQLVVKRDDVYTLDEELP
;
_struct_ref.pdbx_align_begin           897 
# 
_struct_ref_seq.align_id                      1 
_struct_ref_seq.ref_id                        1 
_struct_ref_seq.pdbx_PDB_id_code              5VAR 
_struct_ref_seq.pdbx_strand_id                A 
_struct_ref_seq.seq_align_beg                 5 
_struct_ref_seq.pdbx_seq_align_beg_ins_code   ? 
_struct_ref_seq.seq_align_end                 119 
_struct_ref_seq.pdbx_seq_align_end_ins_code   ? 
_struct_ref_seq.pdbx_db_accession             O75164 
_struct_ref_seq.db_align_beg                  897 
_struct_ref_seq.pdbx_db_align_beg_ins_code    ? 
_struct_ref_seq.db_align_end                  1011 
_struct_ref_seq.pdbx_db_align_end_ins_code    ? 
_struct_ref_seq.pdbx_auth_seq_align_beg       897 
_struct_ref_seq.pdbx_auth_seq_align_end       1011 
# 
loop_
_struct_ref_seq_dif.align_id 
_struct_ref_seq_dif.pdbx_pdb_id_code 
_struct_ref_seq_dif.mon_id 
_struct_ref_seq_dif.pdbx_pdb_strand_id 
_struct_ref_seq_dif.seq_num 
_struct_ref_seq_dif.pdbx_pdb_ins_code 
_struct_ref_seq_dif.pdbx_seq_db_name 
_struct_ref_seq_dif.pdbx_seq_db_accession_code 
_struct_ref_seq_dif.db_mon_id 
_struct_ref_seq_dif.pdbx_seq_db_seq_num 
_struct_ref_seq_dif.details 
_struct_ref_seq_dif.pdbx_auth_seq_num 
_struct_ref_seq_dif.pdbx_ordinal 
1 5VAR GLY A 1 ? UNP O75164 ? ? 'expression tag' 893 1 
1 5VAR SER A 2 ? UNP O75164 ? ? 'expression tag' 894 2 
1 5VAR HIS A 3 ? UNP O75164 ? ? 'expression tag' 895 3 
1 5VAR MET A 4 ? UNP O75164 ? ? 'expression tag' 896 4 
# 
loop_
_chem_comp.id 
_chem_comp.type 
_chem_comp.mon_nstd_flag 
_chem_comp.name 
_chem_comp.pdbx_synonyms 
_chem_comp.formula 
_chem_comp.formula_weight 
92Y non-polymer         . '(1R,2S,3R,4S)-3-[(dimethylamino)methyl]-1-phenylbicyclo[2.2.1]heptan-2-ol' ? 'C16 H23 N O'    245.360 
ALA 'L-peptide linking' y ALANINE                                                                     ? 'C3 H7 N O2'     89.093  
ARG 'L-peptide linking' y ARGININE                                                                    ? 'C6 H15 N4 O2 1' 175.209 
ASN 'L-peptide linking' y ASPARAGINE                                                                  ? 'C4 H8 N2 O3'    132.118 
ASP 'L-peptide linking' y 'ASPARTIC ACID'                                                             ? 'C4 H7 N O4'     133.103 
CYS 'L-peptide linking' y CYSTEINE                                                                    ? 'C3 H7 N O2 S'   121.158 
GLN 'L-peptide linking' y GLUTAMINE                                                                   ? 'C5 H10 N2 O3'   146.144 
GLU 'L-peptide linking' y 'GLUTAMIC ACID'                                                             ? 'C5 H9 N O4'     147.129 
GLY 'peptide linking'   y GLYCINE                                                                     ? 'C2 H5 N O2'     75.067  
HIS 'L-peptide linking' y HISTIDINE                                                                   ? 'C6 H10 N3 O2 1' 156.162 
HOH non-polymer         . WATER                                                                       ? 'H2 O'           18.015  
ILE 'L-peptide linking' y ISOLEUCINE                                                                  ? 'C6 H13 N O2'    131.173 
LEU 'L-peptide linking' y LEUCINE                                                                     ? 'C6 H13 N O2'    131.173 
LYS 'L-peptide linking' y LYSINE                                                                      ? 'C6 H15 N2 O2 1' 147.195 
MET 'L-peptide linking' y METHIONINE                                                                  ? 'C5 H11 N O2 S'  149.211 
PHE 'L-peptide linking' y PHENYLALANINE                                                               ? 'C9 H11 N O2'    165.189 
PRO 'L-peptide linking' y PROLINE                                                                     ? 'C5 H9 N O2'     115.130 
SER 'L-peptide linking' y SERINE                                                                      ? 'C3 H7 N O3'     105.093 
THR 'L-peptide linking' y THREONINE                                                                   ? 'C4 H9 N O3'     119.119 
TRP 'L-peptide linking' y TRYPTOPHAN                                                                  ? 'C11 H12 N2 O2'  204.225 
TYR 'L-peptide linking' y TYROSINE                                                                    ? 'C9 H11 N O3'    181.189 
VAL 'L-peptide linking' y VALINE                                                                      ? 'C5 H11 N O2'    117.146 
# 
_exptl.absorpt_coefficient_mu     ? 
_exptl.absorpt_correction_T_max   ? 
_exptl.absorpt_correction_T_min   ? 
_exptl.absorpt_correction_type    ? 
_exptl.absorpt_process_details    ? 
_exptl.entry_id                   5VAR 
_exptl.crystals_number            1 
_exptl.details                    ? 
_exptl.method                     'X-RAY DIFFRACTION' 
_exptl.method_details             ? 
# 
_exptl_crystal.colour                      ? 
_exptl_crystal.density_diffrn              ? 
_exptl_crystal.density_Matthews            2.12 
_exptl_crystal.density_method              ? 
_exptl_crystal.density_percent_sol         42.08 
_exptl_crystal.description                 ? 
_exptl_crystal.F_000                       ? 
_exptl_crystal.id                          1 
_exptl_crystal.preparation                 ? 
_exptl_crystal.size_max                    ? 
_exptl_crystal.size_mid                    ? 
_exptl_crystal.size_min                    ? 
_exptl_crystal.size_rad                    ? 
_exptl_crystal.colour_lustre               ? 
_exptl_crystal.colour_modifier             ? 
_exptl_crystal.colour_primary              ? 
_exptl_crystal.density_meas                ? 
_exptl_crystal.density_meas_esd            ? 
_exptl_crystal.density_meas_gt             ? 
_exptl_crystal.density_meas_lt             ? 
_exptl_crystal.density_meas_temp           ? 
_exptl_crystal.density_meas_temp_esd       ? 
_exptl_crystal.density_meas_temp_gt        ? 
_exptl_crystal.density_meas_temp_lt        ? 
_exptl_crystal.pdbx_crystal_image_url      ? 
_exptl_crystal.pdbx_crystal_image_format   ? 
_exptl_crystal.pdbx_mosaicity              ? 
_exptl_crystal.pdbx_mosaicity_esd          ? 
# 
_exptl_crystal_grow.apparatus       ? 
_exptl_crystal_grow.atmosphere      ? 
_exptl_crystal_grow.crystal_id      1 
_exptl_crystal_grow.details         ? 
_exptl_crystal_grow.method          'VAPOR DIFFUSION, SITTING DROP' 
_exptl_crystal_grow.method_ref      ? 
_exptl_crystal_grow.pH              6.5 
_exptl_crystal_grow.pressure        ? 
_exptl_crystal_grow.pressure_esd    ? 
_exptl_crystal_grow.seeding         ? 
_exptl_crystal_grow.seeding_ref     ? 
_exptl_crystal_grow.temp            290 
_exptl_crystal_grow.temp_details    ? 
_exptl_crystal_grow.temp_esd        ? 
_exptl_crystal_grow.time            ? 
_exptl_crystal_grow.pdbx_details    '18%(w/v) PEG 8000, 0.2M calcium acetate, 0.1M sodium cacodylate pH 6.5' 
_exptl_crystal_grow.pdbx_pH_range   ? 
# 
_diffrn.ambient_environment    ? 
_diffrn.ambient_temp           100 
_diffrn.ambient_temp_details   ? 
_diffrn.ambient_temp_esd       ? 
_diffrn.crystal_id             1 
_diffrn.crystal_support        ? 
_diffrn.crystal_treatment      ? 
_diffrn.details                ? 
_diffrn.id                     1 
_diffrn.ambient_pressure       ? 
_diffrn.ambient_pressure_esd   ? 
_diffrn.ambient_pressure_gt    ? 
_diffrn.ambient_pressure_lt    ? 
_diffrn.ambient_temp_gt        ? 
_diffrn.ambient_temp_lt        ? 
# 
_diffrn_detector.details                      ? 
_diffrn_detector.detector                     PIXEL 
_diffrn_detector.diffrn_id                    1 
_diffrn_detector.type                         'DECTRIS PILATUS3 6M' 
_diffrn_detector.area_resol_mean              ? 
_diffrn_detector.dtime                        ? 
_diffrn_detector.pdbx_frames_total            ? 
_diffrn_detector.pdbx_collection_time_total   ? 
_diffrn_detector.pdbx_collection_date         2015-10-21 
# 
_diffrn_radiation.collimation                      ? 
_diffrn_radiation.diffrn_id                        1 
_diffrn_radiation.filter_edge                      ? 
_diffrn_radiation.inhomogeneity                    ? 
_diffrn_radiation.monochromator                    ? 
_diffrn_radiation.polarisn_norm                    ? 
_diffrn_radiation.polarisn_ratio                   ? 
_diffrn_radiation.probe                            ? 
_diffrn_radiation.type                             ? 
_diffrn_radiation.xray_symbol                      ? 
_diffrn_radiation.wavelength_id                    1 
_diffrn_radiation.pdbx_monochromatic_or_laue_m_l   M 
_diffrn_radiation.pdbx_wavelength_list             ? 
_diffrn_radiation.pdbx_wavelength                  ? 
_diffrn_radiation.pdbx_diffrn_protocol             'SINGLE WAVELENGTH' 
_diffrn_radiation.pdbx_analyzer                    ? 
_diffrn_radiation.pdbx_scattering_type             x-ray 
# 
_diffrn_radiation_wavelength.id           1 
_diffrn_radiation_wavelength.wavelength   1.000 
_diffrn_radiation_wavelength.wt           1.0 
# 
_diffrn_source.current                     ? 
_diffrn_source.details                     ? 
_diffrn_source.diffrn_id                   1 
_diffrn_source.power                       ? 
_diffrn_source.size                        ? 
_diffrn_source.source                      SYNCHROTRON 
_diffrn_source.target                      ? 
_diffrn_source.type                        'APS BEAMLINE 17-ID' 
_diffrn_source.voltage                     ? 
_diffrn_source.take-off_angle              ? 
_diffrn_source.pdbx_wavelength_list        1.000 
_diffrn_source.pdbx_wavelength             ? 
_diffrn_source.pdbx_synchrotron_beamline   17-ID 
_diffrn_source.pdbx_synchrotron_site       APS 
# 
_reflns.B_iso_Wilson_estimate            23.670 
_reflns.entry_id                         5VAR 
_reflns.data_reduction_details           ? 
_reflns.data_reduction_method            ? 
_reflns.d_resolution_high                1.830 
_reflns.d_resolution_low                 39.840 
_reflns.details                          ? 
_reflns.limit_h_max                      ? 
_reflns.limit_h_min                      ? 
_reflns.limit_k_max                      ? 
_reflns.limit_k_min                      ? 
_reflns.limit_l_max                      ? 
_reflns.limit_l_min                      ? 
_reflns.number_all                       ? 
_reflns.number_obs                       9890 
_reflns.observed_criterion               ? 
_reflns.observed_criterion_F_max         ? 
_reflns.observed_criterion_F_min         ? 
_reflns.observed_criterion_I_max         ? 
_reflns.observed_criterion_I_min         ? 
_reflns.observed_criterion_sigma_F       ? 
_reflns.observed_criterion_sigma_I       ? 
_reflns.percent_possible_obs             97.200 
_reflns.R_free_details                   ? 
_reflns.Rmerge_F_all                     ? 
_reflns.Rmerge_F_obs                     ? 
_reflns.Friedel_coverage                 ? 
_reflns.number_gt                        ? 
_reflns.threshold_expression             ? 
_reflns.pdbx_redundancy                  3.900 
_reflns.pdbx_Rmerge_I_obs                0.086 
_reflns.pdbx_Rmerge_I_all                ? 
_reflns.pdbx_Rsym_value                  ? 
_reflns.pdbx_netI_over_av_sigmaI         ? 
_reflns.pdbx_netI_over_sigmaI            10.700 
_reflns.pdbx_res_netI_over_av_sigmaI_2   ? 
_reflns.pdbx_res_netI_over_sigmaI_2      ? 
_reflns.pdbx_chi_squared                 ? 
_reflns.pdbx_scaling_rejects             0 
_reflns.pdbx_d_res_high_opt              ? 
_reflns.pdbx_d_res_low_opt               ? 
_reflns.pdbx_d_res_opt_method            ? 
_reflns.phase_calculation_details        ? 
_reflns.pdbx_Rrim_I_all                  0.099 
_reflns.pdbx_Rpim_I_all                  0.049 
_reflns.pdbx_d_opt                       ? 
_reflns.pdbx_number_measured_all         38231 
_reflns.pdbx_diffrn_id                   1 
_reflns.pdbx_ordinal                     1 
_reflns.pdbx_CC_half                     0.997 
_reflns.pdbx_R_split                     ? 
# 
loop_
_reflns_shell.d_res_high 
_reflns_shell.d_res_low 
_reflns_shell.meanI_over_sigI_all 
_reflns_shell.meanI_over_sigI_obs 
_reflns_shell.number_measured_all 
_reflns_shell.number_measured_obs 
_reflns_shell.number_possible 
_reflns_shell.number_unique_all 
_reflns_shell.number_unique_obs 
_reflns_shell.percent_possible_all 
_reflns_shell.percent_possible_obs 
_reflns_shell.Rmerge_F_all 
_reflns_shell.Rmerge_F_obs 
_reflns_shell.Rmerge_I_all 
_reflns_shell.Rmerge_I_obs 
_reflns_shell.meanI_over_sigI_gt 
_reflns_shell.meanI_over_uI_all 
_reflns_shell.meanI_over_uI_gt 
_reflns_shell.number_measured_gt 
_reflns_shell.number_unique_gt 
_reflns_shell.percent_possible_gt 
_reflns_shell.Rmerge_F_gt 
_reflns_shell.Rmerge_I_gt 
_reflns_shell.pdbx_redundancy 
_reflns_shell.pdbx_Rsym_value 
_reflns_shell.pdbx_chi_squared 
_reflns_shell.pdbx_netI_over_sigmaI_all 
_reflns_shell.pdbx_netI_over_sigmaI_obs 
_reflns_shell.pdbx_Rrim_I_all 
_reflns_shell.pdbx_Rpim_I_all 
_reflns_shell.pdbx_rejects 
_reflns_shell.pdbx_ordinal 
_reflns_shell.pdbx_diffrn_id 
_reflns_shell.pdbx_CC_half 
_reflns_shell.pdbx_R_split 
1.830 1.930  ? ? ? ? ? ? ? 95.200 ? ? ? ? 0.654 ? ? ? ? ? ? ? ? 3.700 ? ? ? ? 0.763 0.386 ? 1 1 0.731 ? 
5.780 39.840 ? ? ? ? ? ? ? 98.100 ? ? ? ? 0.052 ? ? ? ? ? ? ? ? 3.600 ? ? ? ? 0.061 0.030 ? 2 1 0.998 ? 
# 
_refine.aniso_B[1][1]                            3.6585 
_refine.aniso_B[1][2]                            0.0000 
_refine.aniso_B[1][3]                            2.1971 
_refine.aniso_B[2][2]                            2.0638 
_refine.aniso_B[2][3]                            0.0000 
_refine.aniso_B[3][3]                            -5.7223 
_refine.B_iso_max                                87.540 
_refine.B_iso_mean                               28.5500 
_refine.B_iso_min                                11.480 
_refine.correlation_coeff_Fo_to_Fc               0.9360 
_refine.correlation_coeff_Fo_to_Fc_free          0.9190 
_refine.details                                  ? 
_refine.diff_density_max                         ? 
_refine.diff_density_max_esd                     ? 
_refine.diff_density_min                         ? 
_refine.diff_density_min_esd                     ? 
_refine.diff_density_rms                         ? 
_refine.diff_density_rms_esd                     ? 
_refine.entry_id                                 5VAR 
_refine.pdbx_refine_id                           'X-RAY DIFFRACTION' 
_refine.ls_abs_structure_details                 ? 
_refine.ls_abs_structure_Flack                   ? 
_refine.ls_abs_structure_Flack_esd               ? 
_refine.ls_abs_structure_Rogers                  ? 
_refine.ls_abs_structure_Rogers_esd              ? 
_refine.ls_d_res_high                            1.8300 
_refine.ls_d_res_low                             32.5900 
_refine.ls_extinction_coef                       ? 
_refine.ls_extinction_coef_esd                   ? 
_refine.ls_extinction_expression                 ? 
_refine.ls_extinction_method                     ? 
_refine.ls_goodness_of_fit_all                   ? 
_refine.ls_goodness_of_fit_all_esd               ? 
_refine.ls_goodness_of_fit_obs                   ? 
_refine.ls_goodness_of_fit_obs_esd               ? 
_refine.ls_hydrogen_treatment                    ? 
_refine.ls_matrix_type                           ? 
_refine.ls_number_constraints                    ? 
_refine.ls_number_parameters                     ? 
_refine.ls_number_reflns_all                     ? 
_refine.ls_number_reflns_obs                     9841 
_refine.ls_number_reflns_R_free                  494 
_refine.ls_number_reflns_R_work                  ? 
_refine.ls_number_restraints                     ? 
_refine.ls_percent_reflns_obs                    96.8000 
_refine.ls_percent_reflns_R_free                 5.0200 
_refine.ls_R_factor_all                          ? 
_refine.ls_R_factor_obs                          0.1960 
_refine.ls_R_factor_R_free                       0.2430 
_refine.ls_R_factor_R_free_error                 0.0000 
_refine.ls_R_factor_R_free_error_details         ? 
_refine.ls_R_factor_R_work                       0.1940 
_refine.ls_R_Fsqd_factor_obs                     ? 
_refine.ls_R_I_factor_obs                        ? 
_refine.ls_redundancy_reflns_all                 ? 
_refine.ls_redundancy_reflns_obs                 ? 
_refine.ls_restrained_S_all                      ? 
_refine.ls_restrained_S_obs                      ? 
_refine.ls_shift_over_esd_max                    ? 
_refine.ls_shift_over_esd_mean                   ? 
_refine.ls_structure_factor_coef                 ? 
_refine.ls_weighting_details                     ? 
_refine.ls_weighting_scheme                      ? 
_refine.ls_wR_factor_all                         ? 
_refine.ls_wR_factor_obs                         ? 
_refine.ls_wR_factor_R_free                      ? 
_refine.ls_wR_factor_R_work                      ? 
_refine.occupancy_max                            ? 
_refine.occupancy_min                            ? 
_refine.solvent_model_details                    ? 
_refine.solvent_model_param_bsol                 ? 
_refine.solvent_model_param_ksol                 ? 
_refine.ls_R_factor_gt                           ? 
_refine.ls_goodness_of_fit_gt                    ? 
_refine.ls_goodness_of_fit_ref                   ? 
_refine.ls_shift_over_su_max                     ? 
_refine.ls_shift_over_su_max_lt                  ? 
_refine.ls_shift_over_su_mean                    ? 
_refine.ls_shift_over_su_mean_lt                 ? 
_refine.pdbx_ls_sigma_I                          ? 
_refine.pdbx_ls_sigma_F                          0.000 
_refine.pdbx_ls_sigma_Fsqd                       ? 
_refine.pdbx_data_cutoff_high_absF               ? 
_refine.pdbx_data_cutoff_high_rms_absF           ? 
_refine.pdbx_data_cutoff_low_absF                ? 
_refine.pdbx_isotropic_thermal_model             ? 
_refine.pdbx_ls_cross_valid_method               THROUGHOUT 
_refine.pdbx_method_to_determine_struct          'MOLECULAR REPLACEMENT' 
_refine.pdbx_starting_model                      2GFA 
_refine.pdbx_stereochemistry_target_values       ? 
_refine.pdbx_R_Free_selection_details            RANDOM 
_refine.pdbx_stereochem_target_val_spec_case     ? 
_refine.pdbx_overall_ESU_R                       ? 
_refine.pdbx_overall_ESU_R_Free                  ? 
_refine.pdbx_solvent_vdw_probe_radii             ? 
_refine.pdbx_solvent_ion_probe_radii             ? 
_refine.pdbx_solvent_shrinkage_radii             ? 
_refine.pdbx_real_space_R                        ? 
_refine.pdbx_density_correlation                 ? 
_refine.pdbx_pd_number_of_powder_patterns        ? 
_refine.pdbx_pd_number_of_points                 ? 
_refine.pdbx_pd_meas_number_of_points            ? 
_refine.pdbx_pd_proc_ls_prof_R_factor            ? 
_refine.pdbx_pd_proc_ls_prof_wR_factor           ? 
_refine.pdbx_pd_Marquardt_correlation_coeff      ? 
_refine.pdbx_pd_Fsqrd_R_factor                   ? 
_refine.pdbx_pd_ls_matrix_band_width             ? 
_refine.pdbx_overall_phase_error                 ? 
_refine.pdbx_overall_SU_R_free_Cruickshank_DPI   0.1400 
_refine.pdbx_overall_SU_R_free_Blow_DPI          0.1420 
_refine.pdbx_overall_SU_R_Blow_DPI               0.1480 
_refine.pdbx_TLS_residual_ADP_flag               ? 
_refine.pdbx_diffrn_id                           1 
_refine.overall_SU_B                             ? 
_refine.overall_SU_ML                            ? 
_refine.overall_SU_R_Cruickshank_DPI             0.1450 
_refine.overall_SU_R_free                        ? 
_refine.overall_FOM_free_R_set                   ? 
_refine.overall_FOM_work_R_set                   ? 
_refine.pdbx_average_fsc_overall                 ? 
_refine.pdbx_average_fsc_work                    ? 
_refine.pdbx_average_fsc_free                    ? 
# 
_refine_analyze.entry_id                        5VAR 
_refine_analyze.pdbx_refine_id                  'X-RAY DIFFRACTION' 
_refine_analyze.Luzzati_coordinate_error_free   ? 
_refine_analyze.Luzzati_coordinate_error_obs    0.260 
_refine_analyze.Luzzati_d_res_low_free          ? 
_refine_analyze.Luzzati_d_res_low_obs           ? 
_refine_analyze.Luzzati_sigma_a_free            ? 
_refine_analyze.Luzzati_sigma_a_free_details    ? 
_refine_analyze.Luzzati_sigma_a_obs             ? 
_refine_analyze.Luzzati_sigma_a_obs_details     ? 
_refine_analyze.number_disordered_residues      ? 
_refine_analyze.occupancy_sum_hydrogen          ? 
_refine_analyze.occupancy_sum_non_hydrogen      ? 
_refine_analyze.RG_d_res_high                   ? 
_refine_analyze.RG_d_res_low                    ? 
_refine_analyze.RG_free                         ? 
_refine_analyze.RG_work                         ? 
_refine_analyze.RG_free_work_ratio              ? 
_refine_analyze.pdbx_Luzzati_d_res_high_obs     ? 
# 
_refine_hist.cycle_id                         final 
_refine_hist.pdbx_refine_id                   'X-RAY DIFFRACTION' 
_refine_hist.d_res_high                       1.8300 
_refine_hist.d_res_low                        32.5900 
_refine_hist.pdbx_number_atoms_ligand         18 
_refine_hist.number_atoms_solvent             74 
_refine_hist.number_atoms_total               961 
_refine_hist.pdbx_number_residues_total       108 
_refine_hist.pdbx_B_iso_mean_ligand           34.58 
_refine_hist.pdbx_B_iso_mean_solvent          43.26 
_refine_hist.pdbx_number_atoms_protein        869 
_refine_hist.pdbx_number_atoms_nucleic_acid   0 
# 
loop_
_refine_ls_restr.pdbx_refine_id 
_refine_ls_restr.criterion 
_refine_ls_restr.dev_ideal 
_refine_ls_restr.dev_ideal_target 
_refine_ls_restr.number 
_refine_ls_restr.rejects 
_refine_ls_restr.type 
_refine_ls_restr.weight 
_refine_ls_restr.pdbx_restraint_function 
'X-RAY DIFFRACTION' ? ?      ? 318  ? t_dihedral_angle_d        2.000  SINUSOIDAL   
'X-RAY DIFFRACTION' ? ?      ? 30   ? t_trig_c_planes           2.000  HARMONIC     
'X-RAY DIFFRACTION' ? ?      ? 139  ? t_gen_planes              5.000  HARMONIC     
'X-RAY DIFFRACTION' ? ?      ? 932  ? t_it                      20.000 HARMONIC     
'X-RAY DIFFRACTION' ? ?      ? ?    ? t_nbd                     ?      ?            
'X-RAY DIFFRACTION' ? ?      ? ?    ? t_improper_torsion        ?      ?            
'X-RAY DIFFRACTION' ? ?      ? ?    ? t_pseud_angle             ?      ?            
'X-RAY DIFFRACTION' ? ?      ? 113  ? t_chiral_improper_torsion 5.000  SEMIHARMONIC 
'X-RAY DIFFRACTION' ? ?      ? ?    ? t_sum_occupancies         ?      ?            
'X-RAY DIFFRACTION' ? ?      ? ?    ? t_utility_distance        ?      ?            
'X-RAY DIFFRACTION' ? ?      ? ?    ? t_utility_angle           ?      ?            
'X-RAY DIFFRACTION' ? ?      ? ?    ? t_utility_torsion         ?      ?            
'X-RAY DIFFRACTION' ? ?      ? 1054 ? t_ideal_dist_contact      4.000  SEMIHARMONIC 
'X-RAY DIFFRACTION' ? 0.010  ? 932  ? t_bond_d                  2.000  HARMONIC     
'X-RAY DIFFRACTION' ? 1.030  ? 1287 ? t_angle_deg               2.000  HARMONIC     
'X-RAY DIFFRACTION' ? 3.670  ? ?    ? t_omega_torsion           ?      ?            
'X-RAY DIFFRACTION' ? 16.110 ? ?    ? t_other_torsion           ?      ?            
# 
_refine_ls_shell.pdbx_refine_id                   'X-RAY DIFFRACTION' 
_refine_ls_shell.d_res_high                       1.8300 
_refine_ls_shell.d_res_low                        2.0500 
_refine_ls_shell.number_reflns_all                2702 
_refine_ls_shell.number_reflns_obs                ? 
_refine_ls_shell.number_reflns_R_free             137 
_refine_ls_shell.number_reflns_R_work             2565 
_refine_ls_shell.percent_reflns_obs               94.8400 
_refine_ls_shell.percent_reflns_R_free            5.0700 
_refine_ls_shell.R_factor_all                     0.2140 
_refine_ls_shell.R_factor_obs                     ? 
_refine_ls_shell.R_factor_R_free                  0.2740 
_refine_ls_shell.R_factor_R_free_error            0.0000 
_refine_ls_shell.R_factor_R_work                  0.2110 
_refine_ls_shell.redundancy_reflns_all            ? 
_refine_ls_shell.redundancy_reflns_obs            ? 
_refine_ls_shell.wR_factor_all                    ? 
_refine_ls_shell.wR_factor_obs                    ? 
_refine_ls_shell.wR_factor_R_free                 ? 
_refine_ls_shell.wR_factor_R_work                 ? 
_refine_ls_shell.pdbx_total_number_of_bins_used   5 
_refine_ls_shell.pdbx_phase_error                 ? 
_refine_ls_shell.pdbx_fsc_work                    ? 
_refine_ls_shell.pdbx_fsc_free                    ? 
# 
_struct.entry_id                     5VAR 
_struct.title                        
'Crystal structure of KDM4A tandem TUDOR domain in complex with a tri-methyl lysine competitive inhibitor' 
_struct.pdbx_model_details           ? 
_struct.pdbx_formula_weight          ? 
_struct.pdbx_formula_weight_method   ? 
_struct.pdbx_model_type_details      ? 
_struct.pdbx_CASP_flag               N 
# 
_struct_keywords.entry_id        5VAR 
_struct_keywords.text            'KDM4A tandem TUDOR domain, OXIDOREDUCTASE' 
_struct_keywords.pdbx_keywords   OXIDOREDUCTASE 
# 
loop_
_struct_asym.id 
_struct_asym.pdbx_blank_PDB_chainid_flag 
_struct_asym.pdbx_modified 
_struct_asym.entity_id 
_struct_asym.details 
A N N 1 ? 
B N N 2 ? 
C N N 3 ? 
# 
loop_
_struct_conf.conf_type_id 
_struct_conf.id 
_struct_conf.pdbx_PDB_helix_id 
_struct_conf.beg_label_comp_id 
_struct_conf.beg_label_asym_id 
_struct_conf.beg_label_seq_id 
_struct_conf.pdbx_beg_PDB_ins_code 
_struct_conf.end_label_comp_id 
_struct_conf.end_label_asym_id 
_struct_conf.end_label_seq_id 
_struct_conf.pdbx_end_PDB_ins_code 
_struct_conf.beg_auth_comp_id 
_struct_conf.beg_auth_asym_id 
_struct_conf.beg_auth_seq_id 
_struct_conf.end_auth_comp_id 
_struct_conf.end_auth_asym_id 
_struct_conf.end_auth_seq_id 
_struct_conf.pdbx_PDB_helix_class 
_struct_conf.details 
_struct_conf.pdbx_PDB_helix_length 
HELX_P HELX_P1 AA1 TYR A 50  ? ILE A 54  ? TYR A 942 ILE A 946  5 ? 5 
HELX_P HELX_P2 AA2 ASP A 58  ? GLY A 63  ? ASP A 950 GLY A 955  1 ? 6 
HELX_P HELX_P3 AA3 LYS A 107 ? ASP A 109 ? LYS A 999 ASP A 1001 5 ? 3 
# 
_struct_conf_type.id          HELX_P 
_struct_conf_type.criteria    ? 
_struct_conf_type.reference   ? 
# 
loop_
_struct_sheet.id 
_struct_sheet.type 
_struct_sheet.number_strands 
_struct_sheet.details 
AA1 ? 4 ? 
AA2 ? 5 ? 
# 
loop_
_struct_sheet_order.sheet_id 
_struct_sheet_order.range_id_1 
_struct_sheet_order.range_id_2 
_struct_sheet_order.offset 
_struct_sheet_order.sense 
AA1 1 2 ? anti-parallel 
AA1 2 3 ? anti-parallel 
AA1 3 4 ? anti-parallel 
AA2 1 2 ? anti-parallel 
AA2 2 3 ? anti-parallel 
AA2 3 4 ? anti-parallel 
AA2 4 5 ? anti-parallel 
# 
loop_
_struct_sheet_range.sheet_id 
_struct_sheet_range.id 
_struct_sheet_range.beg_label_comp_id 
_struct_sheet_range.beg_label_asym_id 
_struct_sheet_range.beg_label_seq_id 
_struct_sheet_range.pdbx_beg_PDB_ins_code 
_struct_sheet_range.end_label_comp_id 
_struct_sheet_range.end_label_asym_id 
_struct_sheet_range.end_label_seq_id 
_struct_sheet_range.pdbx_end_PDB_ins_code 
_struct_sheet_range.beg_auth_comp_id 
_struct_sheet_range.beg_auth_asym_id 
_struct_sheet_range.beg_auth_seq_id 
_struct_sheet_range.end_auth_comp_id 
_struct_sheet_range.end_auth_asym_id 
_struct_sheet_range.end_auth_seq_id 
AA1 1 PHE A 45  ? LEU A 49  ? PHE A 937  LEU A 941  
AA1 2 PHE A 22  ? PHE A 40  ? PHE A 914  PHE A 932  
AA1 3 VAL A 80  ? GLU A 97  ? VAL A 972  GLU A 989  
AA1 4 GLN A 103 ? VAL A 106 ? GLN A 995  VAL A 998  
AA2 1 VAL A 70  ? ARG A 74  ? VAL A 962  ARG A 966  
AA2 2 VAL A 80  ? GLU A 97  ? VAL A 972  GLU A 989  
AA2 3 PHE A 22  ? PHE A 40  ? PHE A 914  PHE A 932  
AA2 4 LYS A 12  ? LYS A 16  ? LYS A 904  LYS A 908  
AA2 5 VAL A 111 ? TYR A 112 ? VAL A 1003 TYR A 1004 
# 
loop_
_pdbx_struct_sheet_hbond.sheet_id 
_pdbx_struct_sheet_hbond.range_id_1 
_pdbx_struct_sheet_hbond.range_id_2 
_pdbx_struct_sheet_hbond.range_1_label_atom_id 
_pdbx_struct_sheet_hbond.range_1_label_comp_id 
_pdbx_struct_sheet_hbond.range_1_label_asym_id 
_pdbx_struct_sheet_hbond.range_1_label_seq_id 
_pdbx_struct_sheet_hbond.range_1_PDB_ins_code 
_pdbx_struct_sheet_hbond.range_1_auth_atom_id 
_pdbx_struct_sheet_hbond.range_1_auth_comp_id 
_pdbx_struct_sheet_hbond.range_1_auth_asym_id 
_pdbx_struct_sheet_hbond.range_1_auth_seq_id 
_pdbx_struct_sheet_hbond.range_2_label_atom_id 
_pdbx_struct_sheet_hbond.range_2_label_comp_id 
_pdbx_struct_sheet_hbond.range_2_label_asym_id 
_pdbx_struct_sheet_hbond.range_2_label_seq_id 
_pdbx_struct_sheet_hbond.range_2_PDB_ins_code 
_pdbx_struct_sheet_hbond.range_2_auth_atom_id 
_pdbx_struct_sheet_hbond.range_2_auth_comp_id 
_pdbx_struct_sheet_hbond.range_2_auth_asym_id 
_pdbx_struct_sheet_hbond.range_2_auth_seq_id 
AA1 1 2 O LEU A 49 ? O LEU A 941 N TYR A 36  ? N TYR A 928  
AA1 2 3 N GLU A 33 ? N GLU A 925 O ILE A 91  ? O ILE A 983  
AA1 3 4 N TYR A 94 ? N TYR A 986 O VAL A 106 ? O VAL A 998  
AA2 1 2 N VAL A 71 ? N VAL A 963 O ALA A 83  ? O ALA A 975  
AA2 2 3 O ILE A 91 ? O ILE A 983 N GLU A 33  ? N GLU A 925  
AA2 3 4 O CYS A 25 ? O CYS A 917 N VAL A 13  ? N VAL A 905  
AA2 4 5 N ILE A 14 ? N ILE A 906 O TYR A 112 ? O TYR A 1004 
# 
_struct_site.id                   AC1 
_struct_site.pdbx_evidence_code   Software 
_struct_site.pdbx_auth_asym_id    A 
_struct_site.pdbx_auth_comp_id    92Y 
_struct_site.pdbx_auth_seq_id     1101 
_struct_site.pdbx_auth_ins_code   ? 
_struct_site.pdbx_num_residues    6 
_struct_site.details              'binding site for residue 92Y A 1101' 
# 
loop_
_struct_site_gen.id 
_struct_site_gen.site_id 
_struct_site_gen.pdbx_num_res 
_struct_site_gen.label_comp_id 
_struct_site_gen.label_asym_id 
_struct_site_gen.label_seq_id 
_struct_site_gen.pdbx_auth_ins_code 
_struct_site_gen.auth_comp_id 
_struct_site_gen.auth_asym_id 
_struct_site_gen.auth_seq_id 
_struct_site_gen.label_atom_id 
_struct_site_gen.label_alt_id 
_struct_site_gen.symmetry 
_struct_site_gen.details 
1 AC1 6 ASP A 42  ? ASP A 934 . ? 1_555 ? 
2 AC1 6 SER A 44  ? SER A 936 . ? 1_555 ? 
3 AC1 6 PHE A 45  ? PHE A 937 . ? 1_555 ? 
4 AC1 6 TRP A 75  ? TRP A 967 . ? 1_555 ? 
5 AC1 6 TYR A 81  ? TYR A 973 . ? 1_555 ? 
6 AC1 6 GLY A 101 ? GLY A 993 . ? 1_655 ? 
# 
_atom_sites.entry_id                    5VAR 
_atom_sites.fract_transf_matrix[1][1]   0.01085845 
_atom_sites.fract_transf_matrix[1][2]   0.02777732 
_atom_sites.fract_transf_matrix[1][3]   0.00721585 
_atom_sites.fract_transf_matrix[2][1]   0.02325820 
_atom_sites.fract_transf_matrix[2][2]   -0.00937454 
_atom_sites.fract_transf_matrix[2][3]   0.00108812 
_atom_sites.fract_transf_matrix[3][1]   0.00450960 
_atom_sites.fract_transf_matrix[3][2]   0.00877075 
_atom_sites.fract_transf_matrix[3][3]   -0.02082809 
_atom_sites.fract_transf_vector[1]      0.202183 
_atom_sites.fract_transf_vector[2]      -0.051297 
_atom_sites.fract_transf_vector[3]      0.288089 
# 
loop_
_atom_type.symbol 
C 
N 
O 
S 
# 
loop_
_atom_site.group_PDB 
_atom_site.id 
_atom_site.type_symbol 
_atom_site.label_atom_id 
_atom_site.label_alt_id 
_atom_site.label_comp_id 
_atom_site.label_asym_id 
_atom_site.label_entity_id 
_atom_site.label_seq_id 
_atom_site.pdbx_PDB_ins_code 
_atom_site.Cartn_x 
_atom_site.Cartn_y 
_atom_site.Cartn_z 
_atom_site.occupancy 
_atom_site.B_iso_or_equiv 
_atom_site.pdbx_formal_charge 
_atom_site.auth_seq_id 
_atom_site.auth_comp_id 
_atom_site.auth_asym_id 
_atom_site.auth_atom_id 
_atom_site.pdbx_PDB_model_num 
ATOM   1   N N   . GLN A 1 5   ? 18.306  -9.745  -5.130  1.00 38.53 ? 897  GLN A N   1 
ATOM   2   C CA  . GLN A 1 5   ? 18.082  -10.801 -6.123  1.00 38.82 ? 897  GLN A CA  1 
ATOM   3   C C   . GLN A 1 5   ? 16.651  -10.744 -6.674  1.00 42.82 ? 897  GLN A C   1 
ATOM   4   O O   . GLN A 1 5   ? 15.689  -10.579 -5.919  1.00 40.87 ? 897  GLN A O   1 
ATOM   5   C CB  . GLN A 1 5   ? 18.376  -12.185 -5.534  1.00 40.16 ? 897  GLN A CB  1 
ATOM   6   C CG  . GLN A 1 5   ? 18.679  -13.231 -6.590  1.00 60.25 ? 897  GLN A CG  1 
ATOM   7   C CD  . GLN A 1 5   ? 18.986  -14.571 -5.979  1.00 81.01 ? 897  GLN A CD  1 
ATOM   8   O OE1 . GLN A 1 5   ? 20.151  -14.916 -5.739  1.00 76.57 ? 897  GLN A OE1 1 
ATOM   9   N NE2 . GLN A 1 5   ? 17.947  -15.361 -5.733  1.00 69.86 ? 897  GLN A NE2 1 
ATOM   10  N N   . SER A 1 6   ? 16.539  -10.864 -8.002  1.00 39.82 ? 898  SER A N   1 
ATOM   11  C CA  . SER A 1 6   ? 15.302  -10.805 -8.772  1.00 39.79 ? 898  SER A CA  1 
ATOM   12  C C   . SER A 1 6   ? 14.284  -11.860 -8.344  1.00 40.35 ? 898  SER A C   1 
ATOM   13  O O   . SER A 1 6   ? 14.598  -13.051 -8.300  1.00 38.93 ? 898  SER A O   1 
ATOM   14  C CB  . SER A 1 6   ? 15.611  -10.950 -10.262 1.00 46.04 ? 898  SER A CB  1 
ATOM   15  O OG  . SER A 1 6   ? 16.274  -12.181 -10.515 1.00 59.81 ? 898  SER A OG  1 
ATOM   16  N N   . ILE A 1 7   ? 13.069  -11.405 -7.997  1.00 35.65 ? 899  ILE A N   1 
ATOM   17  C CA  . ILE A 1 7   ? 11.958  -12.281 -7.609  1.00 33.78 ? 899  ILE A CA  1 
ATOM   18  C C   . ILE A 1 7   ? 10.967  -12.282 -8.771  1.00 33.77 ? 899  ILE A C   1 
ATOM   19  O O   . ILE A 1 7   ? 10.552  -11.212 -9.221  1.00 33.72 ? 899  ILE A O   1 
ATOM   20  C CB  . ILE A 1 7   ? 11.275  -11.822 -6.277  1.00 37.11 ? 899  ILE A CB  1 
ATOM   21  C CG1 . ILE A 1 7   ? 12.288  -11.647 -5.107  1.00 37.83 ? 899  ILE A CG1 1 
ATOM   22  C CG2 . ILE A 1 7   ? 10.099  -12.747 -5.886  1.00 36.62 ? 899  ILE A CG2 1 
ATOM   23  C CD1 . ILE A 1 7   ? 13.094  -12.923 -4.607  1.00 46.88 ? 899  ILE A CD1 1 
ATOM   24  N N   . THR A 1 8   ? 10.597  -13.464 -9.266  1.00 29.23 ? 900  THR A N   1 
ATOM   25  C CA  . THR A 1 8   ? 9.634   -13.544 -10.373 1.00 28.87 ? 900  THR A CA  1 
ATOM   26  C C   . THR A 1 8   ? 8.333   -14.248 -9.955  1.00 30.44 ? 900  THR A C   1 
ATOM   27  O O   . THR A 1 8   ? 8.319   -15.013 -8.992  1.00 28.17 ? 900  THR A O   1 
ATOM   28  C CB  . THR A 1 8   ? 10.266  -14.247 -11.599 1.00 39.64 ? 900  THR A CB  1 
ATOM   29  O OG1 . THR A 1 8   ? 10.672  -15.558 -11.217 1.00 39.02 ? 900  THR A OG1 1 
ATOM   30  C CG2 . THR A 1 8   ? 11.444  -13.475 -12.189 1.00 39.91 ? 900  THR A CG2 1 
ATOM   31  N N   . ALA A 1 9   ? 7.239   -13.993 -10.695 1.00 28.24 ? 901  ALA A N   1 
ATOM   32  C CA  . ALA A 1 9   ? 5.957   -14.650 -10.471 1.00 28.03 ? 901  ALA A CA  1 
ATOM   33  C C   . ALA A 1 9   ? 6.113   -16.146 -10.787 1.00 30.27 ? 901  ALA A C   1 
ATOM   34  O O   . ALA A 1 9   ? 6.841   -16.517 -11.716 1.00 29.36 ? 901  ALA A O   1 
ATOM   35  C CB  . ALA A 1 9   ? 4.894   -14.008 -11.349 1.00 29.41 ? 901  ALA A CB  1 
ATOM   36  N N   . GLY A 1 10  ? 5.537   -16.981 -9.938  1.00 26.39 ? 902  GLY A N   1 
ATOM   37  C CA  . GLY A 1 10  ? 5.664   -18.430 -10.003 1.00 27.17 ? 902  GLY A CA  1 
ATOM   38  C C   . GLY A 1 10  ? 6.711   -18.973 -9.047  1.00 33.10 ? 902  GLY A C   1 
ATOM   39  O O   . GLY A 1 10  ? 6.716   -20.172 -8.742  1.00 34.75 ? 902  GLY A O   1 
ATOM   40  N N   . GLN A 1 11  ? 7.599   -18.096 -8.543  1.00 29.53 ? 903  GLN A N   1 
ATOM   41  C CA  . GLN A 1 11  ? 8.672   -18.489 -7.618  1.00 29.21 ? 903  GLN A CA  1 
ATOM   42  C C   . GLN A 1 11  ? 8.141   -18.844 -6.243  1.00 32.70 ? 903  GLN A C   1 
ATOM   43  O O   . GLN A 1 11  ? 7.236   -18.170 -5.735  1.00 32.07 ? 903  GLN A O   1 
ATOM   44  C CB  . GLN A 1 11  ? 9.714   -17.358 -7.474  1.00 29.44 ? 903  GLN A CB  1 
ATOM   45  C CG  . GLN A 1 11  ? 11.098  -17.846 -7.074  1.00 37.65 ? 903  GLN A CG  1 
ATOM   46  C CD  . GLN A 1 11  ? 12.169  -16.790 -7.190  1.00 40.21 ? 903  GLN A CD  1 
ATOM   47  O OE1 . GLN A 1 11  ? 12.147  -15.922 -8.065  1.00 31.33 ? 903  GLN A OE1 1 
ATOM   48  N NE2 . GLN A 1 11  ? 13.147  -16.851 -6.309  1.00 35.21 ? 903  GLN A NE2 1 
ATOM   49  N N   . LYS A 1 12  ? 8.746   -19.869 -5.625  1.00 27.07 ? 904  LYS A N   1 
ATOM   50  C CA  . LYS A 1 12  ? 8.443   -20.272 -4.265  1.00 26.58 ? 904  LYS A CA  1 
ATOM   51  C C   . LYS A 1 12  ? 9.429   -19.494 -3.420  1.00 30.17 ? 904  LYS A C   1 
ATOM   52  O O   . LYS A 1 12  ? 10.626  -19.465 -3.720  1.00 30.85 ? 904  LYS A O   1 
ATOM   53  C CB  . LYS A 1 12  ? 8.616   -21.790 -4.039  1.00 30.32 ? 904  LYS A CB  1 
ATOM   54  C CG  . LYS A 1 12  ? 7.826   -22.696 -4.999  1.00 51.58 ? 904  LYS A CG  1 
ATOM   55  C CD  . LYS A 1 12  ? 6.308   -22.524 -4.932  1.00 60.12 ? 904  LYS A CD  1 
ATOM   56  C CE  . LYS A 1 12  ? 5.584   -23.597 -5.708  1.00 74.93 ? 904  LYS A CE  1 
ATOM   57  N NZ  . LYS A 1 12  ? 5.481   -24.864 -4.935  1.00 84.18 ? 904  LYS A NZ  1 
ATOM   58  N N   . VAL A 1 13  ? 8.911   -18.780 -2.435  1.00 23.12 ? 905  VAL A N   1 
ATOM   59  C CA  . VAL A 1 13  ? 9.687   -17.915 -1.535  1.00 22.61 ? 905  VAL A CA  1 
ATOM   60  C C   . VAL A 1 13  ? 9.182   -18.107 -0.097  1.00 26.27 ? 905  VAL A C   1 
ATOM   61  O O   . VAL A 1 13  ? 8.259   -18.883 0.148   1.00 25.58 ? 905  VAL A O   1 
ATOM   62  C CB  . VAL A 1 13  ? 9.579   -16.416 -1.967  1.00 26.15 ? 905  VAL A CB  1 
ATOM   63  C CG1 . VAL A 1 13  ? 10.206  -16.156 -3.351  1.00 25.98 ? 905  VAL A CG1 1 
ATOM   64  C CG2 . VAL A 1 13  ? 8.128   -15.907 -1.909  1.00 24.97 ? 905  VAL A CG2 1 
ATOM   65  N N   . ILE A 1 14  ? 9.737   -17.337 0.836   1.00 25.21 ? 906  ILE A N   1 
ATOM   66  C CA  . ILE A 1 14  ? 9.319   -17.315 2.232   1.00 25.90 ? 906  ILE A CA  1 
ATOM   67  C C   . ILE A 1 14  ? 8.852   -15.887 2.432   1.00 26.66 ? 906  ILE A C   1 
ATOM   68  O O   . ILE A 1 14  ? 9.555   -14.965 2.004   1.00 25.78 ? 906  ILE A O   1 
ATOM   69  C CB  . ILE A 1 14  ? 10.499  -17.698 3.193   1.00 30.67 ? 906  ILE A CB  1 
ATOM   70  C CG1 . ILE A 1 14  ? 10.827  -19.215 3.109   1.00 33.17 ? 906  ILE A CG1 1 
ATOM   71  C CG2 . ILE A 1 14  ? 10.198  -17.306 4.644   1.00 31.32 ? 906  ILE A CG2 1 
ATOM   72  C CD1 . ILE A 1 14  ? 11.872  -19.615 1.993   1.00 47.73 ? 906  ILE A CD1 1 
ATOM   73  N N   . SER A 1 15  ? 7.656   -15.685 3.013   1.00 22.82 ? 907  SER A N   1 
ATOM   74  C CA  . SER A 1 15  ? 7.173   -14.315 3.249   1.00 22.77 ? 907  SER A CA  1 
ATOM   75  C C   . SER A 1 15  ? 6.257   -14.211 4.482   1.00 27.72 ? 907  SER A C   1 
ATOM   76  O O   . SER A 1 15  ? 5.875   -15.232 5.054   1.00 24.90 ? 907  SER A O   1 
ATOM   77  C CB  . SER A 1 15  ? 6.525   -13.740 1.985   1.00 26.07 ? 907  SER A CB  1 
ATOM   78  O OG  . SER A 1 15  ? 6.115   -12.388 2.156   1.00 33.78 ? 907  SER A OG  1 
ATOM   79  N N   . LYS A 1 16  ? 5.934   -12.976 4.907   1.00 28.13 ? 908  LYS A N   1 
ATOM   80  C CA  . LYS A 1 16  ? 5.104   -12.697 6.086   1.00 28.89 ? 908  LYS A CA  1 
ATOM   81  C C   . LYS A 1 16  ? 3.617   -12.946 5.849   1.00 33.76 ? 908  LYS A C   1 
ATOM   82  O O   . LYS A 1 16  ? 3.038   -12.363 4.948   1.00 33.62 ? 908  LYS A O   1 
ATOM   83  C CB  . LYS A 1 16  ? 5.351   -11.260 6.579   1.00 32.32 ? 908  LYS A CB  1 
ATOM   84  C CG  . LYS A 1 16  ? 5.422   -11.126 8.093   1.00 52.89 ? 908  LYS A CG  1 
ATOM   85  C CD  . LYS A 1 16  ? 5.796   -9.709  8.509   1.00 62.52 ? 908  LYS A CD  1 
ATOM   86  C CE  . LYS A 1 16  ? 5.884   -9.561  10.006  1.00 78.29 ? 908  LYS A CE  1 
ATOM   87  N NZ  . LYS A 1 16  ? 6.134   -8.149  10.408  1.00 87.54 ? 908  LYS A NZ  1 
ATOM   88  N N   . HIS A 1 17  ? 3.006   -13.830 6.659   1.00 31.71 ? 909  HIS A N   1 
ATOM   89  C CA  . HIS A 1 17  ? 1.582   -14.191 6.595   1.00 32.44 ? 909  HIS A CA  1 
ATOM   90  C C   . HIS A 1 17  ? 0.783   -13.142 7.388   1.00 38.45 ? 909  HIS A C   1 
ATOM   91  O O   . HIS A 1 17  ? 1.391   -12.374 8.134   1.00 38.14 ? 909  HIS A O   1 
ATOM   92  C CB  . HIS A 1 17  ? 1.409   -15.603 7.194   1.00 32.81 ? 909  HIS A CB  1 
ATOM   93  C CG  . HIS A 1 17  ? 0.029   -16.180 7.138   1.00 35.67 ? 909  HIS A CG  1 
ATOM   94  N ND1 . HIS A 1 17  ? -0.852  -16.053 8.204   1.00 37.39 ? 909  HIS A ND1 1 
ATOM   95  C CD2 . HIS A 1 17  ? -0.555  -16.933 6.177   1.00 37.38 ? 909  HIS A CD2 1 
ATOM   96  C CE1 . HIS A 1 17  ? -1.954  -16.687 7.835   1.00 36.98 ? 909  HIS A CE1 1 
ATOM   97  N NE2 . HIS A 1 17  ? -1.818  -17.245 6.628   1.00 37.25 ? 909  HIS A NE2 1 
ATOM   98  N N   . LYS A 1 18  ? -0.565  -13.120 7.260   1.00 37.08 ? 910  LYS A N   1 
ATOM   99  C CA  . LYS A 1 18  ? -1.400  -12.166 8.008   1.00 38.13 ? 910  LYS A CA  1 
ATOM   100 C C   . LYS A 1 18  ? -1.280  -12.352 9.531   1.00 43.44 ? 910  LYS A C   1 
ATOM   101 O O   . LYS A 1 18  ? -1.529  -11.403 10.273  1.00 43.96 ? 910  LYS A O   1 
ATOM   102 C CB  . LYS A 1 18  ? -2.874  -12.145 7.537   1.00 41.13 ? 910  LYS A CB  1 
ATOM   103 C CG  . LYS A 1 18  ? -3.667  -13.441 7.710   1.00 52.86 ? 910  LYS A CG  1 
ATOM   104 C CD  . LYS A 1 18  ? -5.037  -13.317 7.048   1.00 57.27 ? 910  LYS A CD  1 
ATOM   105 C CE  . LYS A 1 18  ? -5.733  -14.645 6.901   1.00 65.92 ? 910  LYS A CE  1 
ATOM   106 N NZ  . LYS A 1 18  ? -7.022  -14.508 6.173   1.00 77.17 ? 910  LYS A NZ  1 
ATOM   107 N N   . ASN A 1 19  ? -0.817  -13.542 9.984   1.00 39.37 ? 911  ASN A N   1 
ATOM   108 C CA  . ASN A 1 19  ? -0.596  -13.838 11.400  1.00 38.46 ? 911  ASN A CA  1 
ATOM   109 C C   . ASN A 1 19  ? 0.730   -13.248 11.947  1.00 40.44 ? 911  ASN A C   1 
ATOM   110 O O   . ASN A 1 19  ? 0.960   -13.309 13.153  1.00 38.80 ? 911  ASN A O   1 
ATOM   111 C CB  . ASN A 1 19  ? -0.715  -15.364 11.674  1.00 37.95 ? 911  ASN A CB  1 
ATOM   112 C CG  . ASN A 1 19  ? 0.445   -16.236 11.244  1.00 51.58 ? 911  ASN A CG  1 
ATOM   113 O OD1 . ASN A 1 19  ? 1.395   -15.816 10.574  1.00 45.74 ? 911  ASN A OD1 1 
ATOM   114 N ND2 . ASN A 1 19  ? 0.390   -17.499 11.629  1.00 41.75 ? 911  ASN A ND2 1 
ATOM   115 N N   . GLY A 1 20  ? 1.589   -12.719 11.057  1.00 37.12 ? 912  GLY A N   1 
ATOM   116 C CA  . GLY A 1 20  ? 2.880   -12.112 11.396  1.00 35.61 ? 912  GLY A CA  1 
ATOM   117 C C   . GLY A 1 20  ? 4.094   -13.027 11.335  1.00 37.38 ? 912  GLY A C   1 
ATOM   118 O O   . GLY A 1 20  ? 5.224   -12.585 11.571  1.00 37.69 ? 912  GLY A O   1 
ATOM   119 N N   . ARG A 1 21  ? 3.882   -14.310 11.012  1.00 31.26 ? 913  ARG A N   1 
ATOM   120 C CA  . ARG A 1 21  ? 4.941   -15.321 10.923  1.00 29.54 ? 913  ARG A CA  1 
ATOM   121 C C   . ARG A 1 21  ? 5.382   -15.467 9.466   1.00 32.74 ? 913  ARG A C   1 
ATOM   122 O O   . ARG A 1 21  ? 4.633   -15.081 8.569   1.00 33.60 ? 913  ARG A O   1 
ATOM   123 C CB  . ARG A 1 21  ? 4.400   -16.680 11.424  1.00 28.45 ? 913  ARG A CB  1 
ATOM   124 C CG  . ARG A 1 21  ? 3.900   -16.688 12.886  1.00 40.87 ? 913  ARG A CG  1 
ATOM   125 C CD  . ARG A 1 21  ? 4.987   -17.095 13.885  1.00 47.43 ? 913  ARG A CD  1 
ATOM   126 N NE  . ARG A 1 21  ? 5.661   -18.329 13.474  1.00 44.36 ? 913  ARG A NE  1 
ATOM   127 C CZ  . ARG A 1 21  ? 5.320   -19.545 13.888  1.00 53.01 ? 913  ARG A CZ  1 
ATOM   128 N NH1 . ARG A 1 21  ? 4.346   -19.702 14.772  1.00 43.66 ? 913  ARG A NH1 1 
ATOM   129 N NH2 . ARG A 1 21  ? 5.967   -20.608 13.441  1.00 40.60 ? 913  ARG A NH2 1 
ATOM   130 N N   . PHE A 1 22  ? 6.560   -16.060 9.233   1.00 28.21 ? 914  PHE A N   1 
ATOM   131 C CA  . PHE A 1 22  ? 7.098   -16.308 7.902   1.00 29.02 ? 914  PHE A CA  1 
ATOM   132 C C   . PHE A 1 22  ? 6.789   -17.734 7.486   1.00 32.35 ? 914  PHE A C   1 
ATOM   133 O O   . PHE A 1 22  ? 7.051   -18.675 8.243   1.00 31.78 ? 914  PHE A O   1 
ATOM   134 C CB  . PHE A 1 22  ? 8.610   -16.034 7.856   1.00 32.28 ? 914  PHE A CB  1 
ATOM   135 C CG  . PHE A 1 22  ? 8.908   -14.561 7.696   1.00 35.50 ? 914  PHE A CG  1 
ATOM   136 C CD1 . PHE A 1 22  ? 8.865   -13.703 8.790   1.00 40.08 ? 914  PHE A CD1 1 
ATOM   137 C CD2 . PHE A 1 22  ? 9.169   -14.020 6.442   1.00 37.84 ? 914  PHE A CD2 1 
ATOM   138 C CE1 . PHE A 1 22  ? 9.104   -12.332 8.635   1.00 41.45 ? 914  PHE A CE1 1 
ATOM   139 C CE2 . PHE A 1 22  ? 9.415   -12.657 6.289   1.00 41.62 ? 914  PHE A CE2 1 
ATOM   140 C CZ  . PHE A 1 22  ? 9.372   -11.821 7.384   1.00 40.35 ? 914  PHE A CZ  1 
ATOM   141 N N   . TYR A 1 23  ? 6.190   -17.892 6.307   1.00 27.79 ? 915  TYR A N   1 
ATOM   142 C CA  . TYR A 1 23  ? 5.830   -19.216 5.787   1.00 27.35 ? 915  TYR A CA  1 
ATOM   143 C C   . TYR A 1 23  ? 6.227   -19.346 4.365   1.00 29.67 ? 915  TYR A C   1 
ATOM   144 O O   . TYR A 1 23  ? 6.420   -18.335 3.684   1.00 28.55 ? 915  TYR A O   1 
ATOM   145 C CB  . TYR A 1 23  ? 4.318   -19.485 5.901   1.00 29.61 ? 915  TYR A CB  1 
ATOM   146 C CG  . TYR A 1 23  ? 3.783   -19.502 7.313   1.00 33.23 ? 915  TYR A CG  1 
ATOM   147 C CD1 . TYR A 1 23  ? 4.160   -20.499 8.212   1.00 35.97 ? 915  TYR A CD1 1 
ATOM   148 C CD2 . TYR A 1 23  ? 2.828   -18.586 7.723   1.00 34.79 ? 915  TYR A CD2 1 
ATOM   149 C CE1 . TYR A 1 23  ? 3.638   -20.540 9.504   1.00 37.17 ? 915  TYR A CE1 1 
ATOM   150 C CE2 . TYR A 1 23  ? 2.313   -18.605 9.016   1.00 36.08 ? 915  TYR A CE2 1 
ATOM   151 C CZ  . TYR A 1 23  ? 2.720   -19.584 9.902   1.00 43.22 ? 915  TYR A CZ  1 
ATOM   152 O OH  . TYR A 1 23  ? 2.197   -19.585 11.168  1.00 47.14 ? 915  TYR A OH  1 
ATOM   153 N N   . GLN A 1 24  ? 6.328   -20.589 3.879   1.00 24.99 ? 916  GLN A N   1 
ATOM   154 C CA  . GLN A 1 24  ? 6.619   -20.797 2.468   1.00 24.52 ? 916  GLN A CA  1 
ATOM   155 C C   . GLN A 1 24  ? 5.372   -20.383 1.698   1.00 27.68 ? 916  GLN A C   1 
ATOM   156 O O   . GLN A 1 24  ? 4.249   -20.584 2.168   1.00 28.67 ? 916  GLN A O   1 
ATOM   157 C CB  . GLN A 1 24  ? 6.995   -22.250 2.142   1.00 26.47 ? 916  GLN A CB  1 
ATOM   158 C CG  . GLN A 1 24  ? 6.003   -23.297 2.629   1.00 44.29 ? 916  GLN A CG  1 
ATOM   159 C CD  . GLN A 1 24  ? 6.507   -24.706 2.462   1.00 65.21 ? 916  GLN A CD  1 
ATOM   160 O OE1 . GLN A 1 24  ? 6.772   -25.412 3.445   1.00 57.65 ? 916  GLN A OE1 1 
ATOM   161 N NE2 . GLN A 1 24  ? 6.604   -25.160 1.214   1.00 57.50 ? 916  GLN A NE2 1 
ATOM   162 N N   . CYS A 1 25  ? 5.572   -19.745 0.559   1.00 22.30 ? 917  CYS A N   1 
ATOM   163 C CA  . CYS A 1 25  ? 4.460   -19.279 -0.240  1.00 22.71 ? 917  CYS A CA  1 
ATOM   164 C C   . CYS A 1 25  ? 4.890   -19.201 -1.676  1.00 27.89 ? 917  CYS A C   1 
ATOM   165 O O   . CYS A 1 25  ? 6.072   -19.428 -1.989  1.00 28.48 ? 917  CYS A O   1 
ATOM   166 C CB  . CYS A 1 25  ? 3.958   -17.931 0.276   1.00 22.65 ? 917  CYS A CB  1 
ATOM   167 S SG  . CYS A 1 25  ? 5.209   -16.621 0.282   1.00 25.65 ? 917  CYS A SG  1 
ATOM   168 N N   . GLU A 1 26  ? 3.933   -18.902 -2.555  1.00 22.12 ? 918  GLU A N   1 
ATOM   169 C CA  . GLU A 1 26  ? 4.242   -18.773 -3.954  1.00 22.72 ? 918  GLU A CA  1 
ATOM   170 C C   . GLU A 1 26  ? 3.921   -17.364 -4.413  1.00 23.83 ? 918  GLU A C   1 
ATOM   171 O O   . GLU A 1 26  ? 2.859   -16.845 -4.072  1.00 20.80 ? 918  GLU A O   1 
ATOM   172 C CB  . GLU A 1 26  ? 3.457   -19.832 -4.751  1.00 24.76 ? 918  GLU A CB  1 
ATOM   173 C CG  . GLU A 1 26  ? 3.747   -19.859 -6.247  1.00 36.16 ? 918  GLU A CG  1 
ATOM   174 C CD  . GLU A 1 26  ? 3.069   -20.979 -7.014  1.00 58.32 ? 918  GLU A CD  1 
ATOM   175 O OE1 . GLU A 1 26  ? 3.608   -21.375 -8.071  1.00 61.97 ? 918  GLU A OE1 1 
ATOM   176 O OE2 . GLU A 1 26  ? 1.994   -21.454 -6.572  1.00 50.04 ? 918  GLU A OE2 1 
ATOM   177 N N   . VAL A 1 27  ? 4.830   -16.749 -5.189  1.00 20.76 ? 919  VAL A N   1 
ATOM   178 C CA  . VAL A 1 27  ? 4.596   -15.429 -5.791  1.00 19.83 ? 919  VAL A CA  1 
ATOM   179 C C   . VAL A 1 27  ? 3.552   -15.635 -6.910  1.00 24.15 ? 919  VAL A C   1 
ATOM   180 O O   . VAL A 1 27  ? 3.837   -16.289 -7.916  1.00 25.89 ? 919  VAL A O   1 
ATOM   181 C CB  . VAL A 1 27  ? 5.902   -14.760 -6.318  1.00 23.67 ? 919  VAL A CB  1 
ATOM   182 C CG1 . VAL A 1 27  ? 5.600   -13.430 -7.023  1.00 21.71 ? 919  VAL A CG1 1 
ATOM   183 C CG2 . VAL A 1 27  ? 6.917   -14.558 -5.190  1.00 23.96 ? 919  VAL A CG2 1 
ATOM   184 N N   . VAL A 1 28  ? 2.356   -15.091 -6.742  1.00 17.39 ? 920  VAL A N   1 
ATOM   185 C CA  . VAL A 1 28  ? 1.336   -15.315 -7.764  1.00 17.38 ? 920  VAL A CA  1 
ATOM   186 C C   . VAL A 1 28  ? 1.286   -14.183 -8.790  1.00 19.15 ? 920  VAL A C   1 
ATOM   187 O O   . VAL A 1 28  ? 0.860   -14.418 -9.921  1.00 19.16 ? 920  VAL A O   1 
ATOM   188 C CB  . VAL A 1 28  ? -0.047  -15.685 -7.198  1.00 22.49 ? 920  VAL A CB  1 
ATOM   189 C CG1 . VAL A 1 28  ? -0.001  -17.077 -6.565  1.00 23.43 ? 920  VAL A CG1 1 
ATOM   190 C CG2 . VAL A 1 28  ? -0.547  -14.644 -6.200  1.00 21.84 ? 920  VAL A CG2 1 
ATOM   191 N N   . ARG A 1 29  ? 1.806   -12.995 -8.465  1.00 15.22 ? 921  ARG A N   1 
ATOM   192 C CA  . ARG A 1 29  ? 1.880   -11.927 -9.457  1.00 15.73 ? 921  ARG A CA  1 
ATOM   193 C C   . ARG A 1 29  ? 2.769   -10.780 -9.035  1.00 18.12 ? 921  ARG A C   1 
ATOM   194 O O   . ARG A 1 29  ? 2.916   -10.526 -7.832  1.00 15.60 ? 921  ARG A O   1 
ATOM   195 C CB  . ARG A 1 29  ? 0.491   -11.419 -9.899  1.00 21.50 ? 921  ARG A CB  1 
ATOM   196 C CG  . ARG A 1 29  ? -0.143  -10.398 -9.039  1.00 27.33 ? 921  ARG A CG  1 
ATOM   197 C CD  . ARG A 1 29  ? -1.250  -9.717  -9.807  1.00 33.89 ? 921  ARG A CD  1 
ATOM   198 N NE  . ARG A 1 29  ? -1.887  -8.727  -8.947  1.00 40.65 ? 921  ARG A NE  1 
ATOM   199 C CZ  . ARG A 1 29  ? -2.191  -7.500  -9.326  1.00 54.87 ? 921  ARG A CZ  1 
ATOM   200 N NH1 . ARG A 1 29  ? -1.905  -7.088  -10.555 1.00 30.75 ? 921  ARG A NH1 1 
ATOM   201 N NH2 . ARG A 1 29  ? -2.760  -6.661  -8.472  1.00 54.91 ? 921  ARG A NH2 1 
ATOM   202 N N   . LEU A 1 30  ? 3.382   -10.102 -10.028 1.00 16.25 ? 922  LEU A N   1 
ATOM   203 C CA  . LEU A 1 30  ? 4.145   -8.884  -9.753  1.00 18.37 ? 922  LEU A CA  1 
ATOM   204 C C   . LEU A 1 30  ? 3.160   -7.752  -9.921  1.00 22.21 ? 922  LEU A C   1 
ATOM   205 O O   . LEU A 1 30  ? 2.360   -7.767  -10.853 1.00 21.64 ? 922  LEU A O   1 
ATOM   206 C CB  . LEU A 1 30  ? 5.358   -8.669  -10.663 1.00 20.00 ? 922  LEU A CB  1 
ATOM   207 C CG  . LEU A 1 30  ? 6.368   -9.812  -10.863 1.00 27.80 ? 922  LEU A CG  1 
ATOM   208 C CD1 . LEU A 1 30  ? 7.585   -9.311  -11.671 1.00 29.20 ? 922  LEU A CD1 1 
ATOM   209 C CD2 . LEU A 1 30  ? 6.834   -10.426 -9.542  1.00 31.00 ? 922  LEU A CD2 1 
ATOM   210 N N   . THR A 1 31  ? 3.116   -6.839  -8.955  1.00 17.92 ? 923  THR A N   1 
ATOM   211 C CA  . THR A 1 31  ? 2.092   -5.812  -8.977  1.00 18.77 ? 923  THR A CA  1 
ATOM   212 C C   . THR A 1 31  ? 2.657   -4.447  -8.574  1.00 22.50 ? 923  THR A C   1 
ATOM   213 O O   . THR A 1 31  ? 3.475   -4.375  -7.679  1.00 24.33 ? 923  THR A O   1 
ATOM   214 C CB  . THR A 1 31  ? 0.925   -6.257  -8.042  1.00 25.13 ? 923  THR A CB  1 
ATOM   215 O OG1 . THR A 1 31  ? -0.137  -5.330  -8.175  1.00 30.33 ? 923  THR A OG1 1 
ATOM   216 C CG2 . THR A 1 31  ? 1.350   -6.385  -6.551  1.00 20.50 ? 923  THR A CG2 1 
ATOM   217 N N   . THR A 1 32  ? 2.212   -3.389  -9.216  1.00 17.99 ? 924  THR A N   1 
ATOM   218 C CA  . THR A 1 32  ? 2.633   -2.032  -8.845  1.00 18.53 ? 924  THR A CA  1 
ATOM   219 C C   . THR A 1 32  ? 1.501   -1.494  -7.978  1.00 22.57 ? 924  THR A C   1 
ATOM   220 O O   . THR A 1 32  ? 0.348   -1.476  -8.426  1.00 22.80 ? 924  THR A O   1 
ATOM   221 C CB  . THR A 1 32  ? 2.868   -1.157  -10.089 1.00 29.89 ? 924  THR A CB  1 
ATOM   222 O OG1 . THR A 1 32  ? 3.742   -1.853  -10.978 1.00 34.55 ? 924  THR A OG1 1 
ATOM   223 C CG2 . THR A 1 32  ? 3.489   0.214   -9.739  1.00 26.28 ? 924  THR A CG2 1 
ATOM   224 N N   . GLU A 1 33  ? 1.807   -1.149  -6.719  1.00 16.48 ? 925  GLU A N   1 
ATOM   225 C CA  . GLU A 1 33  ? 0.827   -0.619  -5.766  1.00 17.04 ? 925  GLU A CA  1 
ATOM   226 C C   . GLU A 1 33  ? 1.135   0.851   -5.524  1.00 21.09 ? 925  GLU A C   1 
ATOM   227 O O   . GLU A 1 33  ? 2.302   1.206   -5.392  1.00 21.89 ? 925  GLU A O   1 
ATOM   228 C CB  . GLU A 1 33  ? 0.884   -1.404  -4.447  1.00 18.38 ? 925  GLU A CB  1 
ATOM   229 C CG  . GLU A 1 33  ? 0.495   -2.879  -4.573  1.00 27.68 ? 925  GLU A CG  1 
ATOM   230 C CD  . GLU A 1 33  ? -0.927  -3.197  -4.996  1.00 41.02 ? 925  GLU A CD  1 
ATOM   231 O OE1 . GLU A 1 33  ? -1.855  -2.485  -4.555  1.00 39.51 ? 925  GLU A OE1 1 
ATOM   232 O OE2 . GLU A 1 33  ? -1.119  -4.194  -5.729  1.00 39.09 ? 925  GLU A OE2 1 
ATOM   233 N N   . THR A 1 34  ? 0.113   1.702   -5.459  1.00 17.42 ? 926  THR A N   1 
ATOM   234 C CA  . THR A 1 34  ? 0.343   3.137   -5.290  1.00 16.20 ? 926  THR A CA  1 
ATOM   235 C C   . THR A 1 34  ? 0.063   3.549   -3.866  1.00 19.35 ? 926  THR A C   1 
ATOM   236 O O   . THR A 1 34  ? -1.031  3.290   -3.352  1.00 18.75 ? 926  THR A O   1 
ATOM   237 C CB  . THR A 1 34  ? -0.528  3.935   -6.290  1.00 24.90 ? 926  THR A CB  1 
ATOM   238 O OG1 . THR A 1 34  ? -0.176  3.551   -7.617  1.00 27.76 ? 926  THR A OG1 1 
ATOM   239 C CG2 . THR A 1 34  ? -0.358  5.456   -6.140  1.00 20.60 ? 926  THR A CG2 1 
ATOM   240 N N   . PHE A 1 35  ? 1.021   4.242   -3.260  1.00 13.74 ? 927  PHE A N   1 
ATOM   241 C CA  . PHE A 1 35  ? 0.856   4.839   -1.948  1.00 13.73 ? 927  PHE A CA  1 
ATOM   242 C C   . PHE A 1 35  ? 0.789   6.338   -2.160  1.00 19.07 ? 927  PHE A C   1 
ATOM   243 O O   . PHE A 1 35  ? 1.376   6.851   -3.124  1.00 18.99 ? 927  PHE A O   1 
ATOM   244 C CB  . PHE A 1 35  ? 2.030   4.478   -1.023  1.00 16.04 ? 927  PHE A CB  1 
ATOM   245 C CG  . PHE A 1 35  ? 2.048   2.991   -0.744  1.00 19.32 ? 927  PHE A CG  1 
ATOM   246 C CD1 . PHE A 1 35  ? 2.709   2.118   -1.601  1.00 21.48 ? 927  PHE A CD1 1 
ATOM   247 C CD2 . PHE A 1 35  ? 1.319   2.457   0.316   1.00 22.22 ? 927  PHE A CD2 1 
ATOM   248 C CE1 . PHE A 1 35  ? 2.676   0.736   -1.389  1.00 23.55 ? 927  PHE A CE1 1 
ATOM   249 C CE2 . PHE A 1 35  ? 1.293   1.068   0.537   1.00 26.11 ? 927  PHE A CE2 1 
ATOM   250 C CZ  . PHE A 1 35  ? 1.972   0.222   -0.318  1.00 24.15 ? 927  PHE A CZ  1 
ATOM   251 N N   . TYR A 1 36  ? 0.079   7.035   -1.260  1.00 14.14 ? 928  TYR A N   1 
ATOM   252 C CA  . TYR A 1 36  ? -0.083  8.477   -1.352  1.00 12.26 ? 928  TYR A CA  1 
ATOM   253 C C   . TYR A 1 36  ? 0.664   9.145   -0.252  1.00 15.97 ? 928  TYR A C   1 
ATOM   254 O O   . TYR A 1 36  ? 0.732   8.645   0.876   1.00 17.94 ? 928  TYR A O   1 
ATOM   255 C CB  . TYR A 1 36  ? -1.585  8.883   -1.233  1.00 12.75 ? 928  TYR A CB  1 
ATOM   256 C CG  . TYR A 1 36  ? -2.438  8.649   -2.467  1.00 14.77 ? 928  TYR A CG  1 
ATOM   257 C CD1 . TYR A 1 36  ? -1.873  8.177   -3.657  1.00 15.99 ? 928  TYR A CD1 1 
ATOM   258 C CD2 . TYR A 1 36  ? -3.802  8.928   -2.455  1.00 15.88 ? 928  TYR A CD2 1 
ATOM   259 C CE1 . TYR A 1 36  ? -2.650  7.964   -4.796  1.00 15.39 ? 928  TYR A CE1 1 
ATOM   260 C CE2 . TYR A 1 36  ? -4.595  8.717   -3.591  1.00 17.12 ? 928  TYR A CE2 1 
ATOM   261 C CZ  . TYR A 1 36  ? -4.013  8.230   -4.753  1.00 19.72 ? 928  TYR A CZ  1 
ATOM   262 O OH  . TYR A 1 36  ? -4.768  8.007   -5.861  1.00 19.79 ? 928  TYR A OH  1 
ATOM   263 N N   . GLU A 1 37  ? 1.200   10.311  -0.593  1.00 13.43 ? 929  GLU A N   1 
ATOM   264 C CA  . GLU A 1 37  ? 1.909   11.192  0.325   1.00 12.83 ? 929  GLU A CA  1 
ATOM   265 C C   . GLU A 1 37  ? 1.070   12.456  0.521   1.00 15.77 ? 929  GLU A C   1 
ATOM   266 O O   . GLU A 1 37  ? 0.636   13.079  -0.458  1.00 13.29 ? 929  GLU A O   1 
ATOM   267 C CB  . GLU A 1 37  ? 3.281   11.562  -0.209  1.00 12.31 ? 929  GLU A CB  1 
ATOM   268 C CG  . GLU A 1 37  ? 4.081   12.314  0.858   1.00 19.63 ? 929  GLU A CG  1 
ATOM   269 C CD  . GLU A 1 37  ? 5.571   12.405  0.613   1.00 36.48 ? 929  GLU A CD  1 
ATOM   270 O OE1 . GLU A 1 37  ? 6.030   11.965  -0.462  1.00 28.62 ? 929  GLU A OE1 1 
ATOM   271 O OE2 . GLU A 1 37  ? 6.281   12.934  1.495   1.00 33.31 ? 929  GLU A OE2 1 
ATOM   272 N N   . VAL A 1 38  ? 0.815   12.802  1.789   1.00 11.48 ? 930  VAL A N   1 
ATOM   273 C CA  . VAL A 1 38  ? 0.036   13.995  2.155   1.00 12.37 ? 930  VAL A CA  1 
ATOM   274 C C   . VAL A 1 38  ? 0.777   14.778  3.257   1.00 15.80 ? 930  VAL A C   1 
ATOM   275 O O   . VAL A 1 38  ? 1.609   14.213  3.976   1.00 15.88 ? 930  VAL A O   1 
ATOM   276 C CB  . VAL A 1 38  ? -1.457  13.710  2.591   1.00 14.69 ? 930  VAL A CB  1 
ATOM   277 C CG1 . VAL A 1 38  ? -2.221  12.897  1.529   1.00 12.87 ? 930  VAL A CG1 1 
ATOM   278 C CG2 . VAL A 1 38  ? -1.508  13.014  3.959   1.00 14.67 ? 930  VAL A CG2 1 
ATOM   279 N N   . ASN A 1 39  ? 0.427   16.054  3.385   1.00 14.07 ? 931  ASN A N   1 
ATOM   280 C CA  . ASN A 1 39  ? 0.940   16.974  4.372   1.00 14.62 ? 931  ASN A CA  1 
ATOM   281 C C   . ASN A 1 39  ? -0.230  17.316  5.281   1.00 18.90 ? 931  ASN A C   1 
ATOM   282 O O   . ASN A 1 39  ? -1.175  17.966  4.846   1.00 16.10 ? 931  ASN A O   1 
ATOM   283 C CB  . ASN A 1 39  ? 1.432   18.244  3.657   1.00 17.78 ? 931  ASN A CB  1 
ATOM   284 C CG  . ASN A 1 39  ? 2.157   19.236  4.522   1.00 39.70 ? 931  ASN A CG  1 
ATOM   285 O OD1 . ASN A 1 39  ? 2.501   18.977  5.684   1.00 32.51 ? 931  ASN A OD1 1 
ATOM   286 N ND2 . ASN A 1 39  ? 2.510   20.356  3.921   1.00 33.52 ? 931  ASN A ND2 1 
ATOM   287 N N   . PHE A 1 40  ? -0.183  16.875  6.517   1.00 17.36 ? 932  PHE A N   1 
ATOM   288 C CA  . PHE A 1 40  ? -1.234  17.190  7.457   1.00 18.06 ? 932  PHE A CA  1 
ATOM   289 C C   . PHE A 1 40  ? -1.188  18.649  7.901   1.00 25.84 ? 932  PHE A C   1 
ATOM   290 O O   . PHE A 1 40  ? -0.156  19.306  7.780   1.00 24.63 ? 932  PHE A O   1 
ATOM   291 C CB  . PHE A 1 40  ? -1.234  16.210  8.637   1.00 19.02 ? 932  PHE A CB  1 
ATOM   292 C CG  . PHE A 1 40  ? -1.610  14.811  8.218   1.00 19.49 ? 932  PHE A CG  1 
ATOM   293 C CD1 . PHE A 1 40  ? -2.940  14.467  7.992   1.00 21.27 ? 932  PHE A CD1 1 
ATOM   294 C CD2 . PHE A 1 40  ? -0.632  13.840  8.024   1.00 19.77 ? 932  PHE A CD2 1 
ATOM   295 C CE1 . PHE A 1 40  ? -3.287  13.168  7.610   1.00 22.20 ? 932  PHE A CE1 1 
ATOM   296 C CE2 . PHE A 1 40  ? -0.977  12.539  7.648   1.00 22.42 ? 932  PHE A CE2 1 
ATOM   297 C CZ  . PHE A 1 40  ? -2.302  12.206  7.448   1.00 20.99 ? 932  PHE A CZ  1 
ATOM   298 N N   . ASP A 1 41  ? -2.338  19.169  8.361   1.00 25.90 ? 933  ASP A N   1 
ATOM   299 C CA  . ASP A 1 41  ? -2.500  20.551  8.820   1.00 27.15 ? 933  ASP A CA  1 
ATOM   300 C C   . ASP A 1 41  ? -1.549  20.921  9.975   1.00 30.39 ? 933  ASP A C   1 
ATOM   301 O O   . ASP A 1 41  ? -1.250  22.096  10.135  1.00 30.94 ? 933  ASP A O   1 
ATOM   302 C CB  . ASP A 1 41  ? -3.991  20.847  9.156   1.00 29.36 ? 933  ASP A CB  1 
ATOM   303 C CG  . ASP A 1 41  ? -4.960  20.695  7.981   1.00 40.27 ? 933  ASP A CG  1 
ATOM   304 O OD1 . ASP A 1 41  ? -4.503  20.739  6.816   1.00 40.34 ? 933  ASP A OD1 1 
ATOM   305 O OD2 . ASP A 1 41  ? -6.178  20.538  8.227   1.00 48.31 ? 933  ASP A OD2 1 
ATOM   306 N N   . ASP A 1 42  ? -0.968  19.925  10.688  1.00 26.21 ? 934  ASP A N   1 
ATOM   307 C CA  . ASP A 1 42  ? 0.017   20.186  11.749  1.00 25.94 ? 934  ASP A CA  1 
ATOM   308 C C   . ASP A 1 42  ? 1.468   20.294  11.217  1.00 28.22 ? 934  ASP A C   1 
ATOM   309 O O   . ASP A 1 42  ? 2.392   20.482  12.001  1.00 28.01 ? 934  ASP A O   1 
ATOM   310 C CB  . ASP A 1 42  ? -0.103  19.133  12.873  1.00 27.36 ? 934  ASP A CB  1 
ATOM   311 C CG  . ASP A 1 42  ? 0.406   17.738  12.516  1.00 30.07 ? 934  ASP A CG  1 
ATOM   312 O OD1 . ASP A 1 42  ? 0.538   17.440  11.314  1.00 25.57 ? 934  ASP A OD1 1 
ATOM   313 O OD2 . ASP A 1 42  ? 0.671   16.950  13.445  1.00 34.32 ? 934  ASP A OD2 1 
ATOM   314 N N   . GLY A 1 43  ? 1.641   20.160  9.893   1.00 22.38 ? 935  GLY A N   1 
ATOM   315 C CA  . GLY A 1 43  ? 2.944   20.201  9.228   1.00 20.07 ? 935  GLY A CA  1 
ATOM   316 C C   . GLY A 1 43  ? 3.615   18.838  9.074   1.00 21.64 ? 935  GLY A C   1 
ATOM   317 O O   . GLY A 1 43  ? 4.655   18.728  8.406   1.00 21.71 ? 935  GLY A O   1 
ATOM   318 N N   . SER A 1 44  ? 3.041   17.791  9.679   1.00 16.96 ? 936  SER A N   1 
ATOM   319 C CA  . SER A 1 44  ? 3.591   16.445  9.556   1.00 16.84 ? 936  SER A CA  1 
ATOM   320 C C   . SER A 1 44  ? 3.228   15.815  8.196   1.00 21.48 ? 936  SER A C   1 
ATOM   321 O O   . SER A 1 44  ? 2.305   16.272  7.530   1.00 20.00 ? 936  SER A O   1 
ATOM   322 C CB  . SER A 1 44  ? 3.183   15.550  10.720  1.00 17.40 ? 936  SER A CB  1 
ATOM   323 O OG  . SER A 1 44  ? 1.810   15.207  10.687  1.00 24.27 ? 936  SER A OG  1 
ATOM   324 N N   . PHE A 1 45  ? 4.009   14.831  7.763   1.00 17.50 ? 937  PHE A N   1 
ATOM   325 C CA  . PHE A 1 45  ? 3.819   14.150  6.481   1.00 16.62 ? 937  PHE A CA  1 
ATOM   326 C C   . PHE A 1 45  ? 3.680   12.660  6.675   1.00 19.98 ? 937  PHE A C   1 
ATOM   327 O O   . PHE A 1 45  ? 4.245   12.099  7.608   1.00 19.24 ? 937  PHE A O   1 
ATOM   328 C CB  . PHE A 1 45  ? 5.033   14.382  5.560   1.00 17.37 ? 937  PHE A CB  1 
ATOM   329 C CG  . PHE A 1 45  ? 5.175   15.750  4.952   1.00 19.92 ? 937  PHE A CG  1 
ATOM   330 C CD1 . PHE A 1 45  ? 5.537   16.844  5.736   1.00 22.69 ? 937  PHE A CD1 1 
ATOM   331 C CD2 . PHE A 1 45  ? 5.079   15.928  3.580   1.00 21.37 ? 937  PHE A CD2 1 
ATOM   332 C CE1 . PHE A 1 45  ? 5.687   18.111  5.170   1.00 24.62 ? 937  PHE A CE1 1 
ATOM   333 C CE2 . PHE A 1 45  ? 5.234   17.196  3.012   1.00 24.62 ? 937  PHE A CE2 1 
ATOM   334 C CZ  . PHE A 1 45  ? 5.526   18.281  3.808   1.00 23.03 ? 937  PHE A CZ  1 
ATOM   335 N N   . SER A 1 46  ? 2.994   12.005  5.746   1.00 17.64 ? 938  SER A N   1 
ATOM   336 C CA  . SER A 1 46  ? 2.904   10.552  5.722   1.00 18.58 ? 938  SER A CA  1 
ATOM   337 C C   . SER A 1 46  ? 2.932   10.138  4.276   1.00 20.21 ? 938  SER A C   1 
ATOM   338 O O   . SER A 1 46  ? 2.203   10.702  3.466   1.00 18.51 ? 938  SER A O   1 
ATOM   339 C CB  . SER A 1 46  ? 1.638   10.040  6.396   1.00 24.45 ? 938  SER A CB  1 
ATOM   340 O OG  . SER A 1 46  ? 1.513   8.660   6.078   1.00 33.15 ? 938  SER A OG  1 
ATOM   341 N N   . ASP A 1 47  ? 3.766   9.172   3.944   1.00 18.52 ? 939  ASP A N   1 
ATOM   342 C CA  . ASP A 1 47  ? 3.892   8.708   2.558   1.00 18.99 ? 939  ASP A CA  1 
ATOM   343 C C   . ASP A 1 47  ? 3.402   7.252   2.385   1.00 21.64 ? 939  ASP A C   1 
ATOM   344 O O   . ASP A 1 47  ? 3.765   6.575   1.415   1.00 22.18 ? 939  ASP A O   1 
ATOM   345 C CB  . ASP A 1 47  ? 5.359   8.872   2.123   1.00 21.42 ? 939  ASP A CB  1 
ATOM   346 C CG  . ASP A 1 47  ? 6.323   8.017   2.936   1.00 26.39 ? 939  ASP A CG  1 
ATOM   347 O OD1 . ASP A 1 47  ? 5.851   7.248   3.810   1.00 22.69 ? 939  ASP A OD1 1 
ATOM   348 O OD2 . ASP A 1 47  ? 7.523   8.059   2.654   1.00 25.04 ? 939  ASP A OD2 1 
ATOM   349 N N   . ASN A 1 48  ? 2.646   6.750   3.359   1.00 18.59 ? 940  ASN A N   1 
ATOM   350 C CA  . ASN A 1 48  ? 2.195   5.355   3.332   1.00 20.30 ? 940  ASN A CA  1 
ATOM   351 C C   . ASN A 1 48  ? 0.675   5.196   3.298   1.00 22.64 ? 940  ASN A C   1 
ATOM   352 O O   . ASN A 1 48  ? 0.169   4.119   3.609   1.00 22.66 ? 940  ASN A O   1 
ATOM   353 C CB  . ASN A 1 48  ? 2.823   4.542   4.486   1.00 28.20 ? 940  ASN A CB  1 
ATOM   354 C CG  . ASN A 1 48  ? 2.838   5.242   5.813   1.00 67.01 ? 940  ASN A CG  1 
ATOM   355 O OD1 . ASN A 1 48  ? 1.910   5.981   6.173   1.00 62.48 ? 940  ASN A OD1 1 
ATOM   356 N ND2 . ASN A 1 48  ? 3.915   5.037   6.565   1.00 63.01 ? 940  ASN A ND2 1 
ATOM   357 N N   . LEU A 1 49  ? -0.047  6.238   2.832   1.00 18.21 ? 941  LEU A N   1 
ATOM   358 C CA  . LEU A 1 49  ? -1.494  6.169   2.728   1.00 18.64 ? 941  LEU A CA  1 
ATOM   359 C C   . LEU A 1 49  ? -1.931  5.300   1.559   1.00 19.07 ? 941  LEU A C   1 
ATOM   360 O O   . LEU A 1 49  ? -1.350  5.387   0.482   1.00 16.99 ? 941  LEU A O   1 
ATOM   361 C CB  . LEU A 1 49  ? -2.050  7.562   2.472   1.00 20.11 ? 941  LEU A CB  1 
ATOM   362 C CG  . LEU A 1 49  ? -2.277  8.508   3.621   1.00 25.87 ? 941  LEU A CG  1 
ATOM   363 C CD1 . LEU A 1 49  ? -3.102  9.644   3.111   1.00 27.07 ? 941  LEU A CD1 1 
ATOM   364 C CD2 . LEU A 1 49  ? -3.093  7.833   4.761   1.00 27.94 ? 941  LEU A CD2 1 
ATOM   365 N N   . TYR A 1 50  ? -3.007  4.541   1.736   1.00 16.98 ? 942  TYR A N   1 
ATOM   366 C CA  . TYR A 1 50  ? -3.616  3.840   0.620   1.00 17.47 ? 942  TYR A CA  1 
ATOM   367 C C   . TYR A 1 50  ? -4.541  4.852   -0.098  1.00 17.23 ? 942  TYR A C   1 
ATOM   368 O O   . TYR A 1 50  ? -5.186  5.650   0.578   1.00 17.03 ? 942  TYR A O   1 
ATOM   369 C CB  . TYR A 1 50  ? -4.464  2.659   1.108   1.00 21.54 ? 942  TYR A CB  1 
ATOM   370 C CG  . TYR A 1 50  ? -3.707  1.586   1.863   1.00 29.00 ? 942  TYR A CG  1 
ATOM   371 C CD1 . TYR A 1 50  ? -2.678  0.873   1.254   1.00 32.93 ? 942  TYR A CD1 1 
ATOM   372 C CD2 . TYR A 1 50  ? -4.104  1.194   3.135   1.00 31.50 ? 942  TYR A CD2 1 
ATOM   373 C CE1 . TYR A 1 50  ? -2.019  -0.161  1.921   1.00 37.28 ? 942  TYR A CE1 1 
ATOM   374 C CE2 . TYR A 1 50  ? -3.457  0.159   3.810   1.00 33.53 ? 942  TYR A CE2 1 
ATOM   375 C CZ  . TYR A 1 50  ? -2.403  -0.505  3.205   1.00 44.62 ? 942  TYR A CZ  1 
ATOM   376 O OH  . TYR A 1 50  ? -1.761  -1.523  3.869   1.00 47.33 ? 942  TYR A OH  1 
ATOM   377 N N   . PRO A 1 51  ? -4.780  4.717   -1.419  1.00 14.03 ? 943  PRO A N   1 
ATOM   378 C CA  . PRO A 1 51  ? -5.740  5.621   -2.106  1.00 14.27 ? 943  PRO A CA  1 
ATOM   379 C C   . PRO A 1 51  ? -7.157  5.660   -1.491  1.00 17.84 ? 943  PRO A C   1 
ATOM   380 O O   . PRO A 1 51  ? -7.739  6.750   -1.400  1.00 18.26 ? 943  PRO A O   1 
ATOM   381 C CB  . PRO A 1 51  ? -5.725  5.100   -3.547  1.00 15.97 ? 943  PRO A CB  1 
ATOM   382 C CG  . PRO A 1 51  ? -4.253  4.571   -3.696  1.00 20.55 ? 943  PRO A CG  1 
ATOM   383 C CD  . PRO A 1 51  ? -4.111  3.814   -2.398  1.00 16.86 ? 943  PRO A CD  1 
ATOM   384 N N   . GLU A 1 52  ? -7.648  4.505   -0.958  1.00 15.77 ? 944  GLU A N   1 
ATOM   385 C CA  . GLU A 1 52  ? -8.936  4.384   -0.237  1.00 17.00 ? 944  GLU A CA  1 
ATOM   386 C C   . GLU A 1 52  ? -8.968  5.215   1.065   1.00 21.19 ? 944  GLU A C   1 
ATOM   387 O O   . GLU A 1 52  ? -10.067 5.510   1.554   1.00 22.86 ? 944  GLU A O   1 
ATOM   388 C CB  . GLU A 1 52  ? -9.249  2.912   0.106   1.00 18.07 ? 944  GLU A CB  1 
ATOM   389 C CG  . GLU A 1 52  ? -9.162  2.000   -1.098  1.00 31.60 ? 944  GLU A CG  1 
ATOM   390 C CD  . GLU A 1 52  ? -7.859  1.228   -1.138  1.00 54.54 ? 944  GLU A CD  1 
ATOM   391 O OE1 . GLU A 1 52  ? -6.823  1.827   -1.510  1.00 27.01 ? 944  GLU A OE1 1 
ATOM   392 O OE2 . GLU A 1 52  ? -7.863  0.044   -0.735  1.00 56.75 ? 944  GLU A OE2 1 
ATOM   393 N N   . ASP A 1 53  ? -7.789  5.526   1.675   1.00 16.24 ? 945  ASP A N   1 
ATOM   394 C CA  . ASP A 1 53  ? -7.733  6.375   2.892   1.00 14.56 ? 945  ASP A CA  1 
ATOM   395 C C   . ASP A 1 53  ? -8.144  7.840   2.618   1.00 17.52 ? 945  ASP A C   1 
ATOM   396 O O   . ASP A 1 53  ? -8.416  8.574   3.563   1.00 17.35 ? 945  ASP A O   1 
ATOM   397 C CB  . ASP A 1 53  ? -6.371  6.312   3.608   1.00 15.42 ? 945  ASP A CB  1 
ATOM   398 C CG  . ASP A 1 53  ? -5.926  4.921   4.063   1.00 30.27 ? 945  ASP A CG  1 
ATOM   399 O OD1 . ASP A 1 53  ? -6.805  4.089   4.376   1.00 28.37 ? 945  ASP A OD1 1 
ATOM   400 O OD2 . ASP A 1 53  ? -4.687  4.674   4.115   1.00 31.36 ? 945  ASP A OD2 1 
ATOM   401 N N   . ILE A 1 54  ? -8.176  8.269   1.340   1.00 15.28 ? 946  ILE A N   1 
ATOM   402 C CA  . ILE A 1 54  ? -8.699  9.591   0.954   1.00 15.34 ? 946  ILE A CA  1 
ATOM   403 C C   . ILE A 1 54  ? -10.219 9.430   0.932   1.00 20.88 ? 946  ILE A C   1 
ATOM   404 O O   . ILE A 1 54  ? -10.757 8.734   0.058   1.00 22.34 ? 946  ILE A O   1 
ATOM   405 C CB  . ILE A 1 54  ? -8.168  10.116  -0.408  1.00 18.90 ? 946  ILE A CB  1 
ATOM   406 C CG1 . ILE A 1 54  ? -6.611  10.150  -0.450  1.00 19.26 ? 946  ILE A CG1 1 
ATOM   407 C CG2 . ILE A 1 54  ? -8.782  11.507  -0.732  1.00 19.59 ? 946  ILE A CG2 1 
ATOM   408 C CD1 . ILE A 1 54  ? -5.919  11.099  0.489   1.00 22.91 ? 946  ILE A CD1 1 
ATOM   409 N N   . VAL A 1 55  ? -10.898 9.998   1.924   1.00 17.48 ? 947  VAL A N   1 
ATOM   410 C CA  . VAL A 1 55  ? -12.352 9.797   2.041   1.00 18.68 ? 947  VAL A CA  1 
ATOM   411 C C   . VAL A 1 55  ? -13.146 10.919  1.405   1.00 24.92 ? 947  VAL A C   1 
ATOM   412 O O   . VAL A 1 55  ? -14.363 10.779  1.278   1.00 26.67 ? 947  VAL A O   1 
ATOM   413 C CB  . VAL A 1 55  ? -12.798 9.512   3.511   1.00 22.99 ? 947  VAL A CB  1 
ATOM   414 C CG1 . VAL A 1 55  ? -12.221 8.190   3.991   1.00 22.97 ? 947  VAL A CG1 1 
ATOM   415 C CG2 . VAL A 1 55  ? -12.383 10.654  4.452   1.00 22.78 ? 947  VAL A CG2 1 
ATOM   416 N N   . SER A 1 56  ? -12.479 12.021  1.008   1.00 19.46 ? 948  SER A N   1 
ATOM   417 C CA  . SER A 1 56  ? -13.161 13.159  0.366   1.00 18.31 ? 948  SER A CA  1 
ATOM   418 C C   . SER A 1 56  ? -13.363 12.978  -1.152  1.00 23.07 ? 948  SER A C   1 
ATOM   419 O O   . SER A 1 56  ? -13.983 13.828  -1.777  1.00 24.19 ? 948  SER A O   1 
ATOM   420 C CB  . SER A 1 56  ? -12.430 14.465  0.662   1.00 18.23 ? 948  SER A CB  1 
ATOM   421 O OG  . SER A 1 56  ? -11.079 14.336  0.266   1.00 19.12 ? 948  SER A OG  1 
ATOM   422 N N   . GLN A 1 57  ? -12.812 11.901  -1.742  1.00 20.40 ? 949  GLN A N   1 
ATOM   423 C CA  . GLN A 1 57  ? -12.964 11.587  -3.164  1.00 21.50 ? 949  GLN A CA  1 
ATOM   424 C C   . GLN A 1 57  ? -12.771 10.116  -3.450  1.00 23.95 ? 949  GLN A C   1 
ATOM   425 O O   . GLN A 1 57  ? -12.360 9.365   -2.570  1.00 24.05 ? 949  GLN A O   1 
ATOM   426 C CB  . GLN A 1 57  ? -12.091 12.472  -4.083  1.00 23.82 ? 949  GLN A CB  1 
ATOM   427 C CG  . GLN A 1 57  ? -10.618 12.541  -3.775  1.00 33.22 ? 949  GLN A CG  1 
ATOM   428 C CD  . GLN A 1 57  ? -9.922  13.525  -4.689  1.00 46.91 ? 949  GLN A CD  1 
ATOM   429 O OE1 . GLN A 1 57  ? -9.374  13.160  -5.729  1.00 47.13 ? 949  GLN A OE1 1 
ATOM   430 N NE2 . GLN A 1 57  ? -9.919  14.794  -4.322  1.00 29.92 ? 949  GLN A NE2 1 
ATOM   431 N N   . ASP A 1 58  ? -13.089 9.691   -4.681  1.00 19.51 ? 950  ASP A N   1 
ATOM   432 C CA  . ASP A 1 58  ? -12.907 8.310   -5.083  1.00 18.77 ? 950  ASP A CA  1 
ATOM   433 C C   . ASP A 1 58  ? -11.638 8.211   -5.944  1.00 20.91 ? 950  ASP A C   1 
ATOM   434 O O   . ASP A 1 58  ? -11.704 8.190   -7.179  1.00 18.95 ? 950  ASP A O   1 
ATOM   435 C CB  . ASP A 1 58  ? -14.149 7.798   -5.837  1.00 20.62 ? 950  ASP A CB  1 
ATOM   436 C CG  . ASP A 1 58  ? -14.163 6.294   -6.082  1.00 26.49 ? 950  ASP A CG  1 
ATOM   437 O OD1 . ASP A 1 58  ? -13.108 5.637   -5.869  1.00 26.52 ? 950  ASP A OD1 1 
ATOM   438 O OD2 . ASP A 1 58  ? -15.214 5.773   -6.527  1.00 27.96 ? 950  ASP A OD2 1 
ATOM   439 N N   . CYS A 1 59  ? -10.479 8.117   -5.291  1.00 17.51 ? 951  CYS A N   1 
ATOM   440 C CA  . CYS A 1 59  ? -9.210  8.039   -6.023  1.00 16.31 ? 951  CYS A CA  1 
ATOM   441 C C   . CYS A 1 59  ? -9.050  6.763   -6.851  1.00 18.03 ? 951  CYS A C   1 
ATOM   442 O O   . CYS A 1 59  ? -8.444  6.805   -7.917  1.00 18.01 ? 951  CYS A O   1 
ATOM   443 C CB  . CYS A 1 59  ? -8.040  8.252   -5.078  1.00 16.45 ? 951  CYS A CB  1 
ATOM   444 S SG  . CYS A 1 59  ? -8.083  9.858   -4.265  1.00 20.44 ? 951  CYS A SG  1 
ATOM   445 N N   . LEU A 1 60  ? -9.629  5.664   -6.420  1.00 17.50 ? 952  LEU A N   1 
ATOM   446 C CA  . LEU A 1 60  ? -9.552  4.430   -7.225  1.00 19.51 ? 952  LEU A CA  1 
ATOM   447 C C   . LEU A 1 60  ? -10.251 4.584   -8.590  1.00 20.68 ? 952  LEU A C   1 
ATOM   448 O O   . LEU A 1 60  ? -9.749  4.118   -9.606  1.00 19.86 ? 952  LEU A O   1 
ATOM   449 C CB  . LEU A 1 60  ? -10.127 3.222   -6.460  1.00 20.31 ? 952  LEU A CB  1 
ATOM   450 C CG  . LEU A 1 60  ? -9.289  2.692   -5.272  1.00 27.01 ? 952  LEU A CG  1 
ATOM   451 C CD1 . LEU A 1 60  ? -9.925  1.415   -4.702  1.00 29.10 ? 952  LEU A CD1 1 
ATOM   452 C CD2 . LEU A 1 60  ? -7.845  2.366   -5.689  1.00 30.61 ? 952  LEU A CD2 1 
ATOM   453 N N   . GLN A 1 61  ? -11.371 5.288   -8.606  1.00 16.44 ? 953  GLN A N   1 
ATOM   454 C CA  . GLN A 1 61  ? -12.110 5.538   -9.826  1.00 16.20 ? 953  GLN A CA  1 
ATOM   455 C C   . GLN A 1 61  ? -11.527 6.737   -10.605 1.00 16.15 ? 953  GLN A C   1 
ATOM   456 O O   . GLN A 1 61  ? -11.397 6.668   -11.825 1.00 15.60 ? 953  GLN A O   1 
ATOM   457 C CB  . GLN A 1 61  ? -13.591 5.837   -9.477  1.00 18.38 ? 953  GLN A CB  1 
ATOM   458 C CG  . GLN A 1 61  ? -14.429 6.098   -10.715 1.00 23.61 ? 953  GLN A CG  1 
ATOM   459 C CD  . GLN A 1 61  ? -15.893 6.262   -10.425 1.00 37.02 ? 953  GLN A CD  1 
ATOM   460 O OE1 . GLN A 1 61  ? -16.386 6.109   -9.299  1.00 33.11 ? 953  GLN A OE1 1 
ATOM   461 N NE2 . GLN A 1 61  ? -16.614 6.579   -11.451 1.00 23.69 ? 953  GLN A NE2 1 
ATOM   462 N N   . PHE A 1 62  ? -11.245 7.849   -9.920  1.00 15.52 ? 954  PHE A N   1 
ATOM   463 C CA  . PHE A 1 62  ? -10.830 9.091   -10.593 1.00 16.39 ? 954  PHE A CA  1 
ATOM   464 C C   . PHE A 1 62  ? -9.378  9.450   -10.545 1.00 21.34 ? 954  PHE A C   1 
ATOM   465 O O   . PHE A 1 62  ? -8.994  10.438  -11.158 1.00 20.87 ? 954  PHE A O   1 
ATOM   466 C CB  . PHE A 1 62  ? -11.642 10.276  -10.068 1.00 19.76 ? 954  PHE A CB  1 
ATOM   467 C CG  . PHE A 1 62  ? -13.098 10.217  -10.446 1.00 22.51 ? 954  PHE A CG  1 
ATOM   468 C CD1 . PHE A 1 62  ? -13.519 10.604  -11.710 1.00 26.86 ? 954  PHE A CD1 1 
ATOM   469 C CD2 . PHE A 1 62  ? -14.052 9.762   -9.540  1.00 24.13 ? 954  PHE A CD2 1 
ATOM   470 C CE1 . PHE A 1 62  ? -14.873 10.553  -12.059 1.00 27.99 ? 954  PHE A CE1 1 
ATOM   471 C CE2 . PHE A 1 62  ? -15.400 9.713   -9.889  1.00 27.36 ? 954  PHE A CE2 1 
ATOM   472 C CZ  . PHE A 1 62  ? -15.802 10.107  -11.148 1.00 25.52 ? 954  PHE A CZ  1 
ATOM   473 N N   . GLY A 1 63  ? -8.553  8.672   -9.874  1.00 16.80 ? 955  GLY A N   1 
ATOM   474 C CA  . GLY A 1 63  ? -7.129  8.968   -9.863  1.00 17.24 ? 955  GLY A CA  1 
ATOM   475 C C   . GLY A 1 63  ? -6.725  9.842   -8.699  1.00 19.39 ? 955  GLY A C   1 
ATOM   476 O O   . GLY A 1 63  ? -7.563  10.221  -7.880  1.00 16.39 ? 955  GLY A O   1 
ATOM   477 N N   . PRO A 1 64  ? -5.431  10.167  -8.582  1.00 17.24 ? 956  PRO A N   1 
ATOM   478 C CA  . PRO A 1 64  ? -4.997  10.917  -7.392  1.00 16.31 ? 956  PRO A CA  1 
ATOM   479 C C   . PRO A 1 64  ? -5.527  12.346  -7.336  1.00 19.34 ? 956  PRO A C   1 
ATOM   480 O O   . PRO A 1 64  ? -5.852  12.920  -8.371  1.00 17.86 ? 956  PRO A O   1 
ATOM   481 C CB  . PRO A 1 64  ? -3.458  10.880  -7.485  1.00 19.11 ? 956  PRO A CB  1 
ATOM   482 C CG  . PRO A 1 64  ? -3.169  10.698  -8.965  1.00 22.85 ? 956  PRO A CG  1 
ATOM   483 C CD  . PRO A 1 64  ? -4.292  9.798   -9.451  1.00 19.00 ? 956  PRO A CD  1 
ATOM   484 N N   . PRO A 1 65  ? -5.594  12.972  -6.157  1.00 15.93 ? 957  PRO A N   1 
ATOM   485 C CA  . PRO A 1 65  ? -5.944  14.399  -6.124  1.00 15.11 ? 957  PRO A CA  1 
ATOM   486 C C   . PRO A 1 65  ? -4.868  15.215  -6.853  1.00 20.07 ? 957  PRO A C   1 
ATOM   487 O O   . PRO A 1 65  ? -3.783  14.690  -7.167  1.00 17.93 ? 957  PRO A O   1 
ATOM   488 C CB  . PRO A 1 65  ? -5.929  14.728  -4.616  1.00 17.30 ? 957  PRO A CB  1 
ATOM   489 C CG  . PRO A 1 65  ? -6.023  13.378  -3.911  1.00 21.85 ? 957  PRO A CG  1 
ATOM   490 C CD  . PRO A 1 65  ? -5.260  12.464  -4.808  1.00 18.02 ? 957  PRO A CD  1 
ATOM   491 N N   . ALA A 1 66  ? -5.144  16.501  -7.117  1.00 18.94 ? 958  ALA A N   1 
ATOM   492 C CA  . ALA A 1 66  ? -4.134  17.356  -7.730  1.00 18.60 ? 958  ALA A CA  1 
ATOM   493 C C   . ALA A 1 66  ? -3.079  17.686  -6.638  1.00 21.72 ? 958  ALA A C   1 
ATOM   494 O O   . ALA A 1 66  ? -3.391  17.651  -5.441  1.00 18.82 ? 958  ALA A O   1 
ATOM   495 C CB  . ALA A 1 66  ? -4.779  18.653  -8.225  1.00 19.21 ? 958  ALA A CB  1 
ATOM   496 N N   . GLU A 1 67  ? -1.843  18.004  -7.035  1.00 20.27 ? 959  GLU A N   1 
ATOM   497 C CA  . GLU A 1 67  ? -0.815  18.416  -6.075  1.00 20.86 ? 959  GLU A CA  1 
ATOM   498 C C   . GLU A 1 67  ? -1.329  19.710  -5.406  1.00 22.74 ? 959  GLU A C   1 
ATOM   499 O O   . GLU A 1 67  ? -1.798  20.618  -6.107  1.00 22.52 ? 959  GLU A O   1 
ATOM   500 C CB  . GLU A 1 67  ? 0.514   18.647  -6.845  1.00 23.08 ? 959  GLU A CB  1 
ATOM   501 C CG  . GLU A 1 67  ? 1.501   19.595  -6.200  1.00 36.41 ? 959  GLU A CG  1 
ATOM   502 C CD  . GLU A 1 67  ? 2.666   19.927  -7.113  1.00 63.53 ? 959  GLU A CD  1 
ATOM   503 O OE1 . GLU A 1 67  ? 2.488   20.742  -8.051  1.00 59.47 ? 959  GLU A OE1 1 
ATOM   504 O OE2 . GLU A 1 67  ? 3.761   19.363  -6.891  1.00 57.10 ? 959  GLU A OE2 1 
ATOM   505 N N   . GLY A 1 68  ? -1.340  19.743  -4.074  1.00 17.55 ? 960  GLY A N   1 
ATOM   506 C CA  . GLY A 1 68  ? -1.836  20.904  -3.337  1.00 16.39 ? 960  GLY A CA  1 
ATOM   507 C C   . GLY A 1 68  ? -3.333  20.834  -3.041  1.00 16.64 ? 960  GLY A C   1 
ATOM   508 O O   . GLY A 1 68  ? -3.864  21.687  -2.346  1.00 15.62 ? 960  GLY A O   1 
ATOM   509 N N   . GLU A 1 69  ? -4.020  19.756  -3.477  1.00 14.11 ? 961  GLU A N   1 
ATOM   510 C CA  . GLU A 1 69  ? -5.457  19.643  -3.224  1.00 13.43 ? 961  GLU A CA  1 
ATOM   511 C C   . GLU A 1 69  ? -5.724  19.319  -1.745  1.00 17.35 ? 961  GLU A C   1 
ATOM   512 O O   . GLU A 1 69  ? -5.049  18.454  -1.179  1.00 17.35 ? 961  GLU A O   1 
ATOM   513 C CB  . GLU A 1 69  ? -6.079  18.570  -4.139  1.00 14.09 ? 961  GLU A CB  1 
ATOM   514 C CG  . GLU A 1 69  ? -7.578  18.514  -3.947  1.00 16.40 ? 961  GLU A CG  1 
ATOM   515 C CD  . GLU A 1 69  ? -8.389  17.782  -4.999  1.00 30.37 ? 961  GLU A CD  1 
ATOM   516 O OE1 . GLU A 1 69  ? -7.821  17.316  -6.013  1.00 21.65 ? 961  GLU A OE1 1 
ATOM   517 O OE2 . GLU A 1 69  ? -9.605  17.634  -4.764  1.00 34.37 ? 961  GLU A OE2 1 
ATOM   518 N N   . VAL A 1 70  ? -6.708  20.005  -1.136  1.00 14.06 ? 962  VAL A N   1 
ATOM   519 C CA  . VAL A 1 70  ? -7.123  19.782  0.251   1.00 14.69 ? 962  VAL A CA  1 
ATOM   520 C C   . VAL A 1 70  ? -8.022  18.572  0.256   1.00 18.92 ? 962  VAL A C   1 
ATOM   521 O O   . VAL A 1 70  ? -9.005  18.500  -0.494  1.00 20.30 ? 962  VAL A O   1 
ATOM   522 C CB  . VAL A 1 70  ? -7.785  21.017  0.912   1.00 20.93 ? 962  VAL A CB  1 
ATOM   523 C CG1 . VAL A 1 70  ? -8.201  20.718  2.366   1.00 21.84 ? 962  VAL A CG1 1 
ATOM   524 C CG2 . VAL A 1 70  ? -6.850  22.209  0.868   1.00 20.96 ? 962  VAL A CG2 1 
ATOM   525 N N   . VAL A 1 71  ? -7.678  17.615  1.081   1.00 13.56 ? 963  VAL A N   1 
ATOM   526 C CA  . VAL A 1 71  ? -8.380  16.346  1.135   1.00 14.26 ? 963  VAL A CA  1 
ATOM   527 C C   . VAL A 1 71  ? -8.693  15.992  2.574   1.00 17.78 ? 963  VAL A C   1 
ATOM   528 O O   . VAL A 1 71  ? -8.100  16.562  3.489   1.00 17.29 ? 963  VAL A O   1 
ATOM   529 C CB  . VAL A 1 71  ? -7.511  15.229  0.458   1.00 19.00 ? 963  VAL A CB  1 
ATOM   530 C CG1 . VAL A 1 71  ? -7.377  15.461  -1.049  1.00 19.41 ? 963  VAL A CG1 1 
ATOM   531 C CG2 . VAL A 1 71  ? -6.121  15.085  1.124   1.00 17.40 ? 963  VAL A CG2 1 
ATOM   532 N N   . GLN A 1 72  ? -9.546  14.985  2.757   1.00 14.61 ? 964  GLN A N   1 
ATOM   533 C CA  . GLN A 1 72  ? -9.867  14.421  4.068   1.00 14.60 ? 964  GLN A CA  1 
ATOM   534 C C   . GLN A 1 72  ? -9.320  13.007  4.056   1.00 16.44 ? 964  GLN A C   1 
ATOM   535 O O   . GLN A 1 72  ? -9.538  12.256  3.098   1.00 15.48 ? 964  GLN A O   1 
ATOM   536 C CB  . GLN A 1 72  ? -11.374 14.403  4.326   1.00 15.68 ? 964  GLN A CB  1 
ATOM   537 C CG  . GLN A 1 72  ? -12.027 15.783  4.397   1.00 27.77 ? 964  GLN A CG  1 
ATOM   538 C CD  . GLN A 1 72  ? -13.506 15.621  4.704   1.00 50.61 ? 964  GLN A CD  1 
ATOM   539 O OE1 . GLN A 1 72  ? -14.249 14.944  3.985   1.00 47.55 ? 964  GLN A OE1 1 
ATOM   540 N NE2 . GLN A 1 72  ? -13.953 16.188  5.812   1.00 41.33 ? 964  GLN A NE2 1 
ATOM   541 N N   . VAL A 1 73  ? -8.578  12.659  5.100   1.00 14.31 ? 965  VAL A N   1 
ATOM   542 C CA  . VAL A 1 73  ? -7.877  11.379  5.194   1.00 15.15 ? 965  VAL A CA  1 
ATOM   543 C C   . VAL A 1 73  ? -8.295  10.643  6.434   1.00 19.02 ? 965  VAL A C   1 
ATOM   544 O O   . VAL A 1 73  ? -8.175  11.203  7.521   1.00 19.11 ? 965  VAL A O   1 
ATOM   545 C CB  . VAL A 1 73  ? -6.358  11.674  5.255   1.00 20.40 ? 965  VAL A CB  1 
ATOM   546 C CG1 . VAL A 1 73  ? -5.534  10.411  5.580   1.00 20.11 ? 965  VAL A CG1 1 
ATOM   547 C CG2 . VAL A 1 73  ? -5.885  12.360  3.977   1.00 20.62 ? 965  VAL A CG2 1 
ATOM   548 N N   . ARG A 1 74  ? -8.668  9.365   6.289   1.00 16.65 ? 966  ARG A N   1 
ATOM   549 C CA  . ARG A 1 74  ? -8.950  8.551   7.453   1.00 18.76 ? 966  ARG A CA  1 
ATOM   550 C C   . ARG A 1 74  ? -7.633  7.903   7.866   1.00 26.11 ? 966  ARG A C   1 
ATOM   551 O O   . ARG A 1 74  ? -7.029  7.145   7.096   1.00 25.99 ? 966  ARG A O   1 
ATOM   552 C CB  . ARG A 1 74  ? -10.049 7.499   7.218   1.00 19.85 ? 966  ARG A CB  1 
ATOM   553 C CG  . ARG A 1 74  ? -10.456 6.846   8.562   1.00 28.27 ? 966  ARG A CG  1 
ATOM   554 C CD  . ARG A 1 74  ? -11.660 5.924   8.497   1.00 28.02 ? 966  ARG A CD  1 
ATOM   555 N NE  . ARG A 1 74  ? -12.851 6.543   7.915   1.00 39.50 ? 966  ARG A NE  1 
ATOM   556 C CZ  . ARG A 1 74  ? -13.792 7.175   8.604   1.00 47.38 ? 966  ARG A CZ  1 
ATOM   557 N NH1 . ARG A 1 74  ? -13.684 7.314   9.914   1.00 39.15 ? 966  ARG A NH1 1 
ATOM   558 N NH2 . ARG A 1 74  ? -14.834 7.701   7.982   1.00 40.18 ? 966  ARG A NH2 1 
ATOM   559 N N   . TRP A 1 75  ? -7.166  8.259   9.058   1.00 25.22 ? 967  TRP A N   1 
ATOM   560 C CA  . TRP A 1 75  ? -5.915  7.770   9.633   1.00 27.24 ? 967  TRP A CA  1 
ATOM   561 C C   . TRP A 1 75  ? -6.125  6.412   10.362  1.00 29.44 ? 967  TRP A C   1 
ATOM   562 O O   . TRP A 1 75  ? -7.239  5.915   10.398  1.00 29.70 ? 967  TRP A O   1 
ATOM   563 C CB  . TRP A 1 75  ? -5.357  8.871   10.552  1.00 27.14 ? 967  TRP A CB  1 
ATOM   564 C CG  . TRP A 1 75  ? -3.942  8.687   11.021  1.00 28.65 ? 967  TRP A CG  1 
ATOM   565 C CD1 . TRP A 1 75  ? -3.525  8.581   12.316  1.00 31.90 ? 967  TRP A CD1 1 
ATOM   566 C CD2 . TRP A 1 75  ? -2.759  8.636   10.211  1.00 28.29 ? 967  TRP A CD2 1 
ATOM   567 N NE1 . TRP A 1 75  ? -2.159  8.468   12.366  1.00 31.53 ? 967  TRP A NE1 1 
ATOM   568 C CE2 . TRP A 1 75  ? -1.661  8.468   11.087  1.00 32.59 ? 967  TRP A CE2 1 
ATOM   569 C CE3 . TRP A 1 75  ? -2.524  8.593   8.824   1.00 29.38 ? 967  TRP A CE3 1 
ATOM   570 C CZ2 . TRP A 1 75  ? -0.344  8.344   10.627  1.00 31.49 ? 967  TRP A CZ2 1 
ATOM   571 C CZ3 . TRP A 1 75  ? -1.217  8.502   8.368   1.00 30.36 ? 967  TRP A CZ3 1 
ATOM   572 C CH2 . TRP A 1 75  ? -0.146  8.369   9.261   1.00 30.88 ? 967  TRP A CH2 1 
ATOM   573 N N   . THR A 1 76  ? -5.062  5.828   10.941  1.00 28.73 ? 968  THR A N   1 
ATOM   574 C CA  . THR A 1 76  ? -5.037  4.523   11.638  1.00 29.10 ? 968  THR A CA  1 
ATOM   575 C C   . THR A 1 76  ? -5.937  4.419   12.894  1.00 32.20 ? 968  THR A C   1 
ATOM   576 O O   . THR A 1 76  ? -6.134  3.319   13.411  1.00 32.30 ? 968  THR A O   1 
ATOM   577 C CB  . THR A 1 76  ? -3.610  4.196   12.040  1.00 34.51 ? 968  THR A CB  1 
ATOM   578 O OG1 . THR A 1 76  ? -3.220  5.157   13.023  1.00 40.12 ? 968  THR A OG1 1 
ATOM   579 C CG2 . THR A 1 76  ? -2.615  4.237   10.837  1.00 33.00 ? 968  THR A CG2 1 
ATOM   580 N N   . ASP A 1 77  ? -6.405  5.557   13.424  1.00 25.47 ? 969  ASP A N   1 
ATOM   581 C CA  . ASP A 1 77  ? -7.224  5.619   14.632  1.00 23.83 ? 969  ASP A CA  1 
ATOM   582 C C   . ASP A 1 77  ? -8.724  5.704   14.278  1.00 29.57 ? 969  ASP A C   1 
ATOM   583 O O   . ASP A 1 77  ? -9.587  5.798   15.165  1.00 28.62 ? 969  ASP A O   1 
ATOM   584 C CB  . ASP A 1 77  ? -6.766  6.813   15.476  1.00 26.44 ? 969  ASP A CB  1 
ATOM   585 C CG  . ASP A 1 77  ? -6.681  8.158   14.752  1.00 32.76 ? 969  ASP A CG  1 
ATOM   586 O OD1 . ASP A 1 77  ? -7.151  8.243   13.578  1.00 29.62 ? 969  ASP A OD1 1 
ATOM   587 O OD2 . ASP A 1 77  ? -6.096  9.104   15.326  1.00 37.75 ? 969  ASP A OD2 1 
ATOM   588 N N   . GLY A 1 78  ? -8.998  5.680   12.973  1.00 25.05 ? 970  GLY A N   1 
ATOM   589 C CA  . GLY A 1 78  ? -10.337 5.797   12.428  1.00 24.41 ? 970  GLY A CA  1 
ATOM   590 C C   . GLY A 1 78  ? -10.776 7.233   12.324  1.00 26.56 ? 970  GLY A C   1 
ATOM   591 O O   . GLY A 1 78  ? -11.896 7.500   11.888  1.00 28.34 ? 970  GLY A O   1 
ATOM   592 N N   . GLN A 1 79  ? -9.925  8.174   12.783  1.00 23.19 ? 971  GLN A N   1 
ATOM   593 C CA  . GLN A 1 79  ? -10.250 9.588   12.715  1.00 22.07 ? 971  GLN A CA  1 
ATOM   594 C C   . GLN A 1 79  ? -9.918  10.163  11.327  1.00 22.34 ? 971  GLN A C   1 
ATOM   595 O O   . GLN A 1 79  ? -8.953  9.757   10.687  1.00 20.69 ? 971  GLN A O   1 
ATOM   596 C CB  . GLN A 1 79  ? -9.557  10.408  13.831  1.00 22.70 ? 971  GLN A CB  1 
ATOM   597 C CG  . GLN A 1 79  ? -9.881  11.923  13.841  1.00 28.21 ? 971  GLN A CG  1 
ATOM   598 C CD  . GLN A 1 79  ? -11.343 12.274  14.014  1.00 40.74 ? 971  GLN A CD  1 
ATOM   599 O OE1 . GLN A 1 79  ? -12.213 11.957  13.184  1.00 33.02 ? 971  GLN A OE1 1 
ATOM   600 N NE2 . GLN A 1 79  ? -11.615 13.071  15.022  1.00 38.09 ? 971  GLN A NE2 1 
ATOM   601 N N   . VAL A 1 80  ? -10.729 11.127  10.909  1.00 18.79 ? 972  VAL A N   1 
ATOM   602 C CA  . VAL A 1 80  ? -10.577 11.837  9.654   1.00 17.71 ? 972  VAL A CA  1 
ATOM   603 C C   . VAL A 1 80  ? -9.908  13.171  9.960   1.00 19.41 ? 972  VAL A C   1 
ATOM   604 O O   . VAL A 1 80  ? -10.344 13.889  10.863  1.00 19.07 ? 972  VAL A O   1 
ATOM   605 C CB  . VAL A 1 80  ? -11.942 11.980  8.941   1.00 22.18 ? 972  VAL A CB  1 
ATOM   606 C CG1 . VAL A 1 80  ? -11.784 12.740  7.618   1.00 21.95 ? 972  VAL A CG1 1 
ATOM   607 C CG2 . VAL A 1 80  ? -12.559 10.596  8.695   1.00 22.72 ? 972  VAL A CG2 1 
ATOM   608 N N   . TYR A 1 81  ? -8.825  13.477  9.236   1.00 15.19 ? 973  TYR A N   1 
ATOM   609 C CA  . TYR A 1 81  ? -8.056  14.709  9.374   1.00 14.95 ? 973  TYR A CA  1 
ATOM   610 C C   . TYR A 1 81  ? -7.943  15.379  8.011   1.00 18.95 ? 973  TYR A C   1 
ATOM   611 O O   . TYR A 1 81  ? -7.917  14.707  6.976   1.00 17.60 ? 973  TYR A O   1 
ATOM   612 C CB  . TYR A 1 81  ? -6.621  14.391  9.845   1.00 17.33 ? 973  TYR A CB  1 
ATOM   613 C CG  . TYR A 1 81  ? -6.565  13.677  11.175  1.00 18.80 ? 973  TYR A CG  1 
ATOM   614 C CD1 . TYR A 1 81  ? -6.581  12.285  11.243  1.00 21.08 ? 973  TYR A CD1 1 
ATOM   615 C CD2 . TYR A 1 81  ? -6.485  14.391  12.366  1.00 19.20 ? 973  TYR A CD2 1 
ATOM   616 C CE1 . TYR A 1 81  ? -6.528  11.621  12.471  1.00 22.03 ? 973  TYR A CE1 1 
ATOM   617 C CE2 . TYR A 1 81  ? -6.419  13.740  13.596  1.00 20.88 ? 973  TYR A CE2 1 
ATOM   618 C CZ  . TYR A 1 81  ? -6.436  12.356  13.644  1.00 27.30 ? 973  TYR A CZ  1 
ATOM   619 O OH  . TYR A 1 81  ? -6.375  11.716  14.850  1.00 26.04 ? 973  TYR A OH  1 
ATOM   620 N N   . GLY A 1 82  ? -7.784  16.687  8.038   1.00 16.29 ? 974  GLY A N   1 
ATOM   621 C CA  . GLY A 1 82  ? -7.567  17.466  6.832   1.00 16.44 ? 974  GLY A CA  1 
ATOM   622 C C   . GLY A 1 82  ? -6.103  17.363  6.440   1.00 18.45 ? 974  GLY A C   1 
ATOM   623 O O   . GLY A 1 82  ? -5.216  17.264  7.292   1.00 18.82 ? 974  GLY A O   1 
ATOM   624 N N   . ALA A 1 83  ? -5.835  17.374  5.152   1.00 15.21 ? 975  ALA A N   1 
ATOM   625 C CA  . ALA A 1 83  ? -4.454  17.285  4.667   1.00 14.70 ? 975  ALA A CA  1 
ATOM   626 C C   . ALA A 1 83  ? -4.413  17.912  3.256   1.00 16.66 ? 975  ALA A C   1 
ATOM   627 O O   . ALA A 1 83  ? -5.460  18.257  2.696   1.00 15.01 ? 975  ALA A O   1 
ATOM   628 C CB  . ALA A 1 83  ? -4.009  15.802  4.618   1.00 15.09 ? 975  ALA A CB  1 
ATOM   629 N N   . LYS A 1 84  ? -3.217  18.069  2.712   1.00 12.74 ? 976  LYS A N   1 
ATOM   630 C CA  . LYS A 1 84  ? -3.009  18.546  1.355   1.00 12.00 ? 976  LYS A CA  1 
ATOM   631 C C   . LYS A 1 84  ? -2.221  17.453  0.680   1.00 14.54 ? 976  LYS A C   1 
ATOM   632 O O   . LYS A 1 84  ? -1.244  16.943  1.249   1.00 13.74 ? 976  LYS A O   1 
ATOM   633 C CB  . LYS A 1 84  ? -2.240  19.883  1.303   1.00 16.65 ? 976  LYS A CB  1 
ATOM   634 C CG  . LYS A 1 84  ? -3.125  21.091  1.623   1.00 41.96 ? 976  LYS A CG  1 
ATOM   635 C CD  . LYS A 1 84  ? -2.461  22.411  1.231   1.00 54.64 ? 976  LYS A CD  1 
ATOM   636 C CE  . LYS A 1 84  ? -1.895  23.176  2.407   1.00 68.40 ? 976  LYS A CE  1 
ATOM   637 N NZ  . LYS A 1 84  ? -0.688  22.528  2.991   1.00 77.58 ? 976  LYS A NZ  1 
ATOM   638 N N   . PHE A 1 85  ? -2.658  17.074  -0.499  1.00 13.06 ? 977  PHE A N   1 
ATOM   639 C CA  . PHE A 1 85  ? -2.028  16.038  -1.301  1.00 13.75 ? 977  PHE A CA  1 
ATOM   640 C C   . PHE A 1 85  ? -0.662  16.506  -1.828  1.00 18.28 ? 977  PHE A C   1 
ATOM   641 O O   . PHE A 1 85  ? -0.546  17.604  -2.362  1.00 18.25 ? 977  PHE A O   1 
ATOM   642 C CB  . PHE A 1 85  ? -2.915  15.651  -2.484  1.00 15.75 ? 977  PHE A CB  1 
ATOM   643 C CG  . PHE A 1 85  ? -2.313  14.516  -3.274  1.00 16.67 ? 977  PHE A CG  1 
ATOM   644 C CD1 . PHE A 1 85  ? -2.333  13.211  -2.779  1.00 18.84 ? 977  PHE A CD1 1 
ATOM   645 C CD2 . PHE A 1 85  ? -1.744  14.743  -4.526  1.00 17.55 ? 977  PHE A CD2 1 
ATOM   646 C CE1 . PHE A 1 85  ? -1.777  12.159  -3.517  1.00 19.05 ? 977  PHE A CE1 1 
ATOM   647 C CE2 . PHE A 1 85  ? -1.218  13.680  -5.275  1.00 18.95 ? 977  PHE A CE2 1 
ATOM   648 C CZ  . PHE A 1 85  ? -1.232  12.399  -4.759  1.00 16.48 ? 977  PHE A CZ  1 
ATOM   649 N N   . VAL A 1 86  ? 0.326   15.620  -1.750  1.00 13.69 ? 978  VAL A N   1 
ATOM   650 C CA  . VAL A 1 86  ? 1.695   15.928  -2.182  1.00 14.76 ? 978  VAL A CA  1 
ATOM   651 C C   . VAL A 1 86  ? 2.077   15.141  -3.418  1.00 18.48 ? 978  VAL A C   1 
ATOM   652 O O   . VAL A 1 86  ? 2.386   15.753  -4.448  1.00 19.27 ? 978  VAL A O   1 
ATOM   653 C CB  . VAL A 1 86  ? 2.729   15.747  -1.014  1.00 19.03 ? 978  VAL A CB  1 
ATOM   654 C CG1 . VAL A 1 86  ? 4.172   15.963  -1.500  1.00 19.63 ? 978  VAL A CG1 1 
ATOM   655 C CG2 . VAL A 1 86  ? 2.400   16.638  0.171   1.00 19.04 ? 978  VAL A CG2 1 
ATOM   656 N N   . ALA A 1 87  ? 2.065   13.784  -3.324  1.00 15.86 ? 979  ALA A N   1 
ATOM   657 C CA  . ALA A 1 87  ? 2.522   12.922  -4.411  1.00 14.37 ? 979  ALA A CA  1 
ATOM   658 C C   . ALA A 1 87  ? 2.017   11.492  -4.360  1.00 16.56 ? 979  ALA A C   1 
ATOM   659 O O   . ALA A 1 87  ? 1.654   10.980  -3.292  1.00 15.96 ? 979  ALA A O   1 
ATOM   660 C CB  . ALA A 1 87  ? 4.048   12.895  -4.427  1.00 15.12 ? 979  ALA A CB  1 
ATOM   661 N N   . SER A 1 88  ? 2.011   10.841  -5.539  1.00 13.95 ? 980  SER A N   1 
ATOM   662 C CA  . SER A 1 88  ? 1.682   9.416   -5.686  1.00 14.47 ? 980  SER A CA  1 
ATOM   663 C C   . SER A 1 88  ? 3.027   8.676   -5.741  1.00 18.00 ? 980  SER A C   1 
ATOM   664 O O   . SER A 1 88  ? 3.977   9.164   -6.364  1.00 17.88 ? 980  SER A O   1 
ATOM   665 C CB  . SER A 1 88  ? 0.931   9.148   -6.990  1.00 18.99 ? 980  SER A CB  1 
ATOM   666 O OG  . SER A 1 88  ? -0.323  9.806   -7.016  1.00 30.30 ? 980  SER A OG  1 
ATOM   667 N N   . HIS A 1 89  ? 3.104   7.511   -5.099  1.00 15.88 ? 981  HIS A N   1 
ATOM   668 C CA  . HIS A 1 89  ? 4.315   6.683   -5.036  1.00 16.41 ? 981  HIS A CA  1 
ATOM   669 C C   . HIS A 1 89  ? 3.999   5.272   -5.503  1.00 18.02 ? 981  HIS A C   1 
ATOM   670 O O   . HIS A 1 89  ? 3.641   4.447   -4.675  1.00 17.80 ? 981  HIS A O   1 
ATOM   671 C CB  . HIS A 1 89  ? 4.917   6.672   -3.621  1.00 17.20 ? 981  HIS A CB  1 
ATOM   672 C CG  . HIS A 1 89  ? 5.384   8.016   -3.168  1.00 20.87 ? 981  HIS A CG  1 
ATOM   673 N ND1 . HIS A 1 89  ? 6.459   8.641   -3.763  1.00 22.79 ? 981  HIS A ND1 1 
ATOM   674 C CD2 . HIS A 1 89  ? 4.905   8.809   -2.185  1.00 23.01 ? 981  HIS A CD2 1 
ATOM   675 C CE1 . HIS A 1 89  ? 6.583   9.808   -3.153  1.00 22.15 ? 981  HIS A CE1 1 
ATOM   676 N NE2 . HIS A 1 89  ? 5.674   9.942   -2.186  1.00 22.98 ? 981  HIS A NE2 1 
ATOM   677 N N   . PRO A 1 90  ? 4.067   4.991   -6.829  1.00 15.71 ? 982  PRO A N   1 
ATOM   678 C CA  . PRO A 1 90  ? 3.802   3.617   -7.315  1.00 16.09 ? 982  PRO A CA  1 
ATOM   679 C C   . PRO A 1 90  ? 5.025   2.735   -7.050  1.00 18.06 ? 982  PRO A C   1 
ATOM   680 O O   . PRO A 1 90  ? 6.144   3.088   -7.448  1.00 18.40 ? 982  PRO A O   1 
ATOM   681 C CB  . PRO A 1 90  ? 3.525   3.810   -8.807  1.00 18.03 ? 982  PRO A CB  1 
ATOM   682 C CG  . PRO A 1 90  ? 3.632   5.298   -9.066  1.00 22.28 ? 982  PRO A CG  1 
ATOM   683 C CD  . PRO A 1 90  ? 4.429   5.876   -7.946  1.00 17.88 ? 982  PRO A CD  1 
ATOM   684 N N   . ILE A 1 91  ? 4.837   1.636   -6.310  1.00 12.16 ? 983  ILE A N   1 
ATOM   685 C CA  . ILE A 1 91  ? 5.940   0.772   -5.883  1.00 12.21 ? 983  ILE A CA  1 
ATOM   686 C C   . ILE A 1 91  ? 5.748   -0.660  -6.380  1.00 17.52 ? 983  ILE A C   1 
ATOM   687 O O   . ILE A 1 91  ? 4.647   -1.219  -6.248  1.00 17.07 ? 983  ILE A O   1 
ATOM   688 C CB  . ILE A 1 91  ? 6.113   0.827   -4.336  1.00 15.91 ? 983  ILE A CB  1 
ATOM   689 C CG1 . ILE A 1 91  ? 6.309   2.308   -3.838  1.00 18.84 ? 983  ILE A CG1 1 
ATOM   690 C CG2 . ILE A 1 91  ? 7.299   -0.048  -3.892  1.00 15.10 ? 983  ILE A CG2 1 
ATOM   691 C CD1 . ILE A 1 91  ? 6.396   2.514   -2.356  1.00 26.75 ? 983  ILE A CD1 1 
ATOM   692 N N   . GLN A 1 92  ? 6.828   -1.260  -6.920  1.00 14.89 ? 984  GLN A N   1 
ATOM   693 C CA  . GLN A 1 92  ? 6.779   -2.654  -7.368  1.00 14.99 ? 984  GLN A CA  1 
ATOM   694 C C   . GLN A 1 92  ? 6.677   -3.511  -6.126  1.00 18.87 ? 984  GLN A C   1 
ATOM   695 O O   . GLN A 1 92  ? 7.509   -3.400  -5.240  1.00 19.97 ? 984  GLN A O   1 
ATOM   696 C CB  . GLN A 1 92  ? 8.036   -3.023  -8.207  1.00 16.35 ? 984  GLN A CB  1 
ATOM   697 C CG  . GLN A 1 92  ? 8.162   -4.507  -8.553  1.00 37.33 ? 984  GLN A CG  1 
ATOM   698 C CD  . GLN A 1 92  ? 7.400   -4.842  -9.796  1.00 53.24 ? 984  GLN A CD  1 
ATOM   699 O OE1 . GLN A 1 92  ? 7.878   -4.643  -10.917 1.00 50.98 ? 984  GLN A OE1 1 
ATOM   700 N NE2 . GLN A 1 92  ? 6.194   -5.349  -9.622  1.00 45.00 ? 984  GLN A NE2 1 
ATOM   701 N N   . MET A 1 93  ? 5.655   -4.378  -6.058  1.00 13.92 ? 985  MET A N   1 
ATOM   702 C CA  . MET A 1 93  ? 5.424   -5.248  -4.931  1.00 15.05 ? 985  MET A CA  1 
ATOM   703 C C   . MET A 1 93  ? 5.097   -6.654  -5.426  1.00 17.49 ? 985  MET A C   1 
ATOM   704 O O   . MET A 1 93  ? 5.020   -6.904  -6.630  1.00 15.54 ? 985  MET A O   1 
ATOM   705 C CB  . MET A 1 93  ? 4.326   -4.680  -4.009  1.00 18.11 ? 985  MET A CB  1 
ATOM   706 C CG  . MET A 1 93  ? 4.769   -3.384  -3.255  1.00 23.40 ? 985  MET A CG  1 
ATOM   707 S SD  . MET A 1 93  ? 3.496   -2.811  -2.112  1.00 28.50 ? 985  MET A SD  1 
ATOM   708 C CE  . MET A 1 93  ? 3.999   -3.666  -0.646  1.00 25.92 ? 985  MET A CE  1 
ATOM   709 N N   . TYR A 1 94  ? 4.859   -7.549  -4.489  1.00 14.30 ? 986  TYR A N   1 
ATOM   710 C CA  . TYR A 1 94  ? 4.671   -8.954  -4.793  1.00 15.46 ? 986  TYR A CA  1 
ATOM   711 C C   . TYR A 1 94  ? 3.440   -9.492  -4.166  1.00 19.04 ? 986  TYR A C   1 
ATOM   712 O O   . TYR A 1 94  ? 3.278   -9.405  -2.956  1.00 20.01 ? 986  TYR A O   1 
ATOM   713 C CB  . TYR A 1 94  ? 5.916   -9.771  -4.340  1.00 18.14 ? 986  TYR A CB  1 
ATOM   714 C CG  . TYR A 1 94  ? 7.196   -9.172  -4.872  1.00 20.64 ? 986  TYR A CG  1 
ATOM   715 C CD1 . TYR A 1 94  ? 7.652   -9.481  -6.150  1.00 23.35 ? 986  TYR A CD1 1 
ATOM   716 C CD2 . TYR A 1 94  ? 7.857   -8.161  -4.176  1.00 21.75 ? 986  TYR A CD2 1 
ATOM   717 C CE1 . TYR A 1 94  ? 8.784   -8.870  -6.685  1.00 24.53 ? 986  TYR A CE1 1 
ATOM   718 C CE2 . TYR A 1 94  ? 8.945   -7.486  -4.736  1.00 23.31 ? 986  TYR A CE2 1 
ATOM   719 C CZ  . TYR A 1 94  ? 9.424   -7.865  -5.977  1.00 30.73 ? 986  TYR A CZ  1 
ATOM   720 O OH  . TYR A 1 94  ? 10.519  -7.236  -6.518  1.00 31.19 ? 986  TYR A OH  1 
ATOM   721 N N   . GLN A 1 95  ? 2.594   -10.111 -4.973  1.00 15.43 ? 987  GLN A N   1 
ATOM   722 C CA  . GLN A 1 95  ? 1.402   -10.750 -4.415  1.00 13.78 ? 987  GLN A CA  1 
ATOM   723 C C   . GLN A 1 95  ? 1.745   -12.196 -4.223  1.00 14.90 ? 987  GLN A C   1 
ATOM   724 O O   . GLN A 1 95  ? 2.152   -12.854 -5.176  1.00 13.74 ? 987  GLN A O   1 
ATOM   725 C CB  . GLN A 1 95  ? 0.205   -10.611 -5.357  1.00 14.72 ? 987  GLN A CB  1 
ATOM   726 C CG  . GLN A 1 95  ? -1.094  -11.003 -4.657  1.00 18.28 ? 987  GLN A CG  1 
ATOM   727 C CD  . GLN A 1 95  ? -2.313  -10.458 -5.367  1.00 22.42 ? 987  GLN A CD  1 
ATOM   728 O OE1 . GLN A 1 95  ? -2.253  -9.498  -6.136  1.00 19.80 ? 987  GLN A OE1 1 
ATOM   729 N NE2 . GLN A 1 95  ? -3.453  -11.003 -5.050  1.00 16.28 ? 987  GLN A NE2 1 
ATOM   730 N N   . VAL A 1 96  ? 1.635   -12.673 -2.982  1.00 12.72 ? 988  VAL A N   1 
ATOM   731 C CA  . VAL A 1 96  ? 1.999   -14.038 -2.581  1.00 14.27 ? 988  VAL A CA  1 
ATOM   732 C C   . VAL A 1 96  ? 0.791   -14.846 -2.128  1.00 18.28 ? 988  VAL A C   1 
ATOM   733 O O   . VAL A 1 96  ? -0.143  -14.269 -1.587  1.00 16.42 ? 988  VAL A O   1 
ATOM   734 C CB  . VAL A 1 96  ? 3.105   -14.037 -1.473  1.00 18.50 ? 988  VAL A CB  1 
ATOM   735 C CG1 . VAL A 1 96  ? 4.421   -13.443 -2.006  1.00 17.97 ? 988  VAL A CG1 1 
ATOM   736 C CG2 . VAL A 1 96  ? 2.647   -13.280 -0.213  1.00 18.43 ? 988  VAL A CG2 1 
ATOM   737 N N   . GLU A 1 97  ? 0.831   -16.190 -2.307  1.00 15.53 ? 989  GLU A N   1 
ATOM   738 C CA  . GLU A 1 97  ? -0.247  -17.081 -1.870  1.00 14.55 ? 989  GLU A CA  1 
ATOM   739 C C   . GLU A 1 97  ? 0.346   -18.146 -0.962  1.00 18.84 ? 989  GLU A C   1 
ATOM   740 O O   . GLU A 1 97  ? 1.327   -18.789 -1.343  1.00 19.46 ? 989  GLU A O   1 
ATOM   741 C CB  . GLU A 1 97  ? -0.942  -17.755 -3.077  1.00 15.58 ? 989  GLU A CB  1 
ATOM   742 C CG  . GLU A 1 97  ? -2.109  -18.623 -2.642  1.00 23.77 ? 989  GLU A CG  1 
ATOM   743 C CD  . GLU A 1 97  ? -2.595  -19.667 -3.633  1.00 46.86 ? 989  GLU A CD  1 
ATOM   744 O OE1 . GLU A 1 97  ? -3.786  -20.033 -3.548  1.00 45.82 ? 989  GLU A OE1 1 
ATOM   745 O OE2 . GLU A 1 97  ? -1.783  -20.175 -4.437  1.00 48.63 ? 989  GLU A OE2 1 
ATOM   746 N N   . PHE A 1 98  ? -0.246  -18.328 0.221   1.00 17.81 ? 990  PHE A N   1 
ATOM   747 C CA  . PHE A 1 98  ? 0.127   -19.333 1.227   1.00 19.13 ? 990  PHE A CA  1 
ATOM   748 C C   . PHE A 1 98  ? -0.731  -20.595 1.010   1.00 26.25 ? 990  PHE A C   1 
ATOM   749 O O   . PHE A 1 98  ? -1.717  -20.532 0.271   1.00 25.70 ? 990  PHE A O   1 
ATOM   750 C CB  . PHE A 1 98  ? -0.100  -18.745 2.636   1.00 20.24 ? 990  PHE A CB  1 
ATOM   751 C CG  . PHE A 1 98  ? 0.764   -17.529 2.888   1.00 21.22 ? 990  PHE A CG  1 
ATOM   752 C CD1 . PHE A 1 98  ? 2.070   -17.667 3.333   1.00 22.95 ? 990  PHE A CD1 1 
ATOM   753 C CD2 . PHE A 1 98  ? 0.282   -16.245 2.638   1.00 21.10 ? 990  PHE A CD2 1 
ATOM   754 C CE1 . PHE A 1 98  ? 2.883   -16.548 3.516   1.00 23.32 ? 990  PHE A CE1 1 
ATOM   755 C CE2 . PHE A 1 98  ? 1.102   -15.134 2.806   1.00 24.02 ? 990  PHE A CE2 1 
ATOM   756 C CZ  . PHE A 1 98  ? 2.393   -15.290 3.247   1.00 23.03 ? 990  PHE A CZ  1 
ATOM   757 N N   . GLU A 1 99  ? -0.384  -21.741 1.644   1.00 26.78 ? 991  GLU A N   1 
ATOM   758 C CA  . GLU A 1 99  ? -1.152  -22.984 1.436   1.00 28.33 ? 991  GLU A CA  1 
ATOM   759 C C   . GLU A 1 99  ? -2.597  -22.959 1.947   1.00 33.90 ? 991  GLU A C   1 
ATOM   760 O O   . GLU A 1 99  ? -3.418  -23.718 1.433   1.00 35.24 ? 991  GLU A O   1 
ATOM   761 C CB  . GLU A 1 99  ? -0.430  -24.218 1.978   1.00 30.46 ? 991  GLU A CB  1 
ATOM   762 C CG  . GLU A 1 99  ? 0.347   -24.990 0.920   1.00 47.05 ? 991  GLU A CG  1 
ATOM   763 C CD  . GLU A 1 99  ? -0.437  -25.569 -0.243  1.00 65.04 ? 991  GLU A CD  1 
ATOM   764 O OE1 . GLU A 1 99  ? -1.560  -26.077 -0.024  1.00 58.86 ? 991  GLU A OE1 1 
ATOM   765 O OE2 . GLU A 1 99  ? 0.091   -25.537 -1.378  1.00 65.02 ? 991  GLU A OE2 1 
ATOM   766 N N   . ASP A 1 100 ? -2.934  -22.076 2.910   1.00 29.66 ? 992  ASP A N   1 
ATOM   767 C CA  . ASP A 1 100 ? -4.322  -21.938 3.355   1.00 28.86 ? 992  ASP A CA  1 
ATOM   768 C C   . ASP A 1 100 ? -5.164  -21.224 2.270   1.00 31.14 ? 992  ASP A C   1 
ATOM   769 O O   . ASP A 1 100 ? -6.377  -21.102 2.412   1.00 30.70 ? 992  ASP A O   1 
ATOM   770 C CB  . ASP A 1 100 ? -4.405  -21.172 4.694   1.00 30.68 ? 992  ASP A CB  1 
ATOM   771 C CG  . ASP A 1 100 ? -3.739  -19.800 4.705   1.00 34.29 ? 992  ASP A CG  1 
ATOM   772 O OD1 . ASP A 1 100 ? -3.202  -19.387 3.648   1.00 28.70 ? 992  ASP A OD1 1 
ATOM   773 O OD2 . ASP A 1 100 ? -3.687  -19.175 5.790   1.00 40.26 ? 992  ASP A OD2 1 
ATOM   774 N N   . GLY A 1 101 ? -4.506  -20.767 1.202   1.00 26.87 ? 993  GLY A N   1 
ATOM   775 C CA  . GLY A 1 101 ? -5.175  -20.054 0.125   1.00 25.19 ? 993  GLY A CA  1 
ATOM   776 C C   . GLY A 1 101 ? -5.202  -18.547 0.297   1.00 24.11 ? 993  GLY A C   1 
ATOM   777 O O   . GLY A 1 101 ? -5.587  -17.838 -0.631  1.00 24.84 ? 993  GLY A O   1 
ATOM   778 N N   . SER A 1 102 ? -4.796  -18.034 1.463   1.00 17.79 ? 994  SER A N   1 
ATOM   779 C CA  . SER A 1 102 ? -4.753  -16.592 1.726   1.00 17.21 ? 994  SER A CA  1 
ATOM   780 C C   . SER A 1 102 ? -3.722  -15.930 0.805   1.00 18.94 ? 994  SER A C   1 
ATOM   781 O O   . SER A 1 102 ? -2.749  -16.576 0.404   1.00 18.32 ? 994  SER A O   1 
ATOM   782 C CB  . SER A 1 102 ? -4.402  -16.313 3.186   1.00 19.86 ? 994  SER A CB  1 
ATOM   783 O OG  . SER A 1 102 ? -3.099  -16.734 3.549   1.00 27.52 ? 994  SER A OG  1 
ATOM   784 N N   . GLN A 1 103 ? -3.936  -14.652 0.486   1.00 17.60 ? 995  GLN A N   1 
ATOM   785 C CA  . GLN A 1 103 ? -3.019  -13.880 -0.361  1.00 18.40 ? 995  GLN A CA  1 
ATOM   786 C C   . GLN A 1 103 ? -2.769  -12.531 0.262   1.00 22.81 ? 995  GLN A C   1 
ATOM   787 O O   . GLN A 1 103 ? -3.652  -11.962 0.904   1.00 22.05 ? 995  GLN A O   1 
ATOM   788 C CB  . GLN A 1 103 ? -3.575  -13.690 -1.785  1.00 20.02 ? 995  GLN A CB  1 
ATOM   789 C CG  . GLN A 1 103 ? -3.583  -14.973 -2.611  1.00 20.22 ? 995  GLN A CG  1 
ATOM   790 C CD  . GLN A 1 103 ? -4.333  -14.848 -3.920  1.00 25.09 ? 995  GLN A CD  1 
ATOM   791 O OE1 . GLN A 1 103 ? -4.441  -13.788 -4.527  1.00 19.50 ? 995  GLN A OE1 1 
ATOM   792 N NE2 . GLN A 1 103 ? -4.840  -15.954 -4.379  1.00 19.00 ? 995  GLN A NE2 1 
ATOM   793 N N   . LEU A 1 104 ? -1.570  -12.011 0.064   1.00 19.36 ? 996  LEU A N   1 
ATOM   794 C CA  . LEU A 1 104 ? -1.199  -10.700 0.598   1.00 19.21 ? 996  LEU A CA  1 
ATOM   795 C C   . LEU A 1 104 ? -0.329  -10.054 -0.432  1.00 20.90 ? 996  LEU A C   1 
ATOM   796 O O   . LEU A 1 104 ? 0.316   -10.751 -1.208  1.00 20.28 ? 996  LEU A O   1 
ATOM   797 C CB  . LEU A 1 104 ? -0.341  -10.836 1.879   1.00 20.29 ? 996  LEU A CB  1 
ATOM   798 C CG  . LEU A 1 104 ? -0.990  -11.225 3.188   1.00 27.86 ? 996  LEU A CG  1 
ATOM   799 C CD1 . LEU A 1 104 ? 0.045   -11.229 4.280   1.00 29.36 ? 996  LEU A CD1 1 
ATOM   800 C CD2 . LEU A 1 104 ? -2.102  -10.256 3.580   1.00 31.60 ? 996  LEU A CD2 1 
ATOM   801 N N   . VAL A 1 105 ? -0.228  -8.744  -0.381  1.00 18.23 ? 997  VAL A N   1 
ATOM   802 C CA  . VAL A 1 105 ? 0.695   -7.993  -1.214  1.00 19.79 ? 997  VAL A CA  1 
ATOM   803 C C   . VAL A 1 105 ? 1.822   -7.578  -0.273  1.00 22.87 ? 997  VAL A C   1 
ATOM   804 O O   . VAL A 1 105 ? 1.557   -6.956  0.764   1.00 21.85 ? 997  VAL A O   1 
ATOM   805 C CB  . VAL A 1 105 ? 0.049   -6.806  -1.974  1.00 24.68 ? 997  VAL A CB  1 
ATOM   806 C CG1 . VAL A 1 105 ? 1.106   -6.001  -2.709  1.00 25.48 ? 997  VAL A CG1 1 
ATOM   807 C CG2 . VAL A 1 105 ? -1.002  -7.296  -2.958  1.00 25.03 ? 997  VAL A CG2 1 
ATOM   808 N N   . VAL A 1 106 ? 3.066   -8.005  -0.585  1.00 17.92 ? 998  VAL A N   1 
ATOM   809 C CA  . VAL A 1 106 ? 4.236   -7.756  0.275   1.00 17.63 ? 998  VAL A CA  1 
ATOM   810 C C   . VAL A 1 106 ? 5.302   -6.935  -0.408  1.00 21.39 ? 998  VAL A C   1 
ATOM   811 O O   . VAL A 1 106 ? 5.387   -6.924  -1.635  1.00 20.05 ? 998  VAL A O   1 
ATOM   812 C CB  . VAL A 1 106 ? 4.838   -9.073  0.872   1.00 21.13 ? 998  VAL A CB  1 
ATOM   813 C CG1 . VAL A 1 106 ? 3.869   -9.750  1.836   1.00 21.94 ? 998  VAL A CG1 1 
ATOM   814 C CG2 . VAL A 1 106 ? 5.278   -10.042 -0.218  1.00 20.01 ? 998  VAL A CG2 1 
ATOM   815 N N   . LYS A 1 107 ? 6.112   -6.226  0.390   1.00 21.84 ? 999  LYS A N   1 
ATOM   816 C CA  . LYS A 1 107 ? 7.253   -5.456  -0.105  1.00 21.80 ? 999  LYS A CA  1 
ATOM   817 C C   . LYS A 1 107 ? 8.473   -6.393  -0.305  1.00 24.68 ? 999  LYS A C   1 
ATOM   818 O O   . LYS A 1 107 ? 8.552   -7.460  0.322   1.00 23.50 ? 999  LYS A O   1 
ATOM   819 C CB  . LYS A 1 107 ? 7.574   -4.265  0.845   1.00 24.21 ? 999  LYS A CB  1 
ATOM   820 C CG  . LYS A 1 107 ? 7.876   -4.656  2.293   1.00 37.84 ? 999  LYS A CG  1 
ATOM   821 C CD  . LYS A 1 107 ? 8.043   -3.412  3.174   1.00 50.97 ? 999  LYS A CD  1 
ATOM   822 C CE  . LYS A 1 107 ? 7.884   -3.701  4.647   1.00 58.16 ? 999  LYS A CE  1 
ATOM   823 N NZ  . LYS A 1 107 ? 6.454   -3.805  5.042   1.00 65.95 ? 999  LYS A NZ  1 
ATOM   824 N N   . ARG A 1 108 ? 9.415   -5.996  -1.168  1.00 23.64 ? 1000 ARG A N   1 
ATOM   825 C CA  . ARG A 1 108 ? 10.643  -6.756  -1.468  1.00 24.97 ? 1000 ARG A CA  1 
ATOM   826 C C   . ARG A 1 108 ? 11.382  -7.202  -0.198  1.00 30.70 ? 1000 ARG A C   1 
ATOM   827 O O   . ARG A 1 108 ? 11.861  -8.336  -0.134  1.00 29.07 ? 1000 ARG A O   1 
ATOM   828 C CB  . ARG A 1 108 ? 11.594  -5.927  -2.376  1.00 27.31 ? 1000 ARG A CB  1 
ATOM   829 C CG  . ARG A 1 108 ? 12.846  -6.661  -2.887  1.00 32.82 ? 1000 ARG A CG  1 
ATOM   830 C CD  . ARG A 1 108 ? 12.526  -7.995  -3.563  1.00 38.97 ? 1000 ARG A CD  1 
ATOM   831 N NE  . ARG A 1 108 ? 13.722  -8.812  -3.782  1.00 43.28 ? 1000 ARG A NE  1 
ATOM   832 C CZ  . ARG A 1 108 ? 14.250  -9.651  -2.892  1.00 51.30 ? 1000 ARG A CZ  1 
ATOM   833 N NH1 . ARG A 1 108 ? 13.699  -9.794  -1.691  1.00 34.57 ? 1000 ARG A NH1 1 
ATOM   834 N NH2 . ARG A 1 108 ? 15.336  -10.344 -3.193  1.00 37.73 ? 1000 ARG A NH2 1 
ATOM   835 N N   . ASP A 1 109 ? 11.424  -6.315  0.819   1.00 30.26 ? 1001 ASP A N   1 
ATOM   836 C CA  . ASP A 1 109 ? 12.076  -6.537  2.111   1.00 31.60 ? 1001 ASP A CA  1 
ATOM   837 C C   . ASP A 1 109 ? 11.427  -7.634  2.973   1.00 34.84 ? 1001 ASP A C   1 
ATOM   838 O O   . ASP A 1 109 ? 12.062  -8.097  3.927   1.00 36.63 ? 1001 ASP A O   1 
ATOM   839 C CB  . ASP A 1 109 ? 12.140  -5.215  2.892   1.00 35.05 ? 1001 ASP A CB  1 
ATOM   840 C CG  . ASP A 1 109 ? 13.374  -4.371  2.622   1.00 57.00 ? 1001 ASP A CG  1 
ATOM   841 O OD1 . ASP A 1 109 ? 13.944  -4.480  1.505   1.00 59.04 ? 1001 ASP A OD1 1 
ATOM   842 O OD2 . ASP A 1 109 ? 13.756  -3.580  3.513   1.00 66.65 ? 1001 ASP A OD2 1 
ATOM   843 N N   . ASP A 1 110 ? 10.178  -8.049  2.654   1.00 27.69 ? 1002 ASP A N   1 
ATOM   844 C CA  . ASP A 1 110 ? 9.461   -9.095  3.397   1.00 26.42 ? 1002 ASP A CA  1 
ATOM   845 C C   . ASP A 1 110 ? 9.493   -10.480 2.695   1.00 28.09 ? 1002 ASP A C   1 
ATOM   846 O O   . ASP A 1 110 ? 8.852   -11.409 3.176   1.00 26.69 ? 1002 ASP A O   1 
ATOM   847 C CB  . ASP A 1 110 ? 8.001   -8.669  3.639   1.00 28.34 ? 1002 ASP A CB  1 
ATOM   848 C CG  . ASP A 1 110 ? 7.773   -7.783  4.848   1.00 39.41 ? 1002 ASP A CG  1 
ATOM   849 O OD1 . ASP A 1 110 ? 8.764   -7.354  5.466   1.00 40.90 ? 1002 ASP A OD1 1 
ATOM   850 O OD2 . ASP A 1 110 ? 6.602   -7.548  5.194   1.00 49.41 ? 1002 ASP A OD2 1 
ATOM   851 N N   . VAL A 1 111 ? 10.248  -10.600 1.594   1.00 24.20 ? 1003 VAL A N   1 
ATOM   852 C CA  . VAL A 1 111 ? 10.395  -11.803 0.746   1.00 24.63 ? 1003 VAL A CA  1 
ATOM   853 C C   . VAL A 1 111 ? 11.826  -12.351 0.926   1.00 28.59 ? 1003 VAL A C   1 
ATOM   854 O O   . VAL A 1 111 ? 12.795  -11.597 0.806   1.00 28.46 ? 1003 VAL A O   1 
ATOM   855 C CB  . VAL A 1 111 ? 10.112  -11.459 -0.758  1.00 29.03 ? 1003 VAL A CB  1 
ATOM   856 C CG1 . VAL A 1 111 ? 10.282  -12.674 -1.667  1.00 29.52 ? 1003 VAL A CG1 1 
ATOM   857 C CG2 . VAL A 1 111 ? 8.723   -10.856 -0.950  1.00 28.40 ? 1003 VAL A CG2 1 
ATOM   858 N N   . TYR A 1 112 ? 11.945  -13.646 1.219   1.00 23.77 ? 1004 TYR A N   1 
ATOM   859 C CA  . TYR A 1 112 ? 13.229  -14.344 1.399   1.00 36.80 ? 1004 TYR A CA  1 
ATOM   860 C C   . TYR A 1 112 ? 13.314  -15.552 0.470   1.00 64.10 ? 1004 TYR A C   1 
ATOM   861 O O   . TYR A 1 112 ? 12.302  -16.207 0.231   1.00 31.06 ? 1004 TYR A O   1 
ATOM   862 C CB  . TYR A 1 112 ? 13.440  -14.769 2.869   1.00 37.38 ? 1004 TYR A CB  1 
ATOM   863 C CG  . TYR A 1 112 ? 13.623  -13.586 3.791   1.00 40.05 ? 1004 TYR A CG  1 
ATOM   864 C CD1 . TYR A 1 112 ? 12.526  -12.946 4.364   1.00 42.55 ? 1004 TYR A CD1 1 
ATOM   865 C CD2 . TYR A 1 112 ? 14.888  -13.055 4.035   1.00 40.87 ? 1004 TYR A CD2 1 
ATOM   866 C CE1 . TYR A 1 112 ? 12.684  -11.826 5.180   1.00 43.96 ? 1004 TYR A CE1 1 
ATOM   867 C CE2 . TYR A 1 112 ? 15.058  -11.932 4.846   1.00 41.83 ? 1004 TYR A CE2 1 
ATOM   868 C CZ  . TYR A 1 112 ? 13.952  -11.322 5.417   1.00 48.95 ? 1004 TYR A CZ  1 
ATOM   869 O OH  . TYR A 1 112 ? 14.099  -10.222 6.226   1.00 48.21 ? 1004 TYR A OH  1 
HETATM 870 C C4  . 92Y B 2 .   ? -4.132  17.466  11.649  1.00 43.33 ? 1101 92Y A C4  1 
HETATM 871 C C5  . 92Y B 2 .   ? -3.972  18.259  12.809  1.00 43.64 ? 1101 92Y A C5  1 
HETATM 872 C C6  . 92Y B 2 .   ? -3.248  17.746  13.894  1.00 43.76 ? 1101 92Y A C6  1 
HETATM 873 C C7  . 92Y B 2 .   ? -2.688  16.439  13.838  1.00 42.18 ? 1101 92Y A C7  1 
HETATM 874 C C8  . 92Y B 2 .   ? -2.851  15.631  12.686  1.00 37.60 ? 1101 92Y A C8  1 
HETATM 875 C C10 . 92Y B 2 .   ? -0.821  14.142  12.121  1.00 30.00 ? 1101 92Y A C10 1 
HETATM 876 C C13 . 92Y B 2 .   ? -2.326  11.979  13.571  1.00 31.02 ? 1101 92Y A C13 1 
HETATM 877 C C15 . 92Y B 2 .   ? -2.965  13.228  11.704  1.00 32.13 ? 1101 92Y A C15 1 
HETATM 878 C C17 . 92Y B 2 .   ? 2.033   12.017  10.307  1.00 27.44 ? 1101 92Y A C17 1 
HETATM 879 O O1  . 92Y B 2 .   ? 0.181   14.456  13.067  1.00 28.86 ? 1101 92Y A O1  1 
HETATM 880 N N2  . 92Y B 2 .   ? 1.729   12.477  11.693  1.00 31.34 ? 1101 92Y A N2  1 
HETATM 881 C C3  . 92Y B 2 .   ? -3.581  16.181  11.580  1.00 40.93 ? 1101 92Y A C3  1 
HETATM 882 C C9  . 92Y B 2 .   ? -2.297  14.232  12.654  1.00 32.89 ? 1101 92Y A C9  1 
HETATM 883 C C11 . 92Y B 2 .   ? -0.702  12.643  11.701  1.00 32.11 ? 1101 92Y A C11 1 
HETATM 884 C C12 . 92Y B 2 .   ? -2.061  12.049  12.057  1.00 31.62 ? 1101 92Y A C12 1 
HETATM 885 C C14 . 92Y B 2 .   ? -2.393  13.442  13.992  1.00 28.79 ? 1101 92Y A C14 1 
HETATM 886 C C16 . 92Y B 2 .   ? 0.502   11.873  12.268  1.00 30.31 ? 1101 92Y A C16 1 
HETATM 887 C C18 . 92Y B 2 .   ? 2.873   12.238  12.611  1.00 34.42 ? 1101 92Y A C18 1 
HETATM 888 O O   . HOH C 3 .   ? -8.721  12.825  -12.070 1.00 28.94 ? 1201 HOH A O   1 
HETATM 889 O O   . HOH C 3 .   ? 7.680   11.991  3.535   1.00 38.29 ? 1202 HOH A O   1 
HETATM 890 O O   . HOH C 3 .   ? 2.812   -21.904 12.296  1.00 34.10 ? 1203 HOH A O   1 
HETATM 891 O O   . HOH C 3 .   ? -4.904  0.288   -2.525  1.00 35.61 ? 1204 HOH A O   1 
HETATM 892 O O   . HOH C 3 .   ? 6.916   6.170   6.019   1.00 38.17 ? 1205 HOH A O   1 
HETATM 893 O O   . HOH C 3 .   ? 0.175   12.035  -8.424  1.00 27.21 ? 1206 HOH A O   1 
HETATM 894 O O   . HOH C 3 .   ? -6.389  12.308  -10.944 1.00 26.25 ? 1207 HOH A O   1 
HETATM 895 O O   . HOH C 3 .   ? 12.723  -8.114  -7.819  1.00 38.16 ? 1208 HOH A O   1 
HETATM 896 O O   . HOH C 3 .   ? 8.745   -3.687  -2.848  1.00 31.40 ? 1209 HOH A O   1 
HETATM 897 O O   . HOH C 3 .   ? -14.916 3.089   -6.762  1.00 37.87 ? 1210 HOH A O   1 
HETATM 898 O O   . HOH C 3 .   ? 3.081   7.000   8.395   1.00 50.35 ? 1211 HOH A O   1 
HETATM 899 O O   . HOH C 3 .   ? -7.220  3.918   -10.565 1.00 28.87 ? 1212 HOH A O   1 
HETATM 900 O O   . HOH C 3 .   ? 9.216   6.034   3.282   1.00 39.16 ? 1213 HOH A O   1 
HETATM 901 O O   . HOH C 3 .   ? -10.139 7.437   -2.472  1.00 20.18 ? 1214 HOH A O   1 
HETATM 902 O O   . HOH C 3 .   ? 7.813   13.124  -2.164  1.00 55.43 ? 1215 HOH A O   1 
HETATM 903 O O   . HOH C 3 .   ? -7.415  13.203  16.882  1.00 47.55 ? 1216 HOH A O   1 
HETATM 904 O O   . HOH C 3 .   ? 18.117  -11.812 -12.488 1.00 58.80 ? 1217 HOH A O   1 
HETATM 905 O O   . HOH C 3 .   ? -11.226 5.289   -3.926  1.00 36.43 ? 1218 HOH A O   1 
HETATM 906 O O   . HOH C 3 .   ? -1.660  22.262  -8.280  1.00 30.68 ? 1219 HOH A O   1 
HETATM 907 O O   . HOH C 3 .   ? -3.713  6.594   -7.959  1.00 27.05 ? 1220 HOH A O   1 
HETATM 908 O O   . HOH C 3 .   ? 5.018   -6.077  3.467   1.00 45.84 ? 1221 HOH A O   1 
HETATM 909 O O   . HOH C 3 .   ? 14.875  -7.739  -6.095  1.00 42.36 ? 1222 HOH A O   1 
HETATM 910 O O   . HOH C 3 .   ? 11.043  -4.512  -6.103  1.00 39.19 ? 1223 HOH A O   1 
HETATM 911 O O   . HOH C 3 .   ? -1.420  14.240  -8.610  1.00 30.78 ? 1224 HOH A O   1 
HETATM 912 O O   . HOH C 3 .   ? -2.117  -7.281  1.120   1.00 32.02 ? 1225 HOH A O   1 
HETATM 913 O O   . HOH C 3 .   ? -12.508 5.801   0.154   1.00 39.44 ? 1226 HOH A O   1 
HETATM 914 O O   . HOH C 3 .   ? -13.939 5.572   5.482   1.00 39.11 ? 1227 HOH A O   1 
HETATM 915 O O   . HOH C 3 .   ? -0.935  1.070   -8.786  1.00 35.62 ? 1228 HOH A O   1 
HETATM 916 O O   . HOH C 3 .   ? 0.442   -23.044 -2.715  1.00 49.02 ? 1229 HOH A O   1 
HETATM 917 O O   . HOH C 3 .   ? 0.162   22.852  5.705   1.00 52.06 ? 1230 HOH A O   1 
HETATM 918 O O   . HOH C 3 .   ? -2.392  -25.095 -2.776  1.00 53.36 ? 1231 HOH A O   1 
HETATM 919 O O   . HOH C 3 .   ? -10.705 16.483  -1.693  1.00 43.69 ? 1232 HOH A O   1 
HETATM 920 O O   . HOH C 3 .   ? -1.272  18.140  -9.876  1.00 39.45 ? 1233 HOH A O   1 
HETATM 921 O O   . HOH C 3 .   ? 6.889   4.535   3.874   1.00 35.01 ? 1234 HOH A O   1 
HETATM 922 O O   . HOH C 3 .   ? 19.306  -8.649  -2.611  1.00 40.77 ? 1235 HOH A O   1 
HETATM 923 O O   . HOH C 3 .   ? -1.936  -14.341 4.789   1.00 31.92 ? 1236 HOH A O   1 
HETATM 924 O O   . HOH C 3 .   ? 2.772   12.554  -7.813  1.00 26.94 ? 1237 HOH A O   1 
HETATM 925 O O   . HOH C 3 .   ? -3.013  3.056   5.921   1.00 48.34 ? 1238 HOH A O   1 
HETATM 926 O O   . HOH C 3 .   ? -2.118  0.825   -2.155  1.00 35.68 ? 1239 HOH A O   1 
HETATM 927 O O   . HOH C 3 .   ? 11.359  -3.472  0.030   1.00 32.46 ? 1240 HOH A O   1 
HETATM 928 O O   . HOH C 3 .   ? 1.184   -9.417  8.465   1.00 59.48 ? 1241 HOH A O   1 
HETATM 929 O O   . HOH C 3 .   ? -6.696  -13.798 1.435   1.00 31.95 ? 1242 HOH A O   1 
HETATM 930 O O   . HOH C 3 .   ? -11.439 4.255   3.983   1.00 41.50 ? 1243 HOH A O   1 
HETATM 931 O O   . HOH C 3 .   ? -14.580 11.801  -6.336  1.00 46.10 ? 1244 HOH A O   1 
HETATM 932 O O   . HOH C 3 .   ? 1.384   21.520  0.965   1.00 46.18 ? 1245 HOH A O   1 
HETATM 933 O O   . HOH C 3 .   ? -4.373  -12.897 3.743   1.00 42.04 ? 1246 HOH A O   1 
HETATM 934 O O   . HOH C 3 .   ? -1.385  7.639   -8.933  1.00 30.73 ? 1247 HOH A O   1 
HETATM 935 O O   . HOH C 3 .   ? 3.835   22.092  6.110   1.00 55.95 ? 1248 HOH A O   1 
HETATM 936 O O   . HOH C 3 .   ? 5.001   8.105   6.674   1.00 36.27 ? 1249 HOH A O   1 
HETATM 937 O O   . HOH C 3 .   ? -4.486  8.991   17.984  1.00 51.30 ? 1250 HOH A O   1 
HETATM 938 O O   . HOH C 3 .   ? 4.031   9.379   9.137   1.00 46.30 ? 1251 HOH A O   1 
HETATM 939 O O   . HOH C 3 .   ? -10.733 16.542  12.538  1.00 56.86 ? 1252 HOH A O   1 
HETATM 940 O O   . HOH C 3 .   ? -7.802  18.139  10.951  1.00 39.60 ? 1253 HOH A O   1 
HETATM 941 O O   . HOH C 3 .   ? 8.475   -16.694 11.801  1.00 48.24 ? 1254 HOH A O   1 
HETATM 942 O O   . HOH C 3 .   ? 6.258   5.482   -0.441  1.00 55.88 ? 1255 HOH A O   1 
HETATM 943 O O   . HOH C 3 .   ? 14.816  -18.408 0.309   1.00 39.69 ? 1256 HOH A O   1 
HETATM 944 O O   . HOH C 3 .   ? 1.971   -17.476 15.557  1.00 55.30 ? 1257 HOH A O   1 
HETATM 945 O O   . HOH C 3 .   ? -16.565 15.394  1.602   1.00 58.77 ? 1258 HOH A O   1 
HETATM 946 O O   . HOH C 3 .   ? 5.305   19.136  13.448  1.00 49.88 ? 1259 HOH A O   1 
HETATM 947 O O   . HOH C 3 .   ? 5.781   3.662   1.540   1.00 57.30 ? 1260 HOH A O   1 
HETATM 948 O O   . HOH C 3 .   ? 3.544   -3.857  2.953   1.00 60.05 ? 1261 HOH A O   1 
HETATM 949 O O   . HOH C 3 .   ? 10.997  8.146   3.573   1.00 30.46 ? 1262 HOH A O   1 
HETATM 950 O O   . HOH C 3 .   ? -9.429  13.692  -9.311  1.00 60.68 ? 1263 HOH A O   1 
HETATM 951 O O   . HOH C 3 .   ? 9.174   -21.491 7.392   1.00 53.82 ? 1264 HOH A O   1 
HETATM 952 O O   . HOH C 3 .   ? -15.898 4.369   -3.216  1.00 42.59 ? 1265 HOH A O   1 
HETATM 953 O O   . HOH C 3 .   ? 11.290  -8.544  -11.702 1.00 61.28 ? 1266 HOH A O   1 
HETATM 954 O O   . HOH C 3 .   ? 12.299  -21.300 -0.951  1.00 58.49 ? 1267 HOH A O   1 
HETATM 955 O O   . HOH C 3 .   ? -12.229 18.791  1.386   1.00 53.47 ? 1268 HOH A O   1 
HETATM 956 O O   . HOH C 3 .   ? 17.580  -3.967  2.498   1.00 38.02 ? 1269 HOH A O   1 
HETATM 957 O O   . HOH C 3 .   ? 7.527   10.464  5.761   1.00 54.38 ? 1270 HOH A O   1 
HETATM 958 O O   . HOH C 3 .   ? 16.732  -13.602 -0.875  1.00 59.42 ? 1271 HOH A O   1 
HETATM 959 O O   . HOH C 3 .   ? 0.284   10.863  -11.111 1.00 54.88 ? 1272 HOH A O   1 
HETATM 960 O O   . HOH C 3 .   ? 0.429   23.504  14.385  1.00 53.38 ? 1273 HOH A O   1 
HETATM 961 O O   . HOH C 3 .   ? 6.584   -0.115  0.427   1.00 47.66 ? 1274 HOH A O   1 
# 
loop_
_pdbx_poly_seq_scheme.asym_id 
_pdbx_poly_seq_scheme.entity_id 
_pdbx_poly_seq_scheme.seq_id 
_pdbx_poly_seq_scheme.mon_id 
_pdbx_poly_seq_scheme.ndb_seq_num 
_pdbx_poly_seq_scheme.pdb_seq_num 
_pdbx_poly_seq_scheme.auth_seq_num 
_pdbx_poly_seq_scheme.pdb_mon_id 
_pdbx_poly_seq_scheme.auth_mon_id 
_pdbx_poly_seq_scheme.pdb_strand_id 
_pdbx_poly_seq_scheme.pdb_ins_code 
_pdbx_poly_seq_scheme.hetero 
A 1 1   GLY 1   893  ?    ?   ?   A . n 
A 1 2   SER 2   894  ?    ?   ?   A . n 
A 1 3   HIS 3   895  ?    ?   ?   A . n 
A 1 4   MET 4   896  ?    ?   ?   A . n 
A 1 5   GLN 5   897  897  GLN GLN A . n 
A 1 6   SER 6   898  898  SER SER A . n 
A 1 7   ILE 7   899  899  ILE ILE A . n 
A 1 8   THR 8   900  900  THR THR A . n 
A 1 9   ALA 9   901  901  ALA ALA A . n 
A 1 10  GLY 10  902  902  GLY GLY A . n 
A 1 11  GLN 11  903  903  GLN GLN A . n 
A 1 12  LYS 12  904  904  LYS LYS A . n 
A 1 13  VAL 13  905  905  VAL VAL A . n 
A 1 14  ILE 14  906  906  ILE ILE A . n 
A 1 15  SER 15  907  907  SER SER A . n 
A 1 16  LYS 16  908  908  LYS LYS A . n 
A 1 17  HIS 17  909  909  HIS HIS A . n 
A 1 18  LYS 18  910  910  LYS LYS A . n 
A 1 19  ASN 19  911  911  ASN ASN A . n 
A 1 20  GLY 20  912  912  GLY GLY A . n 
A 1 21  ARG 21  913  913  ARG ARG A . n 
A 1 22  PHE 22  914  914  PHE PHE A . n 
A 1 23  TYR 23  915  915  TYR TYR A . n 
A 1 24  GLN 24  916  916  GLN GLN A . n 
A 1 25  CYS 25  917  917  CYS CYS A . n 
A 1 26  GLU 26  918  918  GLU GLU A . n 
A 1 27  VAL 27  919  919  VAL VAL A . n 
A 1 28  VAL 28  920  920  VAL VAL A . n 
A 1 29  ARG 29  921  921  ARG ARG A . n 
A 1 30  LEU 30  922  922  LEU LEU A . n 
A 1 31  THR 31  923  923  THR THR A . n 
A 1 32  THR 32  924  924  THR THR A . n 
A 1 33  GLU 33  925  925  GLU GLU A . n 
A 1 34  THR 34  926  926  THR THR A . n 
A 1 35  PHE 35  927  927  PHE PHE A . n 
A 1 36  TYR 36  928  928  TYR TYR A . n 
A 1 37  GLU 37  929  929  GLU GLU A . n 
A 1 38  VAL 38  930  930  VAL VAL A . n 
A 1 39  ASN 39  931  931  ASN ASN A . n 
A 1 40  PHE 40  932  932  PHE PHE A . n 
A 1 41  ASP 41  933  933  ASP ASP A . n 
A 1 42  ASP 42  934  934  ASP ASP A . n 
A 1 43  GLY 43  935  935  GLY GLY A . n 
A 1 44  SER 44  936  936  SER SER A . n 
A 1 45  PHE 45  937  937  PHE PHE A . n 
A 1 46  SER 46  938  938  SER SER A . n 
A 1 47  ASP 47  939  939  ASP ASP A . n 
A 1 48  ASN 48  940  940  ASN ASN A . n 
A 1 49  LEU 49  941  941  LEU LEU A . n 
A 1 50  TYR 50  942  942  TYR TYR A . n 
A 1 51  PRO 51  943  943  PRO PRO A . n 
A 1 52  GLU 52  944  944  GLU GLU A . n 
A 1 53  ASP 53  945  945  ASP ASP A . n 
A 1 54  ILE 54  946  946  ILE ILE A . n 
A 1 55  VAL 55  947  947  VAL VAL A . n 
A 1 56  SER 56  948  948  SER SER A . n 
A 1 57  GLN 57  949  949  GLN GLN A . n 
A 1 58  ASP 58  950  950  ASP ASP A . n 
A 1 59  CYS 59  951  951  CYS CYS A . n 
A 1 60  LEU 60  952  952  LEU LEU A . n 
A 1 61  GLN 61  953  953  GLN GLN A . n 
A 1 62  PHE 62  954  954  PHE PHE A . n 
A 1 63  GLY 63  955  955  GLY GLY A . n 
A 1 64  PRO 64  956  956  PRO PRO A . n 
A 1 65  PRO 65  957  957  PRO PRO A . n 
A 1 66  ALA 66  958  958  ALA ALA A . n 
A 1 67  GLU 67  959  959  GLU GLU A . n 
A 1 68  GLY 68  960  960  GLY GLY A . n 
A 1 69  GLU 69  961  961  GLU GLU A . n 
A 1 70  VAL 70  962  962  VAL VAL A . n 
A 1 71  VAL 71  963  963  VAL VAL A . n 
A 1 72  GLN 72  964  964  GLN GLN A . n 
A 1 73  VAL 73  965  965  VAL VAL A . n 
A 1 74  ARG 74  966  966  ARG ARG A . n 
A 1 75  TRP 75  967  967  TRP TRP A . n 
A 1 76  THR 76  968  968  THR THR A . n 
A 1 77  ASP 77  969  969  ASP ASP A . n 
A 1 78  GLY 78  970  970  GLY GLY A . n 
A 1 79  GLN 79  971  971  GLN GLN A . n 
A 1 80  VAL 80  972  972  VAL VAL A . n 
A 1 81  TYR 81  973  973  TYR TYR A . n 
A 1 82  GLY 82  974  974  GLY GLY A . n 
A 1 83  ALA 83  975  975  ALA ALA A . n 
A 1 84  LYS 84  976  976  LYS LYS A . n 
A 1 85  PHE 85  977  977  PHE PHE A . n 
A 1 86  VAL 86  978  978  VAL VAL A . n 
A 1 87  ALA 87  979  979  ALA ALA A . n 
A 1 88  SER 88  980  980  SER SER A . n 
A 1 89  HIS 89  981  981  HIS HIS A . n 
A 1 90  PRO 90  982  982  PRO PRO A . n 
A 1 91  ILE 91  983  983  ILE ILE A . n 
A 1 92  GLN 92  984  984  GLN GLN A . n 
A 1 93  MET 93  985  985  MET MET A . n 
A 1 94  TYR 94  986  986  TYR TYR A . n 
A 1 95  GLN 95  987  987  GLN GLN A . n 
A 1 96  VAL 96  988  988  VAL VAL A . n 
A 1 97  GLU 97  989  989  GLU GLU A . n 
A 1 98  PHE 98  990  990  PHE PHE A . n 
A 1 99  GLU 99  991  991  GLU GLU A . n 
A 1 100 ASP 100 992  992  ASP ASP A . n 
A 1 101 GLY 101 993  993  GLY GLY A . n 
A 1 102 SER 102 994  994  SER SER A . n 
A 1 103 GLN 103 995  995  GLN GLN A . n 
A 1 104 LEU 104 996  996  LEU LEU A . n 
A 1 105 VAL 105 997  997  VAL VAL A . n 
A 1 106 VAL 106 998  998  VAL VAL A . n 
A 1 107 LYS 107 999  999  LYS LYS A . n 
A 1 108 ARG 108 1000 1000 ARG ARG A . n 
A 1 109 ASP 109 1001 1001 ASP ASP A . n 
A 1 110 ASP 110 1002 1002 ASP ASP A . n 
A 1 111 VAL 111 1003 1003 VAL VAL A . n 
A 1 112 TYR 112 1004 1004 TYR TYR A . n 
A 1 113 THR 113 1005 ?    ?   ?   A . n 
A 1 114 LEU 114 1006 ?    ?   ?   A . n 
A 1 115 ASP 115 1007 ?    ?   ?   A . n 
A 1 116 GLU 116 1008 ?    ?   ?   A . n 
A 1 117 GLU 117 1009 ?    ?   ?   A . n 
A 1 118 LEU 118 1010 ?    ?   ?   A . n 
A 1 119 PRO 119 1011 ?    ?   ?   A . n 
# 
loop_
_pdbx_nonpoly_scheme.asym_id 
_pdbx_nonpoly_scheme.entity_id 
_pdbx_nonpoly_scheme.mon_id 
_pdbx_nonpoly_scheme.ndb_seq_num 
_pdbx_nonpoly_scheme.pdb_seq_num 
_pdbx_nonpoly_scheme.auth_seq_num 
_pdbx_nonpoly_scheme.pdb_mon_id 
_pdbx_nonpoly_scheme.auth_mon_id 
_pdbx_nonpoly_scheme.pdb_strand_id 
_pdbx_nonpoly_scheme.pdb_ins_code 
B 2 92Y 1  1101 1  92Y LIG A . 
C 3 HOH 1  1201 1  HOH HOH A . 
C 3 HOH 2  1202 5  HOH HOH A . 
C 3 HOH 3  1203 12 HOH HOH A . 
C 3 HOH 4  1204 38 HOH HOH A . 
C 3 HOH 5  1205 1  HOH HOH A . 
C 3 HOH 6  1206 13 HOH HOH A . 
C 3 HOH 7  1207 4  HOH HOH A . 
C 3 HOH 8  1208 49 HOH HOH A . 
C 3 HOH 9  1209 8  HOH HOH A . 
C 3 HOH 10 1210 6  HOH HOH A . 
C 3 HOH 11 1211 17 HOH HOH A . 
C 3 HOH 12 1212 21 HOH HOH A . 
C 3 HOH 13 1213 19 HOH HOH A . 
C 3 HOH 14 1214 3  HOH HOH A . 
C 3 HOH 15 1215 18 HOH HOH A . 
C 3 HOH 16 1216 39 HOH HOH A . 
C 3 HOH 17 1217 27 HOH HOH A . 
C 3 HOH 18 1218 24 HOH HOH A . 
C 3 HOH 19 1219 3  HOH HOH A . 
C 3 HOH 20 1220 7  HOH HOH A . 
C 3 HOH 21 1221 9  HOH HOH A . 
C 3 HOH 22 1222 41 HOH HOH A . 
C 3 HOH 23 1223 20 HOH HOH A . 
C 3 HOH 24 1224 10 HOH HOH A . 
C 3 HOH 25 1225 2  HOH HOH A . 
C 3 HOH 26 1226 7  HOH HOH A . 
C 3 HOH 27 1227 4  HOH HOH A . 
C 3 HOH 28 1228 22 HOH HOH A . 
C 3 HOH 29 1229 43 HOH HOH A . 
C 3 HOH 30 1230 9  HOH HOH A . 
C 3 HOH 31 1231 32 HOH HOH A . 
C 3 HOH 32 1232 11 HOH HOH A . 
C 3 HOH 33 1233 42 HOH HOH A . 
C 3 HOH 34 1234 5  HOH HOH A . 
C 3 HOH 35 1235 59 HOH HOH A . 
C 3 HOH 36 1236 31 HOH HOH A . 
C 3 HOH 37 1237 2  HOH HOH A . 
C 3 HOH 38 1238 13 HOH HOH A . 
C 3 HOH 39 1239 28 HOH HOH A . 
C 3 HOH 40 1240 12 HOH HOH A . 
C 3 HOH 41 1241 23 HOH HOH A . 
C 3 HOH 42 1242 14 HOH HOH A . 
C 3 HOH 43 1243 52 HOH HOH A . 
C 3 HOH 44 1244 26 HOH HOH A . 
C 3 HOH 45 1245 45 HOH HOH A . 
C 3 HOH 46 1246 36 HOH HOH A . 
C 3 HOH 47 1247 37 HOH HOH A . 
C 3 HOH 48 1248 51 HOH HOH A . 
C 3 HOH 49 1249 11 HOH HOH A . 
C 3 HOH 50 1250 30 HOH HOH A . 
C 3 HOH 51 1251 15 HOH HOH A . 
C 3 HOH 52 1252 6  HOH HOH A . 
C 3 HOH 53 1253 33 HOH HOH A . 
C 3 HOH 54 1254 58 HOH HOH A . 
C 3 HOH 55 1255 48 HOH HOH A . 
C 3 HOH 56 1256 53 HOH HOH A . 
C 3 HOH 57 1257 46 HOH HOH A . 
C 3 HOH 58 1258 34 HOH HOH A . 
C 3 HOH 59 1259 25 HOH HOH A . 
C 3 HOH 60 1260 16 HOH HOH A . 
C 3 HOH 61 1261 40 HOH HOH A . 
C 3 HOH 62 1262 47 HOH HOH A . 
C 3 HOH 63 1263 29 HOH HOH A . 
C 3 HOH 64 1264 60 HOH HOH A . 
C 3 HOH 65 1265 56 HOH HOH A . 
C 3 HOH 66 1266 57 HOH HOH A . 
C 3 HOH 67 1267 10 HOH HOH A . 
C 3 HOH 68 1268 8  HOH HOH A . 
C 3 HOH 69 1269 54 HOH HOH A . 
C 3 HOH 70 1270 35 HOH HOH A . 
C 3 HOH 71 1271 44 HOH HOH A . 
C 3 HOH 72 1272 61 HOH HOH A . 
C 3 HOH 73 1273 50 HOH HOH A . 
C 3 HOH 74 1274 55 HOH HOH A . 
# 
_pdbx_struct_assembly.id                   1 
_pdbx_struct_assembly.details              author_and_software_defined_assembly 
_pdbx_struct_assembly.method_details       PISA 
_pdbx_struct_assembly.oligomeric_details   monomeric 
_pdbx_struct_assembly.oligomeric_count     1 
# 
_pdbx_struct_assembly_gen.assembly_id       1 
_pdbx_struct_assembly_gen.oper_expression   1 
_pdbx_struct_assembly_gen.asym_id_list      A,B,C 
# 
loop_
_pdbx_struct_assembly_prop.biol_id 
_pdbx_struct_assembly_prop.type 
_pdbx_struct_assembly_prop.value 
_pdbx_struct_assembly_prop.details 
1 'ABSA (A^2)' 0    ? 
1 MORE         0    ? 
1 'SSA (A^2)'  6950 ? 
# 
_pdbx_struct_oper_list.id                   1 
_pdbx_struct_oper_list.type                 'identity operation' 
_pdbx_struct_oper_list.name                 1_555 
_pdbx_struct_oper_list.symmetry_operation   x,y,z 
_pdbx_struct_oper_list.matrix[1][1]         1.0000000000 
_pdbx_struct_oper_list.matrix[1][2]         0.0000000000 
_pdbx_struct_oper_list.matrix[1][3]         0.0000000000 
_pdbx_struct_oper_list.vector[1]            0.0000000000 
_pdbx_struct_oper_list.matrix[2][1]         0.0000000000 
_pdbx_struct_oper_list.matrix[2][2]         1.0000000000 
_pdbx_struct_oper_list.matrix[2][3]         0.0000000000 
_pdbx_struct_oper_list.vector[2]            0.0000000000 
_pdbx_struct_oper_list.matrix[3][1]         0.0000000000 
_pdbx_struct_oper_list.matrix[3][2]         0.0000000000 
_pdbx_struct_oper_list.matrix[3][3]         1.0000000000 
_pdbx_struct_oper_list.vector[3]            0.0000000000 
# 
loop_
_pdbx_audit_revision_history.ordinal 
_pdbx_audit_revision_history.data_content_type 
_pdbx_audit_revision_history.major_revision 
_pdbx_audit_revision_history.minor_revision 
_pdbx_audit_revision_history.revision_date 
1 'Structure model' 1 0 2018-03-28 
2 'Structure model' 1 1 2018-05-09 
3 'Structure model' 1 2 2018-05-16 
4 'Structure model' 1 3 2018-09-05 
5 'Structure model' 1 4 2023-10-04 
# 
_pdbx_audit_revision_details.ordinal             1 
_pdbx_audit_revision_details.revision_ordinal    1 
_pdbx_audit_revision_details.data_content_type   'Structure model' 
_pdbx_audit_revision_details.provider            repository 
_pdbx_audit_revision_details.type                'Initial release' 
_pdbx_audit_revision_details.description         ? 
_pdbx_audit_revision_details.details             ? 
# 
loop_
_pdbx_audit_revision_group.ordinal 
_pdbx_audit_revision_group.revision_ordinal 
_pdbx_audit_revision_group.data_content_type 
_pdbx_audit_revision_group.group 
1 2 'Structure model' 'Data collection'        
2 2 'Structure model' 'Database references'    
3 3 'Structure model' 'Data collection'        
4 3 'Structure model' 'Database references'    
5 4 'Structure model' 'Data collection'        
6 4 'Structure model' 'Database references'    
7 5 'Structure model' 'Data collection'        
8 5 'Structure model' 'Database references'    
9 5 'Structure model' 'Refinement description' 
# 
loop_
_pdbx_audit_revision_category.ordinal 
_pdbx_audit_revision_category.revision_ordinal 
_pdbx_audit_revision_category.data_content_type 
_pdbx_audit_revision_category.category 
1 2 'Structure model' citation                      
2 2 'Structure model' citation_author               
3 3 'Structure model' citation                      
4 4 'Structure model' pdbx_related_exp_data_set     
5 5 'Structure model' chem_comp_atom                
6 5 'Structure model' chem_comp_bond                
7 5 'Structure model' database_2                    
8 5 'Structure model' pdbx_initial_refinement_model 
# 
loop_
_pdbx_audit_revision_item.ordinal 
_pdbx_audit_revision_item.revision_ordinal 
_pdbx_audit_revision_item.data_content_type 
_pdbx_audit_revision_item.item 
1  2 'Structure model' '_citation.country'                   
2  2 'Structure model' '_citation.journal_abbrev'            
3  2 'Structure model' '_citation.journal_id_ASTM'           
4  2 'Structure model' '_citation.journal_id_CSD'            
5  2 'Structure model' '_citation.journal_id_ISSN'           
6  2 'Structure model' '_citation.pdbx_database_id_DOI'      
7  2 'Structure model' '_citation.pdbx_database_id_PubMed'   
8  2 'Structure model' '_citation.title'                     
9  2 'Structure model' '_citation.year'                      
10 3 'Structure model' '_citation.journal_volume'            
11 3 'Structure model' '_citation.page_first'                
12 3 'Structure model' '_citation.page_last'                 
13 5 'Structure model' '_database_2.pdbx_DOI'                
14 5 'Structure model' '_database_2.pdbx_database_accession' 
# 
_phasing.method   MR 
# 
loop_
_software.citation_id 
_software.classification 
_software.compiler_name 
_software.compiler_version 
_software.contact_author 
_software.contact_author_email 
_software.date 
_software.description 
_software.dependencies 
_software.hardware 
_software.language 
_software.location 
_software.mods 
_software.name 
_software.os 
_software.os_version 
_software.type 
_software.version 
_software.pdbx_ordinal 
? 'data scaling'    ? ? ? ? ? ? ? ? ? ? ? Aimless     ? ? ? 0.5.12 1 
? phasing           ? ? ? ? ? ? ? ? ? ? ? MOLREP      ? ? ? .      2 
? refinement        ? ? ? ? ? ? ? ? ? ? ? BUSTER      ? ? ? 2.11.7 3 
? 'data extraction' ? ? ? ? ? ? ? ? ? ? ? PDB_EXTRACT ? ? ? 3.22   4 
? 'data reduction'  ? ? ? ? ? ? ? ? ? ? ? XDS         ? ? ? .      5 
# 
_pdbx_distant_solvent_atoms.id                                1 
_pdbx_distant_solvent_atoms.PDB_model_num                     1 
_pdbx_distant_solvent_atoms.auth_atom_id                      O 
_pdbx_distant_solvent_atoms.label_alt_id                      ? 
_pdbx_distant_solvent_atoms.auth_asym_id                      A 
_pdbx_distant_solvent_atoms.auth_comp_id                      HOH 
_pdbx_distant_solvent_atoms.auth_seq_id                       1274 
_pdbx_distant_solvent_atoms.PDB_ins_code                      ? 
_pdbx_distant_solvent_atoms.neighbor_macromolecule_distance   5.91 
_pdbx_distant_solvent_atoms.neighbor_ligand_distance          . 
# 
loop_
_pdbx_unobs_or_zero_occ_residues.id 
_pdbx_unobs_or_zero_occ_residues.PDB_model_num 
_pdbx_unobs_or_zero_occ_residues.polymer_flag 
_pdbx_unobs_or_zero_occ_residues.occupancy_flag 
_pdbx_unobs_or_zero_occ_residues.auth_asym_id 
_pdbx_unobs_or_zero_occ_residues.auth_comp_id 
_pdbx_unobs_or_zero_occ_residues.auth_seq_id 
_pdbx_unobs_or_zero_occ_residues.PDB_ins_code 
_pdbx_unobs_or_zero_occ_residues.label_asym_id 
_pdbx_unobs_or_zero_occ_residues.label_comp_id 
_pdbx_unobs_or_zero_occ_residues.label_seq_id 
1  1 Y 1 A GLY 893  ? A GLY 1   
2  1 Y 1 A SER 894  ? A SER 2   
3  1 Y 1 A HIS 895  ? A HIS 3   
4  1 Y 1 A MET 896  ? A MET 4   
5  1 Y 1 A THR 1005 ? A THR 113 
6  1 Y 1 A LEU 1006 ? A LEU 114 
7  1 Y 1 A ASP 1007 ? A ASP 115 
8  1 Y 1 A GLU 1008 ? A GLU 116 
9  1 Y 1 A GLU 1009 ? A GLU 117 
10 1 Y 1 A LEU 1010 ? A LEU 118 
11 1 Y 1 A PRO 1011 ? A PRO 119 
# 
loop_
_chem_comp_atom.comp_id 
_chem_comp_atom.atom_id 
_chem_comp_atom.type_symbol 
_chem_comp_atom.pdbx_aromatic_flag 
_chem_comp_atom.pdbx_stereo_config 
_chem_comp_atom.pdbx_ordinal 
92Y C4   C Y N 1   
92Y C5   C Y N 2   
92Y C6   C Y N 3   
92Y C7   C Y N 4   
92Y C8   C Y N 5   
92Y C10  C N S 6   
92Y C13  C N N 7   
92Y C15  C N N 8   
92Y C17  C N N 9   
92Y O1   O N N 10  
92Y N2   N N N 11  
92Y C3   C Y N 12  
92Y C9   C N R 13  
92Y C11  C N R 14  
92Y C12  C N S 15  
92Y C14  C N N 16  
92Y C16  C N N 17  
92Y C18  C N N 18  
92Y H1   H N N 19  
92Y H2   H N N 20  
92Y H3   H N N 21  
92Y H4   H N N 22  
92Y H5   H N N 23  
92Y H6   H N N 24  
92Y H7   H N N 25  
92Y H8   H N N 26  
92Y H9   H N N 27  
92Y H10  H N N 28  
92Y H11  H N N 29  
92Y H12  H N N 30  
92Y H13  H N N 31  
92Y H15  H N N 32  
92Y H16  H N N 33  
92Y H17  H N N 34  
92Y H18  H N N 35  
92Y H19  H N N 36  
92Y H20  H N N 37  
92Y H21  H N N 38  
92Y H22  H N N 39  
92Y H23  H N N 40  
92Y H24  H N N 41  
ALA N    N N N 42  
ALA CA   C N S 43  
ALA C    C N N 44  
ALA O    O N N 45  
ALA CB   C N N 46  
ALA OXT  O N N 47  
ALA H    H N N 48  
ALA H2   H N N 49  
ALA HA   H N N 50  
ALA HB1  H N N 51  
ALA HB2  H N N 52  
ALA HB3  H N N 53  
ALA HXT  H N N 54  
ARG N    N N N 55  
ARG CA   C N S 56  
ARG C    C N N 57  
ARG O    O N N 58  
ARG CB   C N N 59  
ARG CG   C N N 60  
ARG CD   C N N 61  
ARG NE   N N N 62  
ARG CZ   C N N 63  
ARG NH1  N N N 64  
ARG NH2  N N N 65  
ARG OXT  O N N 66  
ARG H    H N N 67  
ARG H2   H N N 68  
ARG HA   H N N 69  
ARG HB2  H N N 70  
ARG HB3  H N N 71  
ARG HG2  H N N 72  
ARG HG3  H N N 73  
ARG HD2  H N N 74  
ARG HD3  H N N 75  
ARG HE   H N N 76  
ARG HH11 H N N 77  
ARG HH12 H N N 78  
ARG HH21 H N N 79  
ARG HH22 H N N 80  
ARG HXT  H N N 81  
ASN N    N N N 82  
ASN CA   C N S 83  
ASN C    C N N 84  
ASN O    O N N 85  
ASN CB   C N N 86  
ASN CG   C N N 87  
ASN OD1  O N N 88  
ASN ND2  N N N 89  
ASN OXT  O N N 90  
ASN H    H N N 91  
ASN H2   H N N 92  
ASN HA   H N N 93  
ASN HB2  H N N 94  
ASN HB3  H N N 95  
ASN HD21 H N N 96  
ASN HD22 H N N 97  
ASN HXT  H N N 98  
ASP N    N N N 99  
ASP CA   C N S 100 
ASP C    C N N 101 
ASP O    O N N 102 
ASP CB   C N N 103 
ASP CG   C N N 104 
ASP OD1  O N N 105 
ASP OD2  O N N 106 
ASP OXT  O N N 107 
ASP H    H N N 108 
ASP H2   H N N 109 
ASP HA   H N N 110 
ASP HB2  H N N 111 
ASP HB3  H N N 112 
ASP HD2  H N N 113 
ASP HXT  H N N 114 
CYS N    N N N 115 
CYS CA   C N R 116 
CYS C    C N N 117 
CYS O    O N N 118 
CYS CB   C N N 119 
CYS SG   S N N 120 
CYS OXT  O N N 121 
CYS H    H N N 122 
CYS H2   H N N 123 
CYS HA   H N N 124 
CYS HB2  H N N 125 
CYS HB3  H N N 126 
CYS HG   H N N 127 
CYS HXT  H N N 128 
GLN N    N N N 129 
GLN CA   C N S 130 
GLN C    C N N 131 
GLN O    O N N 132 
GLN CB   C N N 133 
GLN CG   C N N 134 
GLN CD   C N N 135 
GLN OE1  O N N 136 
GLN NE2  N N N 137 
GLN OXT  O N N 138 
GLN H    H N N 139 
GLN H2   H N N 140 
GLN HA   H N N 141 
GLN HB2  H N N 142 
GLN HB3  H N N 143 
GLN HG2  H N N 144 
GLN HG3  H N N 145 
GLN HE21 H N N 146 
GLN HE22 H N N 147 
GLN HXT  H N N 148 
GLU N    N N N 149 
GLU CA   C N S 150 
GLU C    C N N 151 
GLU O    O N N 152 
GLU CB   C N N 153 
GLU CG   C N N 154 
GLU CD   C N N 155 
GLU OE1  O N N 156 
GLU OE2  O N N 157 
GLU OXT  O N N 158 
GLU H    H N N 159 
GLU H2   H N N 160 
GLU HA   H N N 161 
GLU HB2  H N N 162 
GLU HB3  H N N 163 
GLU HG2  H N N 164 
GLU HG3  H N N 165 
GLU HE2  H N N 166 
GLU HXT  H N N 167 
GLY N    N N N 168 
GLY CA   C N N 169 
GLY C    C N N 170 
GLY O    O N N 171 
GLY OXT  O N N 172 
GLY H    H N N 173 
GLY H2   H N N 174 
GLY HA2  H N N 175 
GLY HA3  H N N 176 
GLY HXT  H N N 177 
HIS N    N N N 178 
HIS CA   C N S 179 
HIS C    C N N 180 
HIS O    O N N 181 
HIS CB   C N N 182 
HIS CG   C Y N 183 
HIS ND1  N Y N 184 
HIS CD2  C Y N 185 
HIS CE1  C Y N 186 
HIS NE2  N Y N 187 
HIS OXT  O N N 188 
HIS H    H N N 189 
HIS H2   H N N 190 
HIS HA   H N N 191 
HIS HB2  H N N 192 
HIS HB3  H N N 193 
HIS HD1  H N N 194 
HIS HD2  H N N 195 
HIS HE1  H N N 196 
HIS HE2  H N N 197 
HIS HXT  H N N 198 
HOH O    O N N 199 
HOH H1   H N N 200 
HOH H2   H N N 201 
ILE N    N N N 202 
ILE CA   C N S 203 
ILE C    C N N 204 
ILE O    O N N 205 
ILE CB   C N S 206 
ILE CG1  C N N 207 
ILE CG2  C N N 208 
ILE CD1  C N N 209 
ILE OXT  O N N 210 
ILE H    H N N 211 
ILE H2   H N N 212 
ILE HA   H N N 213 
ILE HB   H N N 214 
ILE HG12 H N N 215 
ILE HG13 H N N 216 
ILE HG21 H N N 217 
ILE HG22 H N N 218 
ILE HG23 H N N 219 
ILE HD11 H N N 220 
ILE HD12 H N N 221 
ILE HD13 H N N 222 
ILE HXT  H N N 223 
LEU N    N N N 224 
LEU CA   C N S 225 
LEU C    C N N 226 
LEU O    O N N 227 
LEU CB   C N N 228 
LEU CG   C N N 229 
LEU CD1  C N N 230 
LEU CD2  C N N 231 
LEU OXT  O N N 232 
LEU H    H N N 233 
LEU H2   H N N 234 
LEU HA   H N N 235 
LEU HB2  H N N 236 
LEU HB3  H N N 237 
LEU HG   H N N 238 
LEU HD11 H N N 239 
LEU HD12 H N N 240 
LEU HD13 H N N 241 
LEU HD21 H N N 242 
LEU HD22 H N N 243 
LEU HD23 H N N 244 
LEU HXT  H N N 245 
LYS N    N N N 246 
LYS CA   C N S 247 
LYS C    C N N 248 
LYS O    O N N 249 
LYS CB   C N N 250 
LYS CG   C N N 251 
LYS CD   C N N 252 
LYS CE   C N N 253 
LYS NZ   N N N 254 
LYS OXT  O N N 255 
LYS H    H N N 256 
LYS H2   H N N 257 
LYS HA   H N N 258 
LYS HB2  H N N 259 
LYS HB3  H N N 260 
LYS HG2  H N N 261 
LYS HG3  H N N 262 
LYS HD2  H N N 263 
LYS HD3  H N N 264 
LYS HE2  H N N 265 
LYS HE3  H N N 266 
LYS HZ1  H N N 267 
LYS HZ2  H N N 268 
LYS HZ3  H N N 269 
LYS HXT  H N N 270 
MET N    N N N 271 
MET CA   C N S 272 
MET C    C N N 273 
MET O    O N N 274 
MET CB   C N N 275 
MET CG   C N N 276 
MET SD   S N N 277 
MET CE   C N N 278 
MET OXT  O N N 279 
MET H    H N N 280 
MET H2   H N N 281 
MET HA   H N N 282 
MET HB2  H N N 283 
MET HB3  H N N 284 
MET HG2  H N N 285 
MET HG3  H N N 286 
MET HE1  H N N 287 
MET HE2  H N N 288 
MET HE3  H N N 289 
MET HXT  H N N 290 
PHE N    N N N 291 
PHE CA   C N S 292 
PHE C    C N N 293 
PHE O    O N N 294 
PHE CB   C N N 295 
PHE CG   C Y N 296 
PHE CD1  C Y N 297 
PHE CD2  C Y N 298 
PHE CE1  C Y N 299 
PHE CE2  C Y N 300 
PHE CZ   C Y N 301 
PHE OXT  O N N 302 
PHE H    H N N 303 
PHE H2   H N N 304 
PHE HA   H N N 305 
PHE HB2  H N N 306 
PHE HB3  H N N 307 
PHE HD1  H N N 308 
PHE HD2  H N N 309 
PHE HE1  H N N 310 
PHE HE2  H N N 311 
PHE HZ   H N N 312 
PHE HXT  H N N 313 
PRO N    N N N 314 
PRO CA   C N S 315 
PRO C    C N N 316 
PRO O    O N N 317 
PRO CB   C N N 318 
PRO CG   C N N 319 
PRO CD   C N N 320 
PRO OXT  O N N 321 
PRO H    H N N 322 
PRO HA   H N N 323 
PRO HB2  H N N 324 
PRO HB3  H N N 325 
PRO HG2  H N N 326 
PRO HG3  H N N 327 
PRO HD2  H N N 328 
PRO HD3  H N N 329 
PRO HXT  H N N 330 
SER N    N N N 331 
SER CA   C N S 332 
SER C    C N N 333 
SER O    O N N 334 
SER CB   C N N 335 
SER OG   O N N 336 
SER OXT  O N N 337 
SER H    H N N 338 
SER H2   H N N 339 
SER HA   H N N 340 
SER HB2  H N N 341 
SER HB3  H N N 342 
SER HG   H N N 343 
SER HXT  H N N 344 
THR N    N N N 345 
THR CA   C N S 346 
THR C    C N N 347 
THR O    O N N 348 
THR CB   C N R 349 
THR OG1  O N N 350 
THR CG2  C N N 351 
THR OXT  O N N 352 
THR H    H N N 353 
THR H2   H N N 354 
THR HA   H N N 355 
THR HB   H N N 356 
THR HG1  H N N 357 
THR HG21 H N N 358 
THR HG22 H N N 359 
THR HG23 H N N 360 
THR HXT  H N N 361 
TRP N    N N N 362 
TRP CA   C N S 363 
TRP C    C N N 364 
TRP O    O N N 365 
TRP CB   C N N 366 
TRP CG   C Y N 367 
TRP CD1  C Y N 368 
TRP CD2  C Y N 369 
TRP NE1  N Y N 370 
TRP CE2  C Y N 371 
TRP CE3  C Y N 372 
TRP CZ2  C Y N 373 
TRP CZ3  C Y N 374 
TRP CH2  C Y N 375 
TRP OXT  O N N 376 
TRP H    H N N 377 
TRP H2   H N N 378 
TRP HA   H N N 379 
TRP HB2  H N N 380 
TRP HB3  H N N 381 
TRP HD1  H N N 382 
TRP HE1  H N N 383 
TRP HE3  H N N 384 
TRP HZ2  H N N 385 
TRP HZ3  H N N 386 
TRP HH2  H N N 387 
TRP HXT  H N N 388 
TYR N    N N N 389 
TYR CA   C N S 390 
TYR C    C N N 391 
TYR O    O N N 392 
TYR CB   C N N 393 
TYR CG   C Y N 394 
TYR CD1  C Y N 395 
TYR CD2  C Y N 396 
TYR CE1  C Y N 397 
TYR CE2  C Y N 398 
TYR CZ   C Y N 399 
TYR OH   O N N 400 
TYR OXT  O N N 401 
TYR H    H N N 402 
TYR H2   H N N 403 
TYR HA   H N N 404 
TYR HB2  H N N 405 
TYR HB3  H N N 406 
TYR HD1  H N N 407 
TYR HD2  H N N 408 
TYR HE1  H N N 409 
TYR HE2  H N N 410 
TYR HH   H N N 411 
TYR HXT  H N N 412 
VAL N    N N N 413 
VAL CA   C N S 414 
VAL C    C N N 415 
VAL O    O N N 416 
VAL CB   C N N 417 
VAL CG1  C N N 418 
VAL CG2  C N N 419 
VAL OXT  O N N 420 
VAL H    H N N 421 
VAL H2   H N N 422 
VAL HA   H N N 423 
VAL HB   H N N 424 
VAL HG11 H N N 425 
VAL HG12 H N N 426 
VAL HG13 H N N 427 
VAL HG21 H N N 428 
VAL HG22 H N N 429 
VAL HG23 H N N 430 
VAL HXT  H N N 431 
# 
loop_
_chem_comp_bond.comp_id 
_chem_comp_bond.atom_id_1 
_chem_comp_bond.atom_id_2 
_chem_comp_bond.value_order 
_chem_comp_bond.pdbx_aromatic_flag 
_chem_comp_bond.pdbx_stereo_config 
_chem_comp_bond.pdbx_ordinal 
92Y C13 C14  sing N N 1   
92Y C13 C12  sing N N 2   
92Y C14 C9   sing N N 3   
92Y C7  C6   doub Y N 4   
92Y C7  C8   sing Y N 5   
92Y C12 C15  sing N N 6   
92Y C12 C11  sing N N 7   
92Y C16 C11  sing N N 8   
92Y C16 N2   sing N N 9   
92Y C9  C15  sing N N 10  
92Y C9  C8   sing N N 11  
92Y C9  C10  sing N N 12  
92Y C6  C5   sing Y N 13  
92Y O1  C10  sing N N 14  
92Y C18 N2   sing N N 15  
92Y C8  C3   doub Y N 16  
92Y C11 C10  sing N N 17  
92Y N2  C17  sing N N 18  
92Y C5  C4   doub Y N 19  
92Y C3  C4   sing Y N 20  
92Y C4  H1   sing N N 21  
92Y C5  H2   sing N N 22  
92Y C6  H3   sing N N 23  
92Y C7  H4   sing N N 24  
92Y C10 H5   sing N N 25  
92Y C13 H6   sing N N 26  
92Y C13 H7   sing N N 27  
92Y C15 H8   sing N N 28  
92Y C15 H9   sing N N 29  
92Y C17 H10  sing N N 30  
92Y C17 H11  sing N N 31  
92Y C17 H12  sing N N 32  
92Y O1  H13  sing N N 33  
92Y C3  H15  sing N N 34  
92Y C11 H16  sing N N 35  
92Y C12 H17  sing N N 36  
92Y C14 H18  sing N N 37  
92Y C14 H19  sing N N 38  
92Y C16 H20  sing N N 39  
92Y C16 H21  sing N N 40  
92Y C18 H22  sing N N 41  
92Y C18 H23  sing N N 42  
92Y C18 H24  sing N N 43  
ALA N   CA   sing N N 44  
ALA N   H    sing N N 45  
ALA N   H2   sing N N 46  
ALA CA  C    sing N N 47  
ALA CA  CB   sing N N 48  
ALA CA  HA   sing N N 49  
ALA C   O    doub N N 50  
ALA C   OXT  sing N N 51  
ALA CB  HB1  sing N N 52  
ALA CB  HB2  sing N N 53  
ALA CB  HB3  sing N N 54  
ALA OXT HXT  sing N N 55  
ARG N   CA   sing N N 56  
ARG N   H    sing N N 57  
ARG N   H2   sing N N 58  
ARG CA  C    sing N N 59  
ARG CA  CB   sing N N 60  
ARG CA  HA   sing N N 61  
ARG C   O    doub N N 62  
ARG C   OXT  sing N N 63  
ARG CB  CG   sing N N 64  
ARG CB  HB2  sing N N 65  
ARG CB  HB3  sing N N 66  
ARG CG  CD   sing N N 67  
ARG CG  HG2  sing N N 68  
ARG CG  HG3  sing N N 69  
ARG CD  NE   sing N N 70  
ARG CD  HD2  sing N N 71  
ARG CD  HD3  sing N N 72  
ARG NE  CZ   sing N N 73  
ARG NE  HE   sing N N 74  
ARG CZ  NH1  sing N N 75  
ARG CZ  NH2  doub N N 76  
ARG NH1 HH11 sing N N 77  
ARG NH1 HH12 sing N N 78  
ARG NH2 HH21 sing N N 79  
ARG NH2 HH22 sing N N 80  
ARG OXT HXT  sing N N 81  
ASN N   CA   sing N N 82  
ASN N   H    sing N N 83  
ASN N   H2   sing N N 84  
ASN CA  C    sing N N 85  
ASN CA  CB   sing N N 86  
ASN CA  HA   sing N N 87  
ASN C   O    doub N N 88  
ASN C   OXT  sing N N 89  
ASN CB  CG   sing N N 90  
ASN CB  HB2  sing N N 91  
ASN CB  HB3  sing N N 92  
ASN CG  OD1  doub N N 93  
ASN CG  ND2  sing N N 94  
ASN ND2 HD21 sing N N 95  
ASN ND2 HD22 sing N N 96  
ASN OXT HXT  sing N N 97  
ASP N   CA   sing N N 98  
ASP N   H    sing N N 99  
ASP N   H2   sing N N 100 
ASP CA  C    sing N N 101 
ASP CA  CB   sing N N 102 
ASP CA  HA   sing N N 103 
ASP C   O    doub N N 104 
ASP C   OXT  sing N N 105 
ASP CB  CG   sing N N 106 
ASP CB  HB2  sing N N 107 
ASP CB  HB3  sing N N 108 
ASP CG  OD1  doub N N 109 
ASP CG  OD2  sing N N 110 
ASP OD2 HD2  sing N N 111 
ASP OXT HXT  sing N N 112 
CYS N   CA   sing N N 113 
CYS N   H    sing N N 114 
CYS N   H2   sing N N 115 
CYS CA  C    sing N N 116 
CYS CA  CB   sing N N 117 
CYS CA  HA   sing N N 118 
CYS C   O    doub N N 119 
CYS C   OXT  sing N N 120 
CYS CB  SG   sing N N 121 
CYS CB  HB2  sing N N 122 
CYS CB  HB3  sing N N 123 
CYS SG  HG   sing N N 124 
CYS OXT HXT  sing N N 125 
GLN N   CA   sing N N 126 
GLN N   H    sing N N 127 
GLN N   H2   sing N N 128 
GLN CA  C    sing N N 129 
GLN CA  CB   sing N N 130 
GLN CA  HA   sing N N 131 
GLN C   O    doub N N 132 
GLN C   OXT  sing N N 133 
GLN CB  CG   sing N N 134 
GLN CB  HB2  sing N N 135 
GLN CB  HB3  sing N N 136 
GLN CG  CD   sing N N 137 
GLN CG  HG2  sing N N 138 
GLN CG  HG3  sing N N 139 
GLN CD  OE1  doub N N 140 
GLN CD  NE2  sing N N 141 
GLN NE2 HE21 sing N N 142 
GLN NE2 HE22 sing N N 143 
GLN OXT HXT  sing N N 144 
GLU N   CA   sing N N 145 
GLU N   H    sing N N 146 
GLU N   H2   sing N N 147 
GLU CA  C    sing N N 148 
GLU CA  CB   sing N N 149 
GLU CA  HA   sing N N 150 
GLU C   O    doub N N 151 
GLU C   OXT  sing N N 152 
GLU CB  CG   sing N N 153 
GLU CB  HB2  sing N N 154 
GLU CB  HB3  sing N N 155 
GLU CG  CD   sing N N 156 
GLU CG  HG2  sing N N 157 
GLU CG  HG3  sing N N 158 
GLU CD  OE1  doub N N 159 
GLU CD  OE2  sing N N 160 
GLU OE2 HE2  sing N N 161 
GLU OXT HXT  sing N N 162 
GLY N   CA   sing N N 163 
GLY N   H    sing N N 164 
GLY N   H2   sing N N 165 
GLY CA  C    sing N N 166 
GLY CA  HA2  sing N N 167 
GLY CA  HA3  sing N N 168 
GLY C   O    doub N N 169 
GLY C   OXT  sing N N 170 
GLY OXT HXT  sing N N 171 
HIS N   CA   sing N N 172 
HIS N   H    sing N N 173 
HIS N   H2   sing N N 174 
HIS CA  C    sing N N 175 
HIS CA  CB   sing N N 176 
HIS CA  HA   sing N N 177 
HIS C   O    doub N N 178 
HIS C   OXT  sing N N 179 
HIS CB  CG   sing N N 180 
HIS CB  HB2  sing N N 181 
HIS CB  HB3  sing N N 182 
HIS CG  ND1  sing Y N 183 
HIS CG  CD2  doub Y N 184 
HIS ND1 CE1  doub Y N 185 
HIS ND1 HD1  sing N N 186 
HIS CD2 NE2  sing Y N 187 
HIS CD2 HD2  sing N N 188 
HIS CE1 NE2  sing Y N 189 
HIS CE1 HE1  sing N N 190 
HIS NE2 HE2  sing N N 191 
HIS OXT HXT  sing N N 192 
HOH O   H1   sing N N 193 
HOH O   H2   sing N N 194 
ILE N   CA   sing N N 195 
ILE N   H    sing N N 196 
ILE N   H2   sing N N 197 
ILE CA  C    sing N N 198 
ILE CA  CB   sing N N 199 
ILE CA  HA   sing N N 200 
ILE C   O    doub N N 201 
ILE C   OXT  sing N N 202 
ILE CB  CG1  sing N N 203 
ILE CB  CG2  sing N N 204 
ILE CB  HB   sing N N 205 
ILE CG1 CD1  sing N N 206 
ILE CG1 HG12 sing N N 207 
ILE CG1 HG13 sing N N 208 
ILE CG2 HG21 sing N N 209 
ILE CG2 HG22 sing N N 210 
ILE CG2 HG23 sing N N 211 
ILE CD1 HD11 sing N N 212 
ILE CD1 HD12 sing N N 213 
ILE CD1 HD13 sing N N 214 
ILE OXT HXT  sing N N 215 
LEU N   CA   sing N N 216 
LEU N   H    sing N N 217 
LEU N   H2   sing N N 218 
LEU CA  C    sing N N 219 
LEU CA  CB   sing N N 220 
LEU CA  HA   sing N N 221 
LEU C   O    doub N N 222 
LEU C   OXT  sing N N 223 
LEU CB  CG   sing N N 224 
LEU CB  HB2  sing N N 225 
LEU CB  HB3  sing N N 226 
LEU CG  CD1  sing N N 227 
LEU CG  CD2  sing N N 228 
LEU CG  HG   sing N N 229 
LEU CD1 HD11 sing N N 230 
LEU CD1 HD12 sing N N 231 
LEU CD1 HD13 sing N N 232 
LEU CD2 HD21 sing N N 233 
LEU CD2 HD22 sing N N 234 
LEU CD2 HD23 sing N N 235 
LEU OXT HXT  sing N N 236 
LYS N   CA   sing N N 237 
LYS N   H    sing N N 238 
LYS N   H2   sing N N 239 
LYS CA  C    sing N N 240 
LYS CA  CB   sing N N 241 
LYS CA  HA   sing N N 242 
LYS C   O    doub N N 243 
LYS C   OXT  sing N N 244 
LYS CB  CG   sing N N 245 
LYS CB  HB2  sing N N 246 
LYS CB  HB3  sing N N 247 
LYS CG  CD   sing N N 248 
LYS CG  HG2  sing N N 249 
LYS CG  HG3  sing N N 250 
LYS CD  CE   sing N N 251 
LYS CD  HD2  sing N N 252 
LYS CD  HD3  sing N N 253 
LYS CE  NZ   sing N N 254 
LYS CE  HE2  sing N N 255 
LYS CE  HE3  sing N N 256 
LYS NZ  HZ1  sing N N 257 
LYS NZ  HZ2  sing N N 258 
LYS NZ  HZ3  sing N N 259 
LYS OXT HXT  sing N N 260 
MET N   CA   sing N N 261 
MET N   H    sing N N 262 
MET N   H2   sing N N 263 
MET CA  C    sing N N 264 
MET CA  CB   sing N N 265 
MET CA  HA   sing N N 266 
MET C   O    doub N N 267 
MET C   OXT  sing N N 268 
MET CB  CG   sing N N 269 
MET CB  HB2  sing N N 270 
MET CB  HB3  sing N N 271 
MET CG  SD   sing N N 272 
MET CG  HG2  sing N N 273 
MET CG  HG3  sing N N 274 
MET SD  CE   sing N N 275 
MET CE  HE1  sing N N 276 
MET CE  HE2  sing N N 277 
MET CE  HE3  sing N N 278 
MET OXT HXT  sing N N 279 
PHE N   CA   sing N N 280 
PHE N   H    sing N N 281 
PHE N   H2   sing N N 282 
PHE CA  C    sing N N 283 
PHE CA  CB   sing N N 284 
PHE CA  HA   sing N N 285 
PHE C   O    doub N N 286 
PHE C   OXT  sing N N 287 
PHE CB  CG   sing N N 288 
PHE CB  HB2  sing N N 289 
PHE CB  HB3  sing N N 290 
PHE CG  CD1  doub Y N 291 
PHE CG  CD2  sing Y N 292 
PHE CD1 CE1  sing Y N 293 
PHE CD1 HD1  sing N N 294 
PHE CD2 CE2  doub Y N 295 
PHE CD2 HD2  sing N N 296 
PHE CE1 CZ   doub Y N 297 
PHE CE1 HE1  sing N N 298 
PHE CE2 CZ   sing Y N 299 
PHE CE2 HE2  sing N N 300 
PHE CZ  HZ   sing N N 301 
PHE OXT HXT  sing N N 302 
PRO N   CA   sing N N 303 
PRO N   CD   sing N N 304 
PRO N   H    sing N N 305 
PRO CA  C    sing N N 306 
PRO CA  CB   sing N N 307 
PRO CA  HA   sing N N 308 
PRO C   O    doub N N 309 
PRO C   OXT  sing N N 310 
PRO CB  CG   sing N N 311 
PRO CB  HB2  sing N N 312 
PRO CB  HB3  sing N N 313 
PRO CG  CD   sing N N 314 
PRO CG  HG2  sing N N 315 
PRO CG  HG3  sing N N 316 
PRO CD  HD2  sing N N 317 
PRO CD  HD3  sing N N 318 
PRO OXT HXT  sing N N 319 
SER N   CA   sing N N 320 
SER N   H    sing N N 321 
SER N   H2   sing N N 322 
SER CA  C    sing N N 323 
SER CA  CB   sing N N 324 
SER CA  HA   sing N N 325 
SER C   O    doub N N 326 
SER C   OXT  sing N N 327 
SER CB  OG   sing N N 328 
SER CB  HB2  sing N N 329 
SER CB  HB3  sing N N 330 
SER OG  HG   sing N N 331 
SER OXT HXT  sing N N 332 
THR N   CA   sing N N 333 
THR N   H    sing N N 334 
THR N   H2   sing N N 335 
THR CA  C    sing N N 336 
THR CA  CB   sing N N 337 
THR CA  HA   sing N N 338 
THR C   O    doub N N 339 
THR C   OXT  sing N N 340 
THR CB  OG1  sing N N 341 
THR CB  CG2  sing N N 342 
THR CB  HB   sing N N 343 
THR OG1 HG1  sing N N 344 
THR CG2 HG21 sing N N 345 
THR CG2 HG22 sing N N 346 
THR CG2 HG23 sing N N 347 
THR OXT HXT  sing N N 348 
TRP N   CA   sing N N 349 
TRP N   H    sing N N 350 
TRP N   H2   sing N N 351 
TRP CA  C    sing N N 352 
TRP CA  CB   sing N N 353 
TRP CA  HA   sing N N 354 
TRP C   O    doub N N 355 
TRP C   OXT  sing N N 356 
TRP CB  CG   sing N N 357 
TRP CB  HB2  sing N N 358 
TRP CB  HB3  sing N N 359 
TRP CG  CD1  doub Y N 360 
TRP CG  CD2  sing Y N 361 
TRP CD1 NE1  sing Y N 362 
TRP CD1 HD1  sing N N 363 
TRP CD2 CE2  doub Y N 364 
TRP CD2 CE3  sing Y N 365 
TRP NE1 CE2  sing Y N 366 
TRP NE1 HE1  sing N N 367 
TRP CE2 CZ2  sing Y N 368 
TRP CE3 CZ3  doub Y N 369 
TRP CE3 HE3  sing N N 370 
TRP CZ2 CH2  doub Y N 371 
TRP CZ2 HZ2  sing N N 372 
TRP CZ3 CH2  sing Y N 373 
TRP CZ3 HZ3  sing N N 374 
TRP CH2 HH2  sing N N 375 
TRP OXT HXT  sing N N 376 
TYR N   CA   sing N N 377 
TYR N   H    sing N N 378 
TYR N   H2   sing N N 379 
TYR CA  C    sing N N 380 
TYR CA  CB   sing N N 381 
TYR CA  HA   sing N N 382 
TYR C   O    doub N N 383 
TYR C   OXT  sing N N 384 
TYR CB  CG   sing N N 385 
TYR CB  HB2  sing N N 386 
TYR CB  HB3  sing N N 387 
TYR CG  CD1  doub Y N 388 
TYR CG  CD2  sing Y N 389 
TYR CD1 CE1  sing Y N 390 
TYR CD1 HD1  sing N N 391 
TYR CD2 CE2  doub Y N 392 
TYR CD2 HD2  sing N N 393 
TYR CE1 CZ   doub Y N 394 
TYR CE1 HE1  sing N N 395 
TYR CE2 CZ   sing Y N 396 
TYR CE2 HE2  sing N N 397 
TYR CZ  OH   sing N N 398 
TYR OH  HH   sing N N 399 
TYR OXT HXT  sing N N 400 
VAL N   CA   sing N N 401 
VAL N   H    sing N N 402 
VAL N   H2   sing N N 403 
VAL CA  C    sing N N 404 
VAL CA  CB   sing N N 405 
VAL CA  HA   sing N N 406 
VAL C   O    doub N N 407 
VAL C   OXT  sing N N 408 
VAL CB  CG1  sing N N 409 
VAL CB  CG2  sing N N 410 
VAL CB  HB   sing N N 411 
VAL CG1 HG11 sing N N 412 
VAL CG1 HG12 sing N N 413 
VAL CG1 HG13 sing N N 414 
VAL CG2 HG21 sing N N 415 
VAL CG2 HG22 sing N N 416 
VAL CG2 HG23 sing N N 417 
VAL OXT HXT  sing N N 418 
# 
loop_
_pdbx_entity_nonpoly.entity_id 
_pdbx_entity_nonpoly.name 
_pdbx_entity_nonpoly.comp_id 
2 '(1R,2S,3R,4S)-3-[(dimethylamino)methyl]-1-phenylbicyclo[2.2.1]heptan-2-ol' 92Y 
3 water                                                                       HOH 
# 
_pdbx_initial_refinement_model.id               1 
_pdbx_initial_refinement_model.entity_id_list   ? 
_pdbx_initial_refinement_model.type             'experimental model' 
_pdbx_initial_refinement_model.source_name      PDB 
_pdbx_initial_refinement_model.accession_code   2GFA 
_pdbx_initial_refinement_model.details          ? 
# 
_pdbx_struct_assembly_auth_evidence.id                     1 
_pdbx_struct_assembly_auth_evidence.assembly_id            1 
_pdbx_struct_assembly_auth_evidence.experimental_support   none 
_pdbx_struct_assembly_auth_evidence.details                ? 
# 
